data_3EJF
# 
_entry.id   3EJF 
# 
_audit_conform.dict_name       mmcif_pdbx.dic 
_audit_conform.dict_version    5.387 
_audit_conform.dict_location   http://mmcif.pdb.org/dictionaries/ascii/mmcif_pdbx.dic 
# 
loop_
_database_2.database_id 
_database_2.database_code 
_database_2.pdbx_database_accession 
_database_2.pdbx_DOI 
PDB   3EJF         pdb_00003ejf 10.2210/pdb3ejf/pdb 
RCSB  RCSB049397   ?            ?                   
WWPDB D_1000049397 ?            ?                   
# 
loop_
_pdbx_audit_revision_history.ordinal 
_pdbx_audit_revision_history.data_content_type 
_pdbx_audit_revision_history.major_revision 
_pdbx_audit_revision_history.minor_revision 
_pdbx_audit_revision_history.revision_date 
1 'Structure model' 1 0 2008-09-30 
2 'Structure model' 1 1 2011-07-13 
3 'Structure model' 1 2 2017-10-25 
4 'Structure model' 1 3 2024-02-21 
# 
_pdbx_audit_revision_details.ordinal             1 
_pdbx_audit_revision_details.revision_ordinal    1 
_pdbx_audit_revision_details.data_content_type   'Structure model' 
_pdbx_audit_revision_details.provider            repository 
_pdbx_audit_revision_details.type                'Initial release' 
_pdbx_audit_revision_details.description         ? 
_pdbx_audit_revision_details.details             ? 
# 
loop_
_pdbx_audit_revision_group.ordinal 
_pdbx_audit_revision_group.revision_ordinal 
_pdbx_audit_revision_group.data_content_type 
_pdbx_audit_revision_group.group 
1 2 'Structure model' 'Version format compliance' 
2 3 'Structure model' 'Refinement description'    
3 4 'Structure model' 'Data collection'           
4 4 'Structure model' 'Database references'       
# 
loop_
_pdbx_audit_revision_category.ordinal 
_pdbx_audit_revision_category.revision_ordinal 
_pdbx_audit_revision_category.data_content_type 
_pdbx_audit_revision_category.category 
1 3 'Structure model' software           
2 4 'Structure model' chem_comp_atom     
3 4 'Structure model' chem_comp_bond     
4 4 'Structure model' database_2         
5 4 'Structure model' diffrn_source      
6 4 'Structure model' struct_ref_seq_dif 
# 
loop_
_pdbx_audit_revision_item.ordinal 
_pdbx_audit_revision_item.revision_ordinal 
_pdbx_audit_revision_item.data_content_type 
_pdbx_audit_revision_item.item 
1 4 'Structure model' '_database_2.pdbx_DOI'                 
2 4 'Structure model' '_database_2.pdbx_database_accession'  
3 4 'Structure model' '_diffrn_source.pdbx_synchrotron_site' 
4 4 'Structure model' '_struct_ref_seq_dif.details'          
# 
_pdbx_database_status.entry_id                        3EJF 
_pdbx_database_status.deposit_site                    RCSB 
_pdbx_database_status.process_site                    RCSB 
_pdbx_database_status.recvd_initial_deposition_date   2008-09-18 
_pdbx_database_status.status_code                     REL 
_pdbx_database_status.status_code_sf                  REL 
_pdbx_database_status.status_code_mr                  ? 
_pdbx_database_status.SG_entry                        ? 
_pdbx_database_status.pdb_format_compatible           Y 
_pdbx_database_status.status_code_cs                  ? 
_pdbx_database_status.methods_development_category    ? 
_pdbx_database_status.status_code_nmr_data            ? 
# 
loop_
_pdbx_database_related.db_name 
_pdbx_database_related.db_id 
_pdbx_database_related.details 
_pdbx_database_related.content_type 
PDB 3EJG . unspecified 
PDB 3EKE . unspecified 
# 
loop_
_audit_author.name 
_audit_author.pdbx_ordinal 
'Piotrowski, Y.' 1 
'Hansen, G.'     2 
'Hilgenfeld, R.' 3 
# 
_citation.id                        primary 
_citation.title                     
;Crystal structures of the X-domains of a Group-1 and a Group-3 coronavirus reveal that ADP-ribose-binding may not be a conserved property.
;
_citation.journal_abbrev            'Protein Sci.' 
_citation.journal_volume            18 
_citation.page_first                6 
_citation.page_last                 16 
_citation.year                      2009 
_citation.journal_id_ASTM           PRCIEI 
_citation.country                   US 
_citation.journal_id_ISSN           0961-8368 
_citation.journal_id_CSD            0795 
_citation.book_publisher            ? 
_citation.pdbx_database_id_PubMed   19177346 
_citation.pdbx_database_id_DOI      10.1002/pro.15 
# 
loop_
_citation_author.citation_id 
_citation_author.name 
_citation_author.ordinal 
_citation_author.identifier_ORCID 
primary 'Piotrowski, Y.'                1 ? 
primary 'Hansen, G.'                    2 ? 
primary 'Boomaars-van der Zanden, A.L.' 3 ? 
primary 'Snijder, E.J.'                 4 ? 
primary 'Gorbalenya, A.E.'              5 ? 
primary 'Hilgenfeld, R.'                6 ? 
# 
loop_
_entity.id 
_entity.type 
_entity.src_method 
_entity.pdbx_description 
_entity.formula_weight 
_entity.pdbx_number_of_molecules 
_entity.pdbx_ec 
_entity.pdbx_mutation 
_entity.pdbx_fragment 
_entity.details 
1 polymer man 'Non-structural protein 3' 19420.438 1   3.4.22.- ? 'Macro domain, UNP residues 1005-1176' ? 
2 water   nat water                      18.015    212 ?        ? ?                                      ? 
# 
_entity_name_com.entity_id   1 
_entity_name_com.name        'nsp3, PP1AB, ORF1AB Polyprotein' 
# 
_entity_name_sys.entity_id   1 
_entity_name_sys.name        'nsp3, Papain-like proteinase, PL-PRO, p195' 
# 
_entity_poly.entity_id                      1 
_entity_poly.type                           'polypeptide(L)' 
_entity_poly.nstd_linkage                   no 
_entity_poly.nstd_monomer                   no 
_entity_poly.pdbx_seq_one_letter_code       
;GAMAPATCEKPKFLEYKTCVGDLTVVIAKALDEFKEFCIVNAANEHMTHGSGVAKAIADFCGLDFVEYCEDYVKKHGPQQ
RLVTPSFVKGIQCVNNVVGPRHGDNNLHEKLVAAYKNVLVDGVVNYVVPVLSLGIFGVDFKMSIDAMREAFEGCTIRVLL
FSLSQEHIDYFDVTCK
;
_entity_poly.pdbx_seq_one_letter_code_can   
;GAMAPATCEKPKFLEYKTCVGDLTVVIAKALDEFKEFCIVNAANEHMTHGSGVAKAIADFCGLDFVEYCEDYVKKHGPQQ
RLVTPSFVKGIQCVNNVVGPRHGDNNLHEKLVAAYKNVLVDGVVNYVVPVLSLGIFGVDFKMSIDAMREAFEGCTIRVLL
FSLSQEHIDYFDVTCK
;
_entity_poly.pdbx_strand_id                 A 
_entity_poly.pdbx_target_identifier         ? 
# 
_pdbx_entity_nonpoly.entity_id   2 
_pdbx_entity_nonpoly.name        water 
_pdbx_entity_nonpoly.comp_id     HOH 
# 
loop_
_entity_poly_seq.entity_id 
_entity_poly_seq.num 
_entity_poly_seq.mon_id 
_entity_poly_seq.hetero 
1 1   GLY n 
1 2   ALA n 
1 3   MET n 
1 4   ALA n 
1 5   PRO n 
1 6   ALA n 
1 7   THR n 
1 8   CYS n 
1 9   GLU n 
1 10  LYS n 
1 11  PRO n 
1 12  LYS n 
1 13  PHE n 
1 14  LEU n 
1 15  GLU n 
1 16  TYR n 
1 17  LYS n 
1 18  THR n 
1 19  CYS n 
1 20  VAL n 
1 21  GLY n 
1 22  ASP n 
1 23  LEU n 
1 24  THR n 
1 25  VAL n 
1 26  VAL n 
1 27  ILE n 
1 28  ALA n 
1 29  LYS n 
1 30  ALA n 
1 31  LEU n 
1 32  ASP n 
1 33  GLU n 
1 34  PHE n 
1 35  LYS n 
1 36  GLU n 
1 37  PHE n 
1 38  CYS n 
1 39  ILE n 
1 40  VAL n 
1 41  ASN n 
1 42  ALA n 
1 43  ALA n 
1 44  ASN n 
1 45  GLU n 
1 46  HIS n 
1 47  MET n 
1 48  THR n 
1 49  HIS n 
1 50  GLY n 
1 51  SER n 
1 52  GLY n 
1 53  VAL n 
1 54  ALA n 
1 55  LYS n 
1 56  ALA n 
1 57  ILE n 
1 58  ALA n 
1 59  ASP n 
1 60  PHE n 
1 61  CYS n 
1 62  GLY n 
1 63  LEU n 
1 64  ASP n 
1 65  PHE n 
1 66  VAL n 
1 67  GLU n 
1 68  TYR n 
1 69  CYS n 
1 70  GLU n 
1 71  ASP n 
1 72  TYR n 
1 73  VAL n 
1 74  LYS n 
1 75  LYS n 
1 76  HIS n 
1 77  GLY n 
1 78  PRO n 
1 79  GLN n 
1 80  GLN n 
1 81  ARG n 
1 82  LEU n 
1 83  VAL n 
1 84  THR n 
1 85  PRO n 
1 86  SER n 
1 87  PHE n 
1 88  VAL n 
1 89  LYS n 
1 90  GLY n 
1 91  ILE n 
1 92  GLN n 
1 93  CYS n 
1 94  VAL n 
1 95  ASN n 
1 96  ASN n 
1 97  VAL n 
1 98  VAL n 
1 99  GLY n 
1 100 PRO n 
1 101 ARG n 
1 102 HIS n 
1 103 GLY n 
1 104 ASP n 
1 105 ASN n 
1 106 ASN n 
1 107 LEU n 
1 108 HIS n 
1 109 GLU n 
1 110 LYS n 
1 111 LEU n 
1 112 VAL n 
1 113 ALA n 
1 114 ALA n 
1 115 TYR n 
1 116 LYS n 
1 117 ASN n 
1 118 VAL n 
1 119 LEU n 
1 120 VAL n 
1 121 ASP n 
1 122 GLY n 
1 123 VAL n 
1 124 VAL n 
1 125 ASN n 
1 126 TYR n 
1 127 VAL n 
1 128 VAL n 
1 129 PRO n 
1 130 VAL n 
1 131 LEU n 
1 132 SER n 
1 133 LEU n 
1 134 GLY n 
1 135 ILE n 
1 136 PHE n 
1 137 GLY n 
1 138 VAL n 
1 139 ASP n 
1 140 PHE n 
1 141 LYS n 
1 142 MET n 
1 143 SER n 
1 144 ILE n 
1 145 ASP n 
1 146 ALA n 
1 147 MET n 
1 148 ARG n 
1 149 GLU n 
1 150 ALA n 
1 151 PHE n 
1 152 GLU n 
1 153 GLY n 
1 154 CYS n 
1 155 THR n 
1 156 ILE n 
1 157 ARG n 
1 158 VAL n 
1 159 LEU n 
1 160 LEU n 
1 161 PHE n 
1 162 SER n 
1 163 LEU n 
1 164 SER n 
1 165 GLN n 
1 166 GLU n 
1 167 HIS n 
1 168 ILE n 
1 169 ASP n 
1 170 TYR n 
1 171 PHE n 
1 172 ASP n 
1 173 VAL n 
1 174 THR n 
1 175 CYS n 
1 176 LYS n 
# 
_entity_src_gen.entity_id                          1 
_entity_src_gen.pdbx_src_id                        1 
_entity_src_gen.pdbx_alt_source_flag               sample 
_entity_src_gen.pdbx_seq_type                      ? 
_entity_src_gen.pdbx_beg_seq_num                   ? 
_entity_src_gen.pdbx_end_seq_num                   ? 
_entity_src_gen.gene_src_common_name               IBV 
_entity_src_gen.gene_src_genus                     ? 
_entity_src_gen.pdbx_gene_src_gene                 1a 
_entity_src_gen.gene_src_species                   ? 
_entity_src_gen.gene_src_strain                    ? 
_entity_src_gen.gene_src_tissue                    ? 
_entity_src_gen.gene_src_tissue_fraction           ? 
_entity_src_gen.gene_src_details                   ? 
_entity_src_gen.pdbx_gene_src_fragment             ? 
_entity_src_gen.pdbx_gene_src_scientific_name      'Avian infectious bronchitis virus (strain Beaudette)' 
_entity_src_gen.pdbx_gene_src_ncbi_taxonomy_id     11120 
_entity_src_gen.pdbx_gene_src_variant              ? 
_entity_src_gen.pdbx_gene_src_cell_line            ? 
_entity_src_gen.pdbx_gene_src_atcc                 ? 
_entity_src_gen.pdbx_gene_src_organ                ? 
_entity_src_gen.pdbx_gene_src_organelle            ? 
_entity_src_gen.pdbx_gene_src_cell                 ? 
_entity_src_gen.pdbx_gene_src_cellular_location    ? 
_entity_src_gen.host_org_common_name               ? 
_entity_src_gen.pdbx_host_org_scientific_name      'Escherichia coli' 
_entity_src_gen.pdbx_host_org_ncbi_taxonomy_id     562 
_entity_src_gen.host_org_genus                     ? 
_entity_src_gen.pdbx_host_org_gene                 ? 
_entity_src_gen.pdbx_host_org_organ                ? 
_entity_src_gen.host_org_species                   ? 
_entity_src_gen.pdbx_host_org_tissue               ? 
_entity_src_gen.pdbx_host_org_tissue_fraction      ? 
_entity_src_gen.pdbx_host_org_strain               'BL21 (DE3)' 
_entity_src_gen.pdbx_host_org_variant              ? 
_entity_src_gen.pdbx_host_org_cell_line            ? 
_entity_src_gen.pdbx_host_org_atcc                 ? 
_entity_src_gen.pdbx_host_org_culture_collection   ? 
_entity_src_gen.pdbx_host_org_cell                 ? 
_entity_src_gen.pdbx_host_org_organelle            ? 
_entity_src_gen.pdbx_host_org_cellular_location    ? 
_entity_src_gen.pdbx_host_org_vector_type          plasmid 
_entity_src_gen.pdbx_host_org_vector               ? 
_entity_src_gen.host_org_details                   ? 
_entity_src_gen.expression_system_id               ? 
_entity_src_gen.plasmid_name                       pETM11 
_entity_src_gen.plasmid_details                    ? 
_entity_src_gen.pdbx_description                   ? 
# 
loop_
_chem_comp.id 
_chem_comp.type 
_chem_comp.mon_nstd_flag 
_chem_comp.name 
_chem_comp.pdbx_synonyms 
_chem_comp.formula 
_chem_comp.formula_weight 
ALA 'L-peptide linking' y ALANINE         ? 'C3 H7 N O2'     89.093  
ARG 'L-peptide linking' y ARGININE        ? 'C6 H15 N4 O2 1' 175.209 
ASN 'L-peptide linking' y ASPARAGINE      ? 'C4 H8 N2 O3'    132.118 
ASP 'L-peptide linking' y 'ASPARTIC ACID' ? 'C4 H7 N O4'     133.103 
CYS 'L-peptide linking' y CYSTEINE        ? 'C3 H7 N O2 S'   121.158 
GLN 'L-peptide linking' y GLUTAMINE       ? 'C5 H10 N2 O3'   146.144 
GLU 'L-peptide linking' y 'GLUTAMIC ACID' ? 'C5 H9 N O4'     147.129 
GLY 'peptide linking'   y GLYCINE         ? 'C2 H5 N O2'     75.067  
HIS 'L-peptide linking' y HISTIDINE       ? 'C6 H10 N3 O2 1' 156.162 
HOH non-polymer         . WATER           ? 'H2 O'           18.015  
ILE 'L-peptide linking' y ISOLEUCINE      ? 'C6 H13 N O2'    131.173 
LEU 'L-peptide linking' y LEUCINE         ? 'C6 H13 N O2'    131.173 
LYS 'L-peptide linking' y LYSINE          ? 'C6 H15 N2 O2 1' 147.195 
MET 'L-peptide linking' y METHIONINE      ? 'C5 H11 N O2 S'  149.211 
PHE 'L-peptide linking' y PHENYLALANINE   ? 'C9 H11 N O2'    165.189 
PRO 'L-peptide linking' y PROLINE         ? 'C5 H9 N O2'     115.130 
SER 'L-peptide linking' y SERINE          ? 'C3 H7 N O3'     105.093 
THR 'L-peptide linking' y THREONINE       ? 'C4 H9 N O3'     119.119 
TYR 'L-peptide linking' y TYROSINE        ? 'C9 H11 N O3'    181.189 
VAL 'L-peptide linking' y VALINE          ? 'C5 H11 N O2'    117.146 
# 
loop_
_pdbx_poly_seq_scheme.asym_id 
_pdbx_poly_seq_scheme.entity_id 
_pdbx_poly_seq_scheme.seq_id 
_pdbx_poly_seq_scheme.mon_id 
_pdbx_poly_seq_scheme.ndb_seq_num 
_pdbx_poly_seq_scheme.pdb_seq_num 
_pdbx_poly_seq_scheme.auth_seq_num 
_pdbx_poly_seq_scheme.pdb_mon_id 
_pdbx_poly_seq_scheme.auth_mon_id 
_pdbx_poly_seq_scheme.pdb_strand_id 
_pdbx_poly_seq_scheme.pdb_ins_code 
_pdbx_poly_seq_scheme.hetero 
A 1 1   GLY 1   -3  ?   ?   ?   A . n 
A 1 2   ALA 2   -2  ?   ?   ?   A . n 
A 1 3   MET 3   -1  ?   ?   ?   A . n 
A 1 4   ALA 4   0   ?   ?   ?   A . n 
A 1 5   PRO 5   1   ?   ?   ?   A . n 
A 1 6   ALA 6   2   ?   ?   ?   A . n 
A 1 7   THR 7   3   ?   ?   ?   A . n 
A 1 8   CYS 8   4   ?   ?   ?   A . n 
A 1 9   GLU 9   5   ?   ?   ?   A . n 
A 1 10  LYS 10  6   6   LYS LYS A . n 
A 1 11  PRO 11  7   7   PRO PRO A . n 
A 1 12  LYS 12  8   8   LYS LYS A . n 
A 1 13  PHE 13  9   9   PHE PHE A . n 
A 1 14  LEU 14  10  10  LEU LEU A . n 
A 1 15  GLU 15  11  11  GLU GLU A . n 
A 1 16  TYR 16  12  12  TYR TYR A . n 
A 1 17  LYS 17  13  13  LYS LYS A . n 
A 1 18  THR 18  14  14  THR THR A . n 
A 1 19  CYS 19  15  15  CYS CYS A . n 
A 1 20  VAL 20  16  16  VAL VAL A . n 
A 1 21  GLY 21  17  17  GLY GLY A . n 
A 1 22  ASP 22  18  18  ASP ASP A . n 
A 1 23  LEU 23  19  19  LEU LEU A . n 
A 1 24  THR 24  20  20  THR THR A . n 
A 1 25  VAL 25  21  21  VAL VAL A . n 
A 1 26  VAL 26  22  22  VAL VAL A . n 
A 1 27  ILE 27  23  23  ILE ILE A . n 
A 1 28  ALA 28  24  24  ALA ALA A . n 
A 1 29  LYS 29  25  25  LYS LYS A . n 
A 1 30  ALA 30  26  26  ALA ALA A . n 
A 1 31  LEU 31  27  27  LEU LEU A . n 
A 1 32  ASP 32  28  28  ASP ASP A . n 
A 1 33  GLU 33  29  29  GLU GLU A . n 
A 1 34  PHE 34  30  30  PHE PHE A . n 
A 1 35  LYS 35  31  31  LYS LYS A . n 
A 1 36  GLU 36  32  32  GLU GLU A . n 
A 1 37  PHE 37  33  33  PHE PHE A . n 
A 1 38  CYS 38  34  34  CYS CYS A . n 
A 1 39  ILE 39  35  35  ILE ILE A . n 
A 1 40  VAL 40  36  36  VAL VAL A . n 
A 1 41  ASN 41  37  37  ASN ASN A . n 
A 1 42  ALA 42  38  38  ALA ALA A . n 
A 1 43  ALA 43  39  39  ALA ALA A . n 
A 1 44  ASN 44  40  40  ASN ASN A . n 
A 1 45  GLU 45  41  41  GLU GLU A . n 
A 1 46  HIS 46  42  42  HIS HIS A . n 
A 1 47  MET 47  43  43  MET MET A . n 
A 1 48  THR 48  44  44  THR THR A . n 
A 1 49  HIS 49  45  45  HIS HIS A . n 
A 1 50  GLY 50  46  46  GLY GLY A . n 
A 1 51  SER 51  47  47  SER SER A . n 
A 1 52  GLY 52  48  48  GLY GLY A . n 
A 1 53  VAL 53  49  49  VAL VAL A . n 
A 1 54  ALA 54  50  50  ALA ALA A . n 
A 1 55  LYS 55  51  51  LYS LYS A . n 
A 1 56  ALA 56  52  52  ALA ALA A . n 
A 1 57  ILE 57  53  53  ILE ILE A . n 
A 1 58  ALA 58  54  54  ALA ALA A . n 
A 1 59  ASP 59  55  55  ASP ASP A . n 
A 1 60  PHE 60  56  56  PHE PHE A . n 
A 1 61  CYS 61  57  57  CYS CYS A . n 
A 1 62  GLY 62  58  58  GLY GLY A . n 
A 1 63  LEU 63  59  59  LEU LEU A . n 
A 1 64  ASP 64  60  60  ASP ASP A . n 
A 1 65  PHE 65  61  61  PHE PHE A . n 
A 1 66  VAL 66  62  62  VAL VAL A . n 
A 1 67  GLU 67  63  63  GLU GLU A . n 
A 1 68  TYR 68  64  64  TYR TYR A . n 
A 1 69  CYS 69  65  65  CYS CYS A . n 
A 1 70  GLU 70  66  66  GLU GLU A . n 
A 1 71  ASP 71  67  67  ASP ASP A . n 
A 1 72  TYR 72  68  68  TYR TYR A . n 
A 1 73  VAL 73  69  69  VAL VAL A . n 
A 1 74  LYS 74  70  70  LYS LYS A . n 
A 1 75  LYS 75  71  71  LYS LYS A . n 
A 1 76  HIS 76  72  72  HIS HIS A . n 
A 1 77  GLY 77  73  73  GLY GLY A . n 
A 1 78  PRO 78  74  74  PRO PRO A . n 
A 1 79  GLN 79  75  75  GLN GLN A . n 
A 1 80  GLN 80  76  76  GLN GLN A . n 
A 1 81  ARG 81  77  77  ARG ARG A . n 
A 1 82  LEU 82  78  78  LEU LEU A . n 
A 1 83  VAL 83  79  79  VAL VAL A . n 
A 1 84  THR 84  80  80  THR THR A . n 
A 1 85  PRO 85  81  81  PRO PRO A . n 
A 1 86  SER 86  82  82  SER SER A . n 
A 1 87  PHE 87  83  83  PHE PHE A . n 
A 1 88  VAL 88  84  84  VAL VAL A . n 
A 1 89  LYS 89  85  85  LYS LYS A . n 
A 1 90  GLY 90  86  86  GLY GLY A . n 
A 1 91  ILE 91  87  87  ILE ILE A . n 
A 1 92  GLN 92  88  88  GLN GLN A . n 
A 1 93  CYS 93  89  89  CYS CYS A . n 
A 1 94  VAL 94  90  90  VAL VAL A . n 
A 1 95  ASN 95  91  91  ASN ASN A . n 
A 1 96  ASN 96  92  92  ASN ASN A . n 
A 1 97  VAL 97  93  93  VAL VAL A . n 
A 1 98  VAL 98  94  94  VAL VAL A . n 
A 1 99  GLY 99  95  95  GLY GLY A . n 
A 1 100 PRO 100 96  96  PRO PRO A . n 
A 1 101 ARG 101 97  97  ARG ARG A . n 
A 1 102 HIS 102 98  98  HIS HIS A . n 
A 1 103 GLY 103 99  99  GLY GLY A . n 
A 1 104 ASP 104 100 100 ASP ASP A . n 
A 1 105 ASN 105 101 101 ASN ASN A . n 
A 1 106 ASN 106 102 102 ASN ASN A . n 
A 1 107 LEU 107 103 103 LEU LEU A . n 
A 1 108 HIS 108 104 104 HIS HIS A . n 
A 1 109 GLU 109 105 105 GLU GLU A . n 
A 1 110 LYS 110 106 106 LYS LYS A . n 
A 1 111 LEU 111 107 107 LEU LEU A . n 
A 1 112 VAL 112 108 108 VAL VAL A . n 
A 1 113 ALA 113 109 109 ALA ALA A . n 
A 1 114 ALA 114 110 110 ALA ALA A . n 
A 1 115 TYR 115 111 111 TYR TYR A . n 
A 1 116 LYS 116 112 112 LYS LYS A . n 
A 1 117 ASN 117 113 113 ASN ASN A . n 
A 1 118 VAL 118 114 114 VAL VAL A . n 
A 1 119 LEU 119 115 115 LEU LEU A . n 
A 1 120 VAL 120 116 116 VAL VAL A . n 
A 1 121 ASP 121 117 117 ASP ASP A . n 
A 1 122 GLY 122 118 118 GLY GLY A . n 
A 1 123 VAL 123 119 119 VAL VAL A . n 
A 1 124 VAL 124 120 120 VAL VAL A . n 
A 1 125 ASN 125 121 121 ASN ASN A . n 
A 1 126 TYR 126 122 122 TYR TYR A . n 
A 1 127 VAL 127 123 123 VAL VAL A . n 
A 1 128 VAL 128 124 124 VAL VAL A . n 
A 1 129 PRO 129 125 125 PRO PRO A . n 
A 1 130 VAL 130 126 126 VAL VAL A . n 
A 1 131 LEU 131 127 127 LEU LEU A . n 
A 1 132 SER 132 128 128 SER SER A . n 
A 1 133 LEU 133 129 129 LEU LEU A . n 
A 1 134 GLY 134 130 130 GLY GLY A . n 
A 1 135 ILE 135 131 131 ILE ILE A . n 
A 1 136 PHE 136 132 132 PHE PHE A . n 
A 1 137 GLY 137 133 133 GLY GLY A . n 
A 1 138 VAL 138 134 134 VAL VAL A . n 
A 1 139 ASP 139 135 135 ASP ASP A . n 
A 1 140 PHE 140 136 136 PHE PHE A . n 
A 1 141 LYS 141 137 137 LYS LYS A . n 
A 1 142 MET 142 138 138 MET MET A . n 
A 1 143 SER 143 139 139 SER SER A . n 
A 1 144 ILE 144 140 140 ILE ILE A . n 
A 1 145 ASP 145 141 141 ASP ASP A . n 
A 1 146 ALA 146 142 142 ALA ALA A . n 
A 1 147 MET 147 143 143 MET MET A . n 
A 1 148 ARG 148 144 144 ARG ARG A . n 
A 1 149 GLU 149 145 145 GLU GLU A . n 
A 1 150 ALA 150 146 146 ALA ALA A . n 
A 1 151 PHE 151 147 147 PHE PHE A . n 
A 1 152 GLU 152 148 148 GLU GLU A . n 
A 1 153 GLY 153 149 149 GLY GLY A . n 
A 1 154 CYS 154 150 150 CYS CYS A . n 
A 1 155 THR 155 151 151 THR THR A . n 
A 1 156 ILE 156 152 152 ILE ILE A . n 
A 1 157 ARG 157 153 153 ARG ARG A . n 
A 1 158 VAL 158 154 154 VAL VAL A . n 
A 1 159 LEU 159 155 155 LEU LEU A . n 
A 1 160 LEU 160 156 156 LEU LEU A . n 
A 1 161 PHE 161 157 157 PHE PHE A . n 
A 1 162 SER 162 158 158 SER SER A . n 
A 1 163 LEU 163 159 159 LEU LEU A . n 
A 1 164 SER 164 160 160 SER SER A . n 
A 1 165 GLN 165 161 161 GLN GLN A . n 
A 1 166 GLU 166 162 162 GLU GLU A . n 
A 1 167 HIS 167 163 163 HIS HIS A . n 
A 1 168 ILE 168 164 164 ILE ILE A . n 
A 1 169 ASP 169 165 165 ASP ASP A . n 
A 1 170 TYR 170 166 166 TYR TYR A . n 
A 1 171 PHE 171 167 167 PHE PHE A . n 
A 1 172 ASP 172 168 168 ASP ASP A . n 
A 1 173 VAL 173 169 169 VAL VAL A . n 
A 1 174 THR 174 170 170 THR THR A . n 
A 1 175 CYS 175 171 171 CYS CYS A . n 
A 1 176 LYS 176 172 ?   ?   ?   A . n 
# 
loop_
_pdbx_nonpoly_scheme.asym_id 
_pdbx_nonpoly_scheme.entity_id 
_pdbx_nonpoly_scheme.mon_id 
_pdbx_nonpoly_scheme.ndb_seq_num 
_pdbx_nonpoly_scheme.pdb_seq_num 
_pdbx_nonpoly_scheme.auth_seq_num 
_pdbx_nonpoly_scheme.pdb_mon_id 
_pdbx_nonpoly_scheme.auth_mon_id 
_pdbx_nonpoly_scheme.pdb_strand_id 
_pdbx_nonpoly_scheme.pdb_ins_code 
B 2 HOH 1   173 173 HOH HOH A . 
B 2 HOH 2   174 174 HOH HOH A . 
B 2 HOH 3   175 175 HOH HOH A . 
B 2 HOH 4   176 176 HOH HOH A . 
B 2 HOH 5   177 177 HOH HOH A . 
B 2 HOH 6   178 178 HOH HOH A . 
B 2 HOH 7   179 179 HOH HOH A . 
B 2 HOH 8   180 180 HOH HOH A . 
B 2 HOH 9   181 181 HOH HOH A . 
B 2 HOH 10  182 182 HOH HOH A . 
B 2 HOH 11  183 183 HOH HOH A . 
B 2 HOH 12  184 184 HOH HOH A . 
B 2 HOH 13  185 185 HOH HOH A . 
B 2 HOH 14  186 186 HOH HOH A . 
B 2 HOH 15  187 187 HOH HOH A . 
B 2 HOH 16  188 188 HOH HOH A . 
B 2 HOH 17  189 189 HOH HOH A . 
B 2 HOH 18  190 190 HOH HOH A . 
B 2 HOH 19  191 191 HOH HOH A . 
B 2 HOH 20  192 192 HOH HOH A . 
B 2 HOH 21  193 193 HOH HOH A . 
B 2 HOH 22  194 194 HOH HOH A . 
B 2 HOH 23  195 195 HOH HOH A . 
B 2 HOH 24  196 196 HOH HOH A . 
B 2 HOH 25  197 197 HOH HOH A . 
B 2 HOH 26  198 198 HOH HOH A . 
B 2 HOH 27  199 199 HOH HOH A . 
B 2 HOH 28  200 200 HOH HOH A . 
B 2 HOH 29  201 201 HOH HOH A . 
B 2 HOH 30  202 202 HOH HOH A . 
B 2 HOH 31  203 203 HOH HOH A . 
B 2 HOH 32  204 204 HOH HOH A . 
B 2 HOH 33  205 205 HOH HOH A . 
B 2 HOH 34  206 206 HOH HOH A . 
B 2 HOH 35  207 207 HOH HOH A . 
B 2 HOH 36  208 208 HOH HOH A . 
B 2 HOH 37  209 209 HOH HOH A . 
B 2 HOH 38  210 210 HOH HOH A . 
B 2 HOH 39  211 211 HOH HOH A . 
B 2 HOH 40  212 212 HOH HOH A . 
B 2 HOH 41  213 213 HOH HOH A . 
B 2 HOH 42  214 214 HOH HOH A . 
B 2 HOH 43  215 215 HOH HOH A . 
B 2 HOH 44  216 216 HOH HOH A . 
B 2 HOH 45  217 217 HOH HOH A . 
B 2 HOH 46  218 218 HOH HOH A . 
B 2 HOH 47  219 219 HOH HOH A . 
B 2 HOH 48  220 220 HOH HOH A . 
B 2 HOH 49  221 221 HOH HOH A . 
B 2 HOH 50  222 222 HOH HOH A . 
B 2 HOH 51  223 223 HOH HOH A . 
B 2 HOH 52  224 224 HOH HOH A . 
B 2 HOH 53  225 225 HOH HOH A . 
B 2 HOH 54  226 226 HOH HOH A . 
B 2 HOH 55  227 227 HOH HOH A . 
B 2 HOH 56  228 228 HOH HOH A . 
B 2 HOH 57  229 229 HOH HOH A . 
B 2 HOH 58  230 230 HOH HOH A . 
B 2 HOH 59  231 231 HOH HOH A . 
B 2 HOH 60  232 232 HOH HOH A . 
B 2 HOH 61  233 233 HOH HOH A . 
B 2 HOH 62  234 234 HOH HOH A . 
B 2 HOH 63  235 235 HOH HOH A . 
B 2 HOH 64  236 236 HOH HOH A . 
B 2 HOH 65  237 237 HOH HOH A . 
B 2 HOH 66  238 238 HOH HOH A . 
B 2 HOH 67  239 239 HOH HOH A . 
B 2 HOH 68  240 240 HOH HOH A . 
B 2 HOH 69  241 241 HOH HOH A . 
B 2 HOH 70  242 242 HOH HOH A . 
B 2 HOH 71  243 243 HOH HOH A . 
B 2 HOH 72  244 244 HOH HOH A . 
B 2 HOH 73  245 245 HOH HOH A . 
B 2 HOH 74  246 246 HOH HOH A . 
B 2 HOH 75  247 247 HOH HOH A . 
B 2 HOH 76  248 248 HOH HOH A . 
B 2 HOH 77  249 249 HOH HOH A . 
B 2 HOH 78  250 250 HOH HOH A . 
B 2 HOH 79  251 251 HOH HOH A . 
B 2 HOH 80  252 252 HOH HOH A . 
B 2 HOH 81  253 253 HOH HOH A . 
B 2 HOH 82  254 254 HOH HOH A . 
B 2 HOH 83  255 255 HOH HOH A . 
B 2 HOH 84  256 256 HOH HOH A . 
B 2 HOH 85  257 257 HOH HOH A . 
B 2 HOH 86  258 258 HOH HOH A . 
B 2 HOH 87  259 259 HOH HOH A . 
B 2 HOH 88  260 260 HOH HOH A . 
B 2 HOH 89  261 261 HOH HOH A . 
B 2 HOH 90  262 262 HOH HOH A . 
B 2 HOH 91  263 263 HOH HOH A . 
B 2 HOH 92  264 264 HOH HOH A . 
B 2 HOH 93  265 265 HOH HOH A . 
B 2 HOH 94  266 266 HOH HOH A . 
B 2 HOH 95  267 267 HOH HOH A . 
B 2 HOH 96  268 268 HOH HOH A . 
B 2 HOH 97  269 269 HOH HOH A . 
B 2 HOH 98  270 270 HOH HOH A . 
B 2 HOH 99  271 271 HOH HOH A . 
B 2 HOH 100 272 272 HOH HOH A . 
B 2 HOH 101 273 273 HOH HOH A . 
B 2 HOH 102 274 274 HOH HOH A . 
B 2 HOH 103 275 275 HOH HOH A . 
B 2 HOH 104 276 276 HOH HOH A . 
B 2 HOH 105 277 277 HOH HOH A . 
B 2 HOH 106 278 278 HOH HOH A . 
B 2 HOH 107 279 279 HOH HOH A . 
B 2 HOH 108 280 280 HOH HOH A . 
B 2 HOH 109 281 281 HOH HOH A . 
B 2 HOH 110 282 282 HOH HOH A . 
B 2 HOH 111 283 283 HOH HOH A . 
B 2 HOH 112 284 284 HOH HOH A . 
B 2 HOH 113 285 285 HOH HOH A . 
B 2 HOH 114 286 286 HOH HOH A . 
B 2 HOH 115 287 287 HOH HOH A . 
B 2 HOH 116 288 288 HOH HOH A . 
B 2 HOH 117 289 289 HOH HOH A . 
B 2 HOH 118 290 290 HOH HOH A . 
B 2 HOH 119 291 291 HOH HOH A . 
B 2 HOH 120 292 292 HOH HOH A . 
B 2 HOH 121 293 293 HOH HOH A . 
B 2 HOH 122 294 294 HOH HOH A . 
B 2 HOH 123 295 295 HOH HOH A . 
B 2 HOH 124 296 296 HOH HOH A . 
B 2 HOH 125 297 297 HOH HOH A . 
B 2 HOH 126 298 298 HOH HOH A . 
B 2 HOH 127 299 299 HOH HOH A . 
B 2 HOH 128 300 300 HOH HOH A . 
B 2 HOH 129 301 301 HOH HOH A . 
B 2 HOH 130 302 302 HOH HOH A . 
B 2 HOH 131 303 303 HOH HOH A . 
B 2 HOH 132 304 304 HOH HOH A . 
B 2 HOH 133 305 305 HOH HOH A . 
B 2 HOH 134 306 306 HOH HOH A . 
B 2 HOH 135 307 307 HOH HOH A . 
B 2 HOH 136 308 308 HOH HOH A . 
B 2 HOH 137 309 309 HOH HOH A . 
B 2 HOH 138 310 310 HOH HOH A . 
B 2 HOH 139 311 311 HOH HOH A . 
B 2 HOH 140 312 312 HOH HOH A . 
B 2 HOH 141 313 313 HOH HOH A . 
B 2 HOH 142 314 314 HOH HOH A . 
B 2 HOH 143 315 315 HOH HOH A . 
B 2 HOH 144 316 316 HOH HOH A . 
B 2 HOH 145 317 317 HOH HOH A . 
B 2 HOH 146 318 318 HOH HOH A . 
B 2 HOH 147 319 319 HOH HOH A . 
B 2 HOH 148 320 320 HOH HOH A . 
B 2 HOH 149 321 321 HOH HOH A . 
B 2 HOH 150 322 322 HOH HOH A . 
B 2 HOH 151 323 323 HOH HOH A . 
B 2 HOH 152 324 324 HOH HOH A . 
B 2 HOH 153 325 325 HOH HOH A . 
B 2 HOH 154 326 326 HOH HOH A . 
B 2 HOH 155 327 327 HOH HOH A . 
B 2 HOH 156 328 328 HOH HOH A . 
B 2 HOH 157 329 329 HOH HOH A . 
B 2 HOH 158 330 330 HOH HOH A . 
B 2 HOH 159 331 331 HOH HOH A . 
B 2 HOH 160 332 332 HOH HOH A . 
B 2 HOH 161 333 333 HOH HOH A . 
B 2 HOH 162 334 334 HOH HOH A . 
B 2 HOH 163 335 335 HOH HOH A . 
B 2 HOH 164 336 336 HOH HOH A . 
B 2 HOH 165 337 337 HOH HOH A . 
B 2 HOH 166 338 338 HOH HOH A . 
B 2 HOH 167 339 339 HOH HOH A . 
B 2 HOH 168 340 340 HOH HOH A . 
B 2 HOH 169 341 341 HOH HOH A . 
B 2 HOH 170 342 342 HOH HOH A . 
B 2 HOH 171 343 343 HOH HOH A . 
B 2 HOH 172 344 344 HOH HOH A . 
B 2 HOH 173 345 345 HOH HOH A . 
B 2 HOH 174 346 346 HOH HOH A . 
B 2 HOH 175 347 347 HOH HOH A . 
B 2 HOH 176 348 348 HOH HOH A . 
B 2 HOH 177 349 349 HOH HOH A . 
B 2 HOH 178 350 350 HOH HOH A . 
B 2 HOH 179 351 351 HOH HOH A . 
B 2 HOH 180 352 352 HOH HOH A . 
B 2 HOH 181 353 353 HOH HOH A . 
B 2 HOH 182 354 354 HOH HOH A . 
B 2 HOH 183 355 355 HOH HOH A . 
B 2 HOH 184 356 356 HOH HOH A . 
B 2 HOH 185 357 357 HOH HOH A . 
B 2 HOH 186 358 358 HOH HOH A . 
B 2 HOH 187 359 359 HOH HOH A . 
B 2 HOH 188 360 360 HOH HOH A . 
B 2 HOH 189 361 361 HOH HOH A . 
B 2 HOH 190 362 362 HOH HOH A . 
B 2 HOH 191 363 363 HOH HOH A . 
B 2 HOH 192 364 364 HOH HOH A . 
B 2 HOH 193 365 365 HOH HOH A . 
B 2 HOH 194 366 366 HOH HOH A . 
B 2 HOH 195 367 367 HOH HOH A . 
B 2 HOH 196 368 368 HOH HOH A . 
B 2 HOH 197 369 369 HOH HOH A . 
B 2 HOH 198 370 370 HOH HOH A . 
B 2 HOH 199 371 371 HOH HOH A . 
B 2 HOH 200 372 372 HOH HOH A . 
B 2 HOH 201 373 373 HOH HOH A . 
B 2 HOH 202 374 374 HOH HOH A . 
B 2 HOH 203 375 375 HOH HOH A . 
B 2 HOH 204 376 376 HOH HOH A . 
B 2 HOH 205 377 377 HOH HOH A . 
B 2 HOH 206 378 378 HOH HOH A . 
B 2 HOH 207 379 379 HOH HOH A . 
B 2 HOH 208 380 380 HOH HOH A . 
B 2 HOH 209 381 381 HOH HOH A . 
B 2 HOH 210 382 382 HOH HOH A . 
B 2 HOH 211 383 383 HOH HOH A . 
B 2 HOH 212 384 384 HOH HOH A . 
# 
loop_
_software.name 
_software.version 
_software.date 
_software.type 
_software.contact_author 
_software.contact_author_email 
_software.classification 
_software.location 
_software.language 
_software.citation_id 
_software.pdbx_ordinal 
DENZO       .        ?               package 'Zbyszek Otwinowski' hkl@hkl-xray.com      'data reduction'  http://www.hkl-xray.com/ 
?          ? 1 
SCALEPACK   .        ?               package 'Zbyszek Otwinowski' hkl@hkl-xray.com      'data scaling'    http://www.hkl-xray.com/ 
?          ? 2 
REFMAC      5.3.0037 ?               program 'Garib N. Murshudov' garib@ysbl.york.ac.uk refinement        
http://www.ccp4.ac.uk/dist/html/refmac5.html Fortran_77 ? 3 
PDB_EXTRACT 3.006    'June 11, 2008' package PDB                  help@deposit.rcsb.org 'data extraction' 
http://sw-tools.pdb.org/apps/PDB_EXTRACT/    C++        ? 4 
PHASER      .        ?               ?       ?                    ?                     phasing           ? ?          ? 5 
# 
_cell.entry_id           3EJF 
_cell.length_a           42.207 
_cell.length_b           79.811 
_cell.length_c           99.741 
_cell.angle_alpha        90.00 
_cell.angle_beta         90.00 
_cell.angle_gamma        90.00 
_cell.Z_PDB              8 
_cell.pdbx_unique_axis   ? 
_cell.length_a_esd       ? 
_cell.length_b_esd       ? 
_cell.length_c_esd       ? 
_cell.angle_alpha_esd    ? 
_cell.angle_beta_esd     ? 
_cell.angle_gamma_esd    ? 
# 
_symmetry.entry_id                         3EJF 
_symmetry.space_group_name_H-M             'C 2 2 21' 
_symmetry.pdbx_full_space_group_name_H-M   ? 
_symmetry.cell_setting                     ? 
_symmetry.Int_Tables_number                20 
_symmetry.space_group_name_Hall            ? 
# 
_exptl.entry_id          3EJF 
_exptl.method            'X-RAY DIFFRACTION' 
_exptl.crystals_number   1 
# 
_exptl_crystal.id                    1 
_exptl_crystal.density_meas          ? 
_exptl_crystal.density_Matthews      2.16 
_exptl_crystal.density_percent_sol   43.12 
_exptl_crystal.description           ? 
_exptl_crystal.F_000                 ? 
_exptl_crystal.preparation           ? 
# 
_exptl_crystal_grow.crystal_id      1 
_exptl_crystal_grow.method          ? 
_exptl_crystal_grow.temp            285.15 
_exptl_crystal_grow.temp_details    ? 
_exptl_crystal_grow.pH              8.5 
_exptl_crystal_grow.pdbx_pH_range   ? 
_exptl_crystal_grow.pdbx_details    '30% PEG 4000, 0.1 M TRIS PH 8.5, 0.2 M MAGENSIUM CHLORIDE, temperature 285.15K' 
# 
_diffrn.id                     1 
_diffrn.ambient_temp           100 
_diffrn.ambient_temp_details   ? 
_diffrn.crystal_id             1 
# 
_diffrn_detector.diffrn_id              1 
_diffrn_detector.detector               CCD 
_diffrn_detector.type                   MARRESEARCH 
_diffrn_detector.pdbx_collection_date   2007-06-08 
_diffrn_detector.details                ? 
# 
_diffrn_radiation.diffrn_id                        1 
_diffrn_radiation.wavelength_id                    1 
_diffrn_radiation.pdbx_monochromatic_or_laue_m_l   M 
_diffrn_radiation.monochromator                    ? 
_diffrn_radiation.pdbx_diffrn_protocol             'SINGLE WAVELENGTH' 
_diffrn_radiation.pdbx_scattering_type             x-ray 
# 
_diffrn_radiation_wavelength.id           1 
_diffrn_radiation_wavelength.wavelength   0.8081 
_diffrn_radiation_wavelength.wt           1.0 
# 
_diffrn_source.diffrn_id                   1 
_diffrn_source.source                      SYNCHROTRON 
_diffrn_source.type                        'EMBL/DESY, HAMBURG BEAMLINE X13' 
_diffrn_source.pdbx_synchrotron_site       'EMBL/DESY, HAMBURG' 
_diffrn_source.pdbx_synchrotron_beamline   X13 
_diffrn_source.pdbx_wavelength             0.8081 
_diffrn_source.pdbx_wavelength_list        ? 
# 
_reflns.entry_id                     3EJF 
_reflns.observed_criterion_sigma_I   ? 
_reflns.observed_criterion_sigma_F   ? 
_reflns.d_resolution_low             24.820 
_reflns.d_resolution_high            1.600 
_reflns.number_obs                   22201 
_reflns.number_all                   ? 
_reflns.percent_possible_obs         97.9 
_reflns.pdbx_Rmerge_I_obs            0.10300 
_reflns.pdbx_Rsym_value              ? 
_reflns.pdbx_netI_over_sigmaI        18.3710 
_reflns.B_iso_Wilson_estimate        15.2 
_reflns.pdbx_redundancy              7.100 
_reflns.R_free_details               ? 
_reflns.limit_h_max                  ? 
_reflns.limit_h_min                  ? 
_reflns.limit_k_max                  ? 
_reflns.limit_k_min                  ? 
_reflns.limit_l_max                  ? 
_reflns.limit_l_min                  ? 
_reflns.observed_criterion_F_max     ? 
_reflns.observed_criterion_F_min     ? 
_reflns.pdbx_chi_squared             ? 
_reflns.pdbx_scaling_rejects         ? 
_reflns.pdbx_diffrn_id               1 
_reflns.pdbx_ordinal                 1 
# 
_reflns_shell.d_res_high             1.60 
_reflns_shell.d_res_low              1.64 
_reflns_shell.percent_possible_all   97.1 
_reflns_shell.Rmerge_I_obs           0.24400 
_reflns_shell.pdbx_Rsym_value        ? 
_reflns_shell.meanI_over_sigI_obs    ? 
_reflns_shell.pdbx_redundancy        6.20 
_reflns_shell.percent_possible_obs   ? 
_reflns_shell.number_unique_all      ? 
_reflns_shell.number_measured_all    ? 
_reflns_shell.number_measured_obs    ? 
_reflns_shell.number_unique_obs      ? 
_reflns_shell.pdbx_chi_squared       ? 
_reflns_shell.pdbx_diffrn_id         ? 
_reflns_shell.pdbx_ordinal           1 
# 
_refine.entry_id                                 3EJF 
_refine.ls_number_reflns_obs                     22172 
_refine.ls_number_reflns_all                     21036 
_refine.pdbx_ls_sigma_I                          ? 
_refine.pdbx_ls_sigma_F                          0.000 
_refine.pdbx_data_cutoff_high_absF               ? 
_refine.pdbx_data_cutoff_low_absF                ? 
_refine.pdbx_data_cutoff_high_rms_absF           ? 
_refine.ls_d_res_low                             24.82 
_refine.ls_d_res_high                            1.60 
_refine.ls_percent_reflns_obs                    97.7 
_refine.ls_R_factor_obs                          0.171 
_refine.ls_R_factor_all                          ? 
_refine.ls_R_factor_R_work                       0.169 
_refine.ls_R_factor_R_free                       0.203 
_refine.ls_R_factor_R_free_error                 ? 
_refine.ls_R_factor_R_free_error_details         ? 
_refine.ls_percent_reflns_R_free                 5.100 
_refine.ls_number_reflns_R_free                  1136 
_refine.ls_number_parameters                     ? 
_refine.ls_number_restraints                     ? 
_refine.occupancy_min                            0.50 
_refine.occupancy_max                            1.00 
_refine.correlation_coeff_Fo_to_Fc               0.957 
_refine.correlation_coeff_Fo_to_Fc_free          0.945 
_refine.B_iso_mean                               14.14 
_refine.aniso_B[1][1]                            0.30000 
_refine.aniso_B[2][2]                            -0.41000 
_refine.aniso_B[3][3]                            0.10000 
_refine.aniso_B[1][2]                            0.00000 
_refine.aniso_B[1][3]                            0.00000 
_refine.aniso_B[2][3]                            0.00000 
_refine.solvent_model_details                    MASK 
_refine.solvent_model_param_ksol                 ? 
_refine.solvent_model_param_bsol                 ? 
_refine.pdbx_solvent_vdw_probe_radii             1.20 
_refine.pdbx_solvent_ion_probe_radii             0.80 
_refine.pdbx_solvent_shrinkage_radii             0.80 
_refine.pdbx_ls_cross_valid_method               THROUGHOUT 
_refine.details                                  'HYDROGENS HAVE BEEN ADDED IN THE RIDING POSITIONS' 
_refine.pdbx_starting_model                      ? 
_refine.pdbx_method_to_determine_struct          'MOLECULAR REPLACEMENT' 
_refine.pdbx_isotropic_thermal_model             ? 
_refine.pdbx_stereochemistry_target_values       'MAXIMUM LIKELIHOOD' 
_refine.pdbx_stereochem_target_val_spec_case     ? 
_refine.pdbx_R_Free_selection_details            RANDOM 
_refine.pdbx_overall_ESU_R                       0.089 
_refine.pdbx_overall_ESU_R_Free                  0.090 
_refine.overall_SU_ML                            0.050 
_refine.pdbx_overall_phase_error                 ? 
_refine.overall_SU_B                             1.370 
_refine.pdbx_refine_id                           'X-RAY DIFFRACTION' 
_refine.ls_redundancy_reflns_obs                 ? 
_refine.B_iso_min                                ? 
_refine.B_iso_max                                ? 
_refine.overall_SU_R_Cruickshank_DPI             ? 
_refine.overall_SU_R_free                        ? 
_refine.ls_wR_factor_R_free                      ? 
_refine.ls_wR_factor_R_work                      ? 
_refine.overall_FOM_free_R_set                   ? 
_refine.overall_FOM_work_R_set                   ? 
_refine.pdbx_diffrn_id                           1 
_refine.pdbx_TLS_residual_ADP_flag               ? 
_refine.pdbx_overall_SU_R_free_Cruickshank_DPI   ? 
_refine.pdbx_overall_SU_R_Blow_DPI               ? 
_refine.pdbx_overall_SU_R_free_Blow_DPI          ? 
# 
_refine_hist.pdbx_refine_id                   'X-RAY DIFFRACTION' 
_refine_hist.cycle_id                         LAST 
_refine_hist.pdbx_number_atoms_protein        1325 
_refine_hist.pdbx_number_atoms_nucleic_acid   0 
_refine_hist.pdbx_number_atoms_ligand         0 
_refine_hist.number_atoms_solvent             212 
_refine_hist.number_atoms_total               1537 
_refine_hist.d_res_high                       1.60 
_refine_hist.d_res_low                        24.82 
# 
loop_
_refine_ls_restr.type 
_refine_ls_restr.dev_ideal 
_refine_ls_restr.dev_ideal_target 
_refine_ls_restr.weight 
_refine_ls_restr.number 
_refine_ls_restr.pdbx_refine_id 
_refine_ls_restr.pdbx_restraint_function 
r_bond_refined_d             0.011  0.022  ? 1359 'X-RAY DIFFRACTION' ? 
r_bond_other_d               0.001  0.020  ? 898  'X-RAY DIFFRACTION' ? 
r_angle_refined_deg          1.349  1.949  ? 1848 'X-RAY DIFFRACTION' ? 
r_angle_other_deg            0.884  3.000  ? 2212 'X-RAY DIFFRACTION' ? 
r_dihedral_angle_1_deg       6.137  5.000  ? 177  'X-RAY DIFFRACTION' ? 
r_dihedral_angle_2_deg       36.529 24.839 ? 62   'X-RAY DIFFRACTION' ? 
r_dihedral_angle_3_deg       10.960 15.000 ? 235  'X-RAY DIFFRACTION' ? 
r_dihedral_angle_4_deg       9.611  15.000 ? 4    'X-RAY DIFFRACTION' ? 
r_chiral_restr               0.082  0.200  ? 211  'X-RAY DIFFRACTION' ? 
r_gen_planes_refined         0.006  0.020  ? 1525 'X-RAY DIFFRACTION' ? 
r_gen_planes_other           0.001  0.020  ? 275  'X-RAY DIFFRACTION' ? 
r_nbd_refined                0.212  0.200  ? 287  'X-RAY DIFFRACTION' ? 
r_nbd_other                  0.182  0.200  ? 886  'X-RAY DIFFRACTION' ? 
r_nbtor_refined              0.187  0.200  ? 685  'X-RAY DIFFRACTION' ? 
r_nbtor_other                0.087  0.200  ? 683  'X-RAY DIFFRACTION' ? 
r_xyhbond_nbd_refined        0.121  0.200  ? 135  'X-RAY DIFFRACTION' ? 
r_xyhbond_nbd_other          ?      ?      ? ?    'X-RAY DIFFRACTION' ? 
r_metal_ion_refined          ?      ?      ? ?    'X-RAY DIFFRACTION' ? 
r_metal_ion_other            ?      ?      ? ?    'X-RAY DIFFRACTION' ? 
r_symmetry_vdw_refined       0.164  0.200  ? 13   'X-RAY DIFFRACTION' ? 
r_symmetry_vdw_other         0.170  0.200  ? 28   'X-RAY DIFFRACTION' ? 
r_symmetry_hbond_refined     0.112  0.200  ? 18   'X-RAY DIFFRACTION' ? 
r_symmetry_hbond_other       ?      ?      ? ?    'X-RAY DIFFRACTION' ? 
r_symmetry_metal_ion_refined ?      ?      ? ?    'X-RAY DIFFRACTION' ? 
r_symmetry_metal_ion_other   ?      ?      ? ?    'X-RAY DIFFRACTION' ? 
r_mcbond_it                  1.099  1.500  ? 1098 'X-RAY DIFFRACTION' ? 
r_mcbond_other               0.209  1.500  ? 344  'X-RAY DIFFRACTION' ? 
r_mcangle_it                 1.230  2.000  ? 1367 'X-RAY DIFFRACTION' ? 
r_scbond_it                  2.116  3.000  ? 603  'X-RAY DIFFRACTION' ? 
r_scangle_it                 2.881  4.500  ? 475  'X-RAY DIFFRACTION' ? 
r_rigid_bond_restr           ?      ?      ? ?    'X-RAY DIFFRACTION' ? 
r_sphericity_free            ?      ?      ? ?    'X-RAY DIFFRACTION' ? 
r_sphericity_bonded          ?      ?      ? ?    'X-RAY DIFFRACTION' ? 
# 
_refine_ls_shell.pdbx_total_number_of_bins_used   20 
_refine_ls_shell.d_res_high                       1.60 
_refine_ls_shell.d_res_low                        1.64 
_refine_ls_shell.number_reflns_R_work             1481 
_refine_ls_shell.R_factor_R_work                  0.1880 
_refine_ls_shell.percent_reflns_obs               94.62 
_refine_ls_shell.R_factor_R_free                  0.2770 
_refine_ls_shell.R_factor_R_free_error            ? 
_refine_ls_shell.percent_reflns_R_free            ? 
_refine_ls_shell.number_reflns_R_free             85 
_refine_ls_shell.number_reflns_all                ? 
_refine_ls_shell.R_factor_all                     ? 
_refine_ls_shell.pdbx_refine_id                   'X-RAY DIFFRACTION' 
_refine_ls_shell.redundancy_reflns_obs            ? 
_refine_ls_shell.number_reflns_obs                ? 
# 
_struct.entry_id                  3EJF 
_struct.title                     'Crystal structure of IBV X-domain at pH 8.5' 
_struct.pdbx_model_details        ? 
_struct.pdbx_CASP_flag            ? 
_struct.pdbx_model_type_details   ? 
# 
_struct_keywords.entry_id        3EJF 
_struct_keywords.text            
'IBV, coronavirus, X-domain, macro domain, Nsp3, ADRP, Hydrolase, Ribosomal frameshifting, RNA-binding' 
_struct_keywords.pdbx_keywords   HYDROLASE 
# 
loop_
_struct_asym.id 
_struct_asym.pdbx_blank_PDB_chainid_flag 
_struct_asym.pdbx_modified 
_struct_asym.entity_id 
_struct_asym.details 
A N N 1 ? 
B N N 2 ? 
# 
_struct_ref.id                         1 
_struct_ref.db_name                    UNP 
_struct_ref.db_code                    R1A_IBVB 
_struct_ref.pdbx_db_accession          P0C6Y1 
_struct_ref.entity_id                  1 
_struct_ref.pdbx_seq_one_letter_code   
;PATCEKPKFLEYKTCVGDLTVVIAKALDEFKEFCIVNAANEHMTHGSGVAKAIADFCGLDFVEYCEDYVKKHGPQQRLVT
PSFVKGIQCVNNVVGPRHGDNNLHEKLVAAYKNVLVDGVVNYVVPVLSLGIFGVDFKMSIDAMREAFEGCTIRVLLFSLS
QEHIDYFDVTCK
;
_struct_ref.pdbx_align_begin           1005 
_struct_ref.pdbx_db_isoform            ? 
# 
_struct_ref_seq.align_id                      1 
_struct_ref_seq.ref_id                        1 
_struct_ref_seq.pdbx_PDB_id_code              3EJF 
_struct_ref_seq.pdbx_strand_id                A 
_struct_ref_seq.seq_align_beg                 5 
_struct_ref_seq.pdbx_seq_align_beg_ins_code   ? 
_struct_ref_seq.seq_align_end                 176 
_struct_ref_seq.pdbx_seq_align_end_ins_code   ? 
_struct_ref_seq.pdbx_db_accession             P0C6Y1 
_struct_ref_seq.db_align_beg                  1005 
_struct_ref_seq.pdbx_db_align_beg_ins_code    ? 
_struct_ref_seq.db_align_end                  1176 
_struct_ref_seq.pdbx_db_align_end_ins_code    ? 
_struct_ref_seq.pdbx_auth_seq_align_beg       1 
_struct_ref_seq.pdbx_auth_seq_align_end       172 
# 
loop_
_struct_ref_seq_dif.align_id 
_struct_ref_seq_dif.pdbx_pdb_id_code 
_struct_ref_seq_dif.mon_id 
_struct_ref_seq_dif.pdbx_pdb_strand_id 
_struct_ref_seq_dif.seq_num 
_struct_ref_seq_dif.pdbx_pdb_ins_code 
_struct_ref_seq_dif.pdbx_seq_db_name 
_struct_ref_seq_dif.pdbx_seq_db_accession_code 
_struct_ref_seq_dif.db_mon_id 
_struct_ref_seq_dif.pdbx_seq_db_seq_num 
_struct_ref_seq_dif.details 
_struct_ref_seq_dif.pdbx_auth_seq_num 
_struct_ref_seq_dif.pdbx_ordinal 
1 3EJF GLY A 1 ? UNP P0C6Y1 ? ? 'expression tag' -3 1 
1 3EJF ALA A 2 ? UNP P0C6Y1 ? ? 'expression tag' -2 2 
1 3EJF MET A 3 ? UNP P0C6Y1 ? ? 'expression tag' -1 3 
1 3EJF ALA A 4 ? UNP P0C6Y1 ? ? 'expression tag' 0  4 
# 
_pdbx_struct_assembly.id                   1 
_pdbx_struct_assembly.details              author_and_software_defined_assembly 
_pdbx_struct_assembly.method_details       PISA 
_pdbx_struct_assembly.oligomeric_details   monomeric 
_pdbx_struct_assembly.oligomeric_count     1 
# 
_pdbx_struct_assembly_gen.assembly_id       1 
_pdbx_struct_assembly_gen.oper_expression   1 
_pdbx_struct_assembly_gen.asym_id_list      A,B 
# 
_pdbx_struct_oper_list.id                   1 
_pdbx_struct_oper_list.type                 'identity operation' 
_pdbx_struct_oper_list.name                 1_555 
_pdbx_struct_oper_list.symmetry_operation   x,y,z 
_pdbx_struct_oper_list.matrix[1][1]         1.0000000000 
_pdbx_struct_oper_list.matrix[1][2]         0.0000000000 
_pdbx_struct_oper_list.matrix[1][3]         0.0000000000 
_pdbx_struct_oper_list.vector[1]            0.0000000000 
_pdbx_struct_oper_list.matrix[2][1]         0.0000000000 
_pdbx_struct_oper_list.matrix[2][2]         1.0000000000 
_pdbx_struct_oper_list.matrix[2][3]         0.0000000000 
_pdbx_struct_oper_list.vector[2]            0.0000000000 
_pdbx_struct_oper_list.matrix[3][1]         0.0000000000 
_pdbx_struct_oper_list.matrix[3][2]         0.0000000000 
_pdbx_struct_oper_list.matrix[3][3]         1.0000000000 
_pdbx_struct_oper_list.vector[3]            0.0000000000 
# 
_struct_biol.id        1 
_struct_biol.details   ? 
# 
loop_
_struct_conf.conf_type_id 
_struct_conf.id 
_struct_conf.pdbx_PDB_helix_id 
_struct_conf.beg_label_comp_id 
_struct_conf.beg_label_asym_id 
_struct_conf.beg_label_seq_id 
_struct_conf.pdbx_beg_PDB_ins_code 
_struct_conf.end_label_comp_id 
_struct_conf.end_label_asym_id 
_struct_conf.end_label_seq_id 
_struct_conf.pdbx_end_PDB_ins_code 
_struct_conf.beg_auth_comp_id 
_struct_conf.beg_auth_asym_id 
_struct_conf.beg_auth_seq_id 
_struct_conf.end_auth_comp_id 
_struct_conf.end_auth_asym_id 
_struct_conf.end_auth_seq_id 
_struct_conf.pdbx_PDB_helix_class 
_struct_conf.details 
_struct_conf.pdbx_PDB_helix_length 
HELX_P HELX_P1 1 ASP A 22  ? LYS A 35  ? ASP A 18  LYS A 31  1 ? 14 
HELX_P HELX_P2 2 SER A 51  ? GLY A 62  ? SER A 47  GLY A 58  1 ? 12 
HELX_P HELX_P3 3 GLY A 62  ? GLY A 77  ? GLY A 58  GLY A 73  1 ? 16 
HELX_P HELX_P4 4 ASN A 106 ? ASN A 117 ? ASN A 102 ASN A 113 1 ? 12 
HELX_P HELX_P5 5 ASP A 139 ? GLU A 152 ? ASP A 135 GLU A 148 1 ? 14 
HELX_P HELX_P6 6 SER A 164 ? THR A 174 ? SER A 160 THR A 170 1 ? 11 
# 
_struct_conf_type.id          HELX_P 
_struct_conf_type.criteria    ? 
_struct_conf_type.reference   ? 
# 
_struct_sheet.id               A 
_struct_sheet.type             ? 
_struct_sheet.number_strands   6 
_struct_sheet.details          ? 
# 
loop_
_struct_sheet_order.sheet_id 
_struct_sheet_order.range_id_1 
_struct_sheet_order.range_id_2 
_struct_sheet_order.offset 
_struct_sheet_order.sense 
A 1 2 ? parallel      
A 2 3 ? parallel      
A 3 4 ? parallel      
A 4 5 ? parallel      
A 5 6 ? anti-parallel 
# 
loop_
_struct_sheet_range.sheet_id 
_struct_sheet_range.id 
_struct_sheet_range.beg_label_comp_id 
_struct_sheet_range.beg_label_asym_id 
_struct_sheet_range.beg_label_seq_id 
_struct_sheet_range.pdbx_beg_PDB_ins_code 
_struct_sheet_range.end_label_comp_id 
_struct_sheet_range.end_label_asym_id 
_struct_sheet_range.end_label_seq_id 
_struct_sheet_range.pdbx_end_PDB_ins_code 
_struct_sheet_range.beg_auth_comp_id 
_struct_sheet_range.beg_auth_asym_id 
_struct_sheet_range.beg_auth_seq_id 
_struct_sheet_range.end_auth_comp_id 
_struct_sheet_range.end_auth_asym_id 
_struct_sheet_range.end_auth_seq_id 
A 1 GLU A 15  ? VAL A 20  ? GLU A 11  VAL A 16  
A 2 ARG A 157 ? SER A 162 ? ARG A 153 SER A 158 
A 3 ASN A 125 ? PRO A 129 ? ASN A 121 PRO A 125 
A 4 PHE A 37  ? ALA A 42  ? PHE A 33  ALA A 38  
A 5 ILE A 91  ? VAL A 97  ? ILE A 87  VAL A 93  
A 6 ARG A 81  ? THR A 84  ? ARG A 77  THR A 80  
# 
loop_
_pdbx_struct_sheet_hbond.sheet_id 
_pdbx_struct_sheet_hbond.range_id_1 
_pdbx_struct_sheet_hbond.range_id_2 
_pdbx_struct_sheet_hbond.range_1_label_atom_id 
_pdbx_struct_sheet_hbond.range_1_label_comp_id 
_pdbx_struct_sheet_hbond.range_1_label_asym_id 
_pdbx_struct_sheet_hbond.range_1_label_seq_id 
_pdbx_struct_sheet_hbond.range_1_PDB_ins_code 
_pdbx_struct_sheet_hbond.range_1_auth_atom_id 
_pdbx_struct_sheet_hbond.range_1_auth_comp_id 
_pdbx_struct_sheet_hbond.range_1_auth_asym_id 
_pdbx_struct_sheet_hbond.range_1_auth_seq_id 
_pdbx_struct_sheet_hbond.range_2_label_atom_id 
_pdbx_struct_sheet_hbond.range_2_label_comp_id 
_pdbx_struct_sheet_hbond.range_2_label_asym_id 
_pdbx_struct_sheet_hbond.range_2_label_seq_id 
_pdbx_struct_sheet_hbond.range_2_PDB_ins_code 
_pdbx_struct_sheet_hbond.range_2_auth_atom_id 
_pdbx_struct_sheet_hbond.range_2_auth_comp_id 
_pdbx_struct_sheet_hbond.range_2_auth_asym_id 
_pdbx_struct_sheet_hbond.range_2_auth_seq_id 
A 1 2 N LYS A 17  ? N LYS A 13  O LEU A 160 ? O LEU A 156 
A 2 3 O LEU A 159 ? O LEU A 155 N TYR A 126 ? N TYR A 122 
A 3 4 O ASN A 125 ? O ASN A 121 N CYS A 38  ? N CYS A 34  
A 4 5 N ASN A 41  ? N ASN A 37  O VAL A 97  ? O VAL A 93  
A 5 6 O ASN A 96  ? O ASN A 92  N LEU A 82  ? N LEU A 78  
# 
_pdbx_validate_torsion.id              1 
_pdbx_validate_torsion.PDB_model_num   1 
_pdbx_validate_torsion.auth_comp_id    LYS 
_pdbx_validate_torsion.auth_asym_id    A 
_pdbx_validate_torsion.auth_seq_id     31 
_pdbx_validate_torsion.PDB_ins_code    ? 
_pdbx_validate_torsion.label_alt_id    ? 
_pdbx_validate_torsion.phi             78.18 
_pdbx_validate_torsion.psi             -49.40 
# 
loop_
_pdbx_struct_special_symmetry.id 
_pdbx_struct_special_symmetry.PDB_model_num 
_pdbx_struct_special_symmetry.auth_asym_id 
_pdbx_struct_special_symmetry.auth_comp_id 
_pdbx_struct_special_symmetry.auth_seq_id 
_pdbx_struct_special_symmetry.PDB_ins_code 
_pdbx_struct_special_symmetry.label_asym_id 
_pdbx_struct_special_symmetry.label_comp_id 
_pdbx_struct_special_symmetry.label_seq_id 
1 1 A HOH 353 ? B HOH . 
2 1 A HOH 364 ? B HOH . 
# 
loop_
_pdbx_unobs_or_zero_occ_residues.id 
_pdbx_unobs_or_zero_occ_residues.PDB_model_num 
_pdbx_unobs_or_zero_occ_residues.polymer_flag 
_pdbx_unobs_or_zero_occ_residues.occupancy_flag 
_pdbx_unobs_or_zero_occ_residues.auth_asym_id 
_pdbx_unobs_or_zero_occ_residues.auth_comp_id 
_pdbx_unobs_or_zero_occ_residues.auth_seq_id 
_pdbx_unobs_or_zero_occ_residues.PDB_ins_code 
_pdbx_unobs_or_zero_occ_residues.label_asym_id 
_pdbx_unobs_or_zero_occ_residues.label_comp_id 
_pdbx_unobs_or_zero_occ_residues.label_seq_id 
1  1 Y 1 A GLY -3  ? A GLY 1   
2  1 Y 1 A ALA -2  ? A ALA 2   
3  1 Y 1 A MET -1  ? A MET 3   
4  1 Y 1 A ALA 0   ? A ALA 4   
5  1 Y 1 A PRO 1   ? A PRO 5   
6  1 Y 1 A ALA 2   ? A ALA 6   
7  1 Y 1 A THR 3   ? A THR 7   
8  1 Y 1 A CYS 4   ? A CYS 8   
9  1 Y 1 A GLU 5   ? A GLU 9   
10 1 Y 1 A LYS 172 ? A LYS 176 
# 
loop_
_chem_comp_atom.comp_id 
_chem_comp_atom.atom_id 
_chem_comp_atom.type_symbol 
_chem_comp_atom.pdbx_aromatic_flag 
_chem_comp_atom.pdbx_stereo_config 
_chem_comp_atom.pdbx_ordinal 
ALA N    N N N 1   
ALA CA   C N S 2   
ALA C    C N N 3   
ALA O    O N N 4   
ALA CB   C N N 5   
ALA OXT  O N N 6   
ALA H    H N N 7   
ALA H2   H N N 8   
ALA HA   H N N 9   
ALA HB1  H N N 10  
ALA HB2  H N N 11  
ALA HB3  H N N 12  
ALA HXT  H N N 13  
ARG N    N N N 14  
ARG CA   C N S 15  
ARG C    C N N 16  
ARG O    O N N 17  
ARG CB   C N N 18  
ARG CG   C N N 19  
ARG CD   C N N 20  
ARG NE   N N N 21  
ARG CZ   C N N 22  
ARG NH1  N N N 23  
ARG NH2  N N N 24  
ARG OXT  O N N 25  
ARG H    H N N 26  
ARG H2   H N N 27  
ARG HA   H N N 28  
ARG HB2  H N N 29  
ARG HB3  H N N 30  
ARG HG2  H N N 31  
ARG HG3  H N N 32  
ARG HD2  H N N 33  
ARG HD3  H N N 34  
ARG HE   H N N 35  
ARG HH11 H N N 36  
ARG HH12 H N N 37  
ARG HH21 H N N 38  
ARG HH22 H N N 39  
ARG HXT  H N N 40  
ASN N    N N N 41  
ASN CA   C N S 42  
ASN C    C N N 43  
ASN O    O N N 44  
ASN CB   C N N 45  
ASN CG   C N N 46  
ASN OD1  O N N 47  
ASN ND2  N N N 48  
ASN OXT  O N N 49  
ASN H    H N N 50  
ASN H2   H N N 51  
ASN HA   H N N 52  
ASN HB2  H N N 53  
ASN HB3  H N N 54  
ASN HD21 H N N 55  
ASN HD22 H N N 56  
ASN HXT  H N N 57  
ASP N    N N N 58  
ASP CA   C N S 59  
ASP C    C N N 60  
ASP O    O N N 61  
ASP CB   C N N 62  
ASP CG   C N N 63  
ASP OD1  O N N 64  
ASP OD2  O N N 65  
ASP OXT  O N N 66  
ASP H    H N N 67  
ASP H2   H N N 68  
ASP HA   H N N 69  
ASP HB2  H N N 70  
ASP HB3  H N N 71  
ASP HD2  H N N 72  
ASP HXT  H N N 73  
CYS N    N N N 74  
CYS CA   C N R 75  
CYS C    C N N 76  
CYS O    O N N 77  
CYS CB   C N N 78  
CYS SG   S N N 79  
CYS OXT  O N N 80  
CYS H    H N N 81  
CYS H2   H N N 82  
CYS HA   H N N 83  
CYS HB2  H N N 84  
CYS HB3  H N N 85  
CYS HG   H N N 86  
CYS HXT  H N N 87  
GLN N    N N N 88  
GLN CA   C N S 89  
GLN C    C N N 90  
GLN O    O N N 91  
GLN CB   C N N 92  
GLN CG   C N N 93  
GLN CD   C N N 94  
GLN OE1  O N N 95  
GLN NE2  N N N 96  
GLN OXT  O N N 97  
GLN H    H N N 98  
GLN H2   H N N 99  
GLN HA   H N N 100 
GLN HB2  H N N 101 
GLN HB3  H N N 102 
GLN HG2  H N N 103 
GLN HG3  H N N 104 
GLN HE21 H N N 105 
GLN HE22 H N N 106 
GLN HXT  H N N 107 
GLU N    N N N 108 
GLU CA   C N S 109 
GLU C    C N N 110 
GLU O    O N N 111 
GLU CB   C N N 112 
GLU CG   C N N 113 
GLU CD   C N N 114 
GLU OE1  O N N 115 
GLU OE2  O N N 116 
GLU OXT  O N N 117 
GLU H    H N N 118 
GLU H2   H N N 119 
GLU HA   H N N 120 
GLU HB2  H N N 121 
GLU HB3  H N N 122 
GLU HG2  H N N 123 
GLU HG3  H N N 124 
GLU HE2  H N N 125 
GLU HXT  H N N 126 
GLY N    N N N 127 
GLY CA   C N N 128 
GLY C    C N N 129 
GLY O    O N N 130 
GLY OXT  O N N 131 
GLY H    H N N 132 
GLY H2   H N N 133 
GLY HA2  H N N 134 
GLY HA3  H N N 135 
GLY HXT  H N N 136 
HIS N    N N N 137 
HIS CA   C N S 138 
HIS C    C N N 139 
HIS O    O N N 140 
HIS CB   C N N 141 
HIS CG   C Y N 142 
HIS ND1  N Y N 143 
HIS CD2  C Y N 144 
HIS CE1  C Y N 145 
HIS NE2  N Y N 146 
HIS OXT  O N N 147 
HIS H    H N N 148 
HIS H2   H N N 149 
HIS HA   H N N 150 
HIS HB2  H N N 151 
HIS HB3  H N N 152 
HIS HD1  H N N 153 
HIS HD2  H N N 154 
HIS HE1  H N N 155 
HIS HE2  H N N 156 
HIS HXT  H N N 157 
HOH O    O N N 158 
HOH H1   H N N 159 
HOH H2   H N N 160 
ILE N    N N N 161 
ILE CA   C N S 162 
ILE C    C N N 163 
ILE O    O N N 164 
ILE CB   C N S 165 
ILE CG1  C N N 166 
ILE CG2  C N N 167 
ILE CD1  C N N 168 
ILE OXT  O N N 169 
ILE H    H N N 170 
ILE H2   H N N 171 
ILE HA   H N N 172 
ILE HB   H N N 173 
ILE HG12 H N N 174 
ILE HG13 H N N 175 
ILE HG21 H N N 176 
ILE HG22 H N N 177 
ILE HG23 H N N 178 
ILE HD11 H N N 179 
ILE HD12 H N N 180 
ILE HD13 H N N 181 
ILE HXT  H N N 182 
LEU N    N N N 183 
LEU CA   C N S 184 
LEU C    C N N 185 
LEU O    O N N 186 
LEU CB   C N N 187 
LEU CG   C N N 188 
LEU CD1  C N N 189 
LEU CD2  C N N 190 
LEU OXT  O N N 191 
LEU H    H N N 192 
LEU H2   H N N 193 
LEU HA   H N N 194 
LEU HB2  H N N 195 
LEU HB3  H N N 196 
LEU HG   H N N 197 
LEU HD11 H N N 198 
LEU HD12 H N N 199 
LEU HD13 H N N 200 
LEU HD21 H N N 201 
LEU HD22 H N N 202 
LEU HD23 H N N 203 
LEU HXT  H N N 204 
LYS N    N N N 205 
LYS CA   C N S 206 
LYS C    C N N 207 
LYS O    O N N 208 
LYS CB   C N N 209 
LYS CG   C N N 210 
LYS CD   C N N 211 
LYS CE   C N N 212 
LYS NZ   N N N 213 
LYS OXT  O N N 214 
LYS H    H N N 215 
LYS H2   H N N 216 
LYS HA   H N N 217 
LYS HB2  H N N 218 
LYS HB3  H N N 219 
LYS HG2  H N N 220 
LYS HG3  H N N 221 
LYS HD2  H N N 222 
LYS HD3  H N N 223 
LYS HE2  H N N 224 
LYS HE3  H N N 225 
LYS HZ1  H N N 226 
LYS HZ2  H N N 227 
LYS HZ3  H N N 228 
LYS HXT  H N N 229 
MET N    N N N 230 
MET CA   C N S 231 
MET C    C N N 232 
MET O    O N N 233 
MET CB   C N N 234 
MET CG   C N N 235 
MET SD   S N N 236 
MET CE   C N N 237 
MET OXT  O N N 238 
MET H    H N N 239 
MET H2   H N N 240 
MET HA   H N N 241 
MET HB2  H N N 242 
MET HB3  H N N 243 
MET HG2  H N N 244 
MET HG3  H N N 245 
MET HE1  H N N 246 
MET HE2  H N N 247 
MET HE3  H N N 248 
MET HXT  H N N 249 
PHE N    N N N 250 
PHE CA   C N S 251 
PHE C    C N N 252 
PHE O    O N N 253 
PHE CB   C N N 254 
PHE CG   C Y N 255 
PHE CD1  C Y N 256 
PHE CD2  C Y N 257 
PHE CE1  C Y N 258 
PHE CE2  C Y N 259 
PHE CZ   C Y N 260 
PHE OXT  O N N 261 
PHE H    H N N 262 
PHE H2   H N N 263 
PHE HA   H N N 264 
PHE HB2  H N N 265 
PHE HB3  H N N 266 
PHE HD1  H N N 267 
PHE HD2  H N N 268 
PHE HE1  H N N 269 
PHE HE2  H N N 270 
PHE HZ   H N N 271 
PHE HXT  H N N 272 
PRO N    N N N 273 
PRO CA   C N S 274 
PRO C    C N N 275 
PRO O    O N N 276 
PRO CB   C N N 277 
PRO CG   C N N 278 
PRO CD   C N N 279 
PRO OXT  O N N 280 
PRO H    H N N 281 
PRO HA   H N N 282 
PRO HB2  H N N 283 
PRO HB3  H N N 284 
PRO HG2  H N N 285 
PRO HG3  H N N 286 
PRO HD2  H N N 287 
PRO HD3  H N N 288 
PRO HXT  H N N 289 
SER N    N N N 290 
SER CA   C N S 291 
SER C    C N N 292 
SER O    O N N 293 
SER CB   C N N 294 
SER OG   O N N 295 
SER OXT  O N N 296 
SER H    H N N 297 
SER H2   H N N 298 
SER HA   H N N 299 
SER HB2  H N N 300 
SER HB3  H N N 301 
SER HG   H N N 302 
SER HXT  H N N 303 
THR N    N N N 304 
THR CA   C N S 305 
THR C    C N N 306 
THR O    O N N 307 
THR CB   C N R 308 
THR OG1  O N N 309 
THR CG2  C N N 310 
THR OXT  O N N 311 
THR H    H N N 312 
THR H2   H N N 313 
THR HA   H N N 314 
THR HB   H N N 315 
THR HG1  H N N 316 
THR HG21 H N N 317 
THR HG22 H N N 318 
THR HG23 H N N 319 
THR HXT  H N N 320 
TYR N    N N N 321 
TYR CA   C N S 322 
TYR C    C N N 323 
TYR O    O N N 324 
TYR CB   C N N 325 
TYR CG   C Y N 326 
TYR CD1  C Y N 327 
TYR CD2  C Y N 328 
TYR CE1  C Y N 329 
TYR CE2  C Y N 330 
TYR CZ   C Y N 331 
TYR OH   O N N 332 
TYR OXT  O N N 333 
TYR H    H N N 334 
TYR H2   H N N 335 
TYR HA   H N N 336 
TYR HB2  H N N 337 
TYR HB3  H N N 338 
TYR HD1  H N N 339 
TYR HD2  H N N 340 
TYR HE1  H N N 341 
TYR HE2  H N N 342 
TYR HH   H N N 343 
TYR HXT  H N N 344 
VAL N    N N N 345 
VAL CA   C N S 346 
VAL C    C N N 347 
VAL O    O N N 348 
VAL CB   C N N 349 
VAL CG1  C N N 350 
VAL CG2  C N N 351 
VAL OXT  O N N 352 
VAL H    H N N 353 
VAL H2   H N N 354 
VAL HA   H N N 355 
VAL HB   H N N 356 
VAL HG11 H N N 357 
VAL HG12 H N N 358 
VAL HG13 H N N 359 
VAL HG21 H N N 360 
VAL HG22 H N N 361 
VAL HG23 H N N 362 
VAL HXT  H N N 363 
# 
loop_
_chem_comp_bond.comp_id 
_chem_comp_bond.atom_id_1 
_chem_comp_bond.atom_id_2 
_chem_comp_bond.value_order 
_chem_comp_bond.pdbx_aromatic_flag 
_chem_comp_bond.pdbx_stereo_config 
_chem_comp_bond.pdbx_ordinal 
ALA N   CA   sing N N 1   
ALA N   H    sing N N 2   
ALA N   H2   sing N N 3   
ALA CA  C    sing N N 4   
ALA CA  CB   sing N N 5   
ALA CA  HA   sing N N 6   
ALA C   O    doub N N 7   
ALA C   OXT  sing N N 8   
ALA CB  HB1  sing N N 9   
ALA CB  HB2  sing N N 10  
ALA CB  HB3  sing N N 11  
ALA OXT HXT  sing N N 12  
ARG N   CA   sing N N 13  
ARG N   H    sing N N 14  
ARG N   H2   sing N N 15  
ARG CA  C    sing N N 16  
ARG CA  CB   sing N N 17  
ARG CA  HA   sing N N 18  
ARG C   O    doub N N 19  
ARG C   OXT  sing N N 20  
ARG CB  CG   sing N N 21  
ARG CB  HB2  sing N N 22  
ARG CB  HB3  sing N N 23  
ARG CG  CD   sing N N 24  
ARG CG  HG2  sing N N 25  
ARG CG  HG3  sing N N 26  
ARG CD  NE   sing N N 27  
ARG CD  HD2  sing N N 28  
ARG CD  HD3  sing N N 29  
ARG NE  CZ   sing N N 30  
ARG NE  HE   sing N N 31  
ARG CZ  NH1  sing N N 32  
ARG CZ  NH2  doub N N 33  
ARG NH1 HH11 sing N N 34  
ARG NH1 HH12 sing N N 35  
ARG NH2 HH21 sing N N 36  
ARG NH2 HH22 sing N N 37  
ARG OXT HXT  sing N N 38  
ASN N   CA   sing N N 39  
ASN N   H    sing N N 40  
ASN N   H2   sing N N 41  
ASN CA  C    sing N N 42  
ASN CA  CB   sing N N 43  
ASN CA  HA   sing N N 44  
ASN C   O    doub N N 45  
ASN C   OXT  sing N N 46  
ASN CB  CG   sing N N 47  
ASN CB  HB2  sing N N 48  
ASN CB  HB3  sing N N 49  
ASN CG  OD1  doub N N 50  
ASN CG  ND2  sing N N 51  
ASN ND2 HD21 sing N N 52  
ASN ND2 HD22 sing N N 53  
ASN OXT HXT  sing N N 54  
ASP N   CA   sing N N 55  
ASP N   H    sing N N 56  
ASP N   H2   sing N N 57  
ASP CA  C    sing N N 58  
ASP CA  CB   sing N N 59  
ASP CA  HA   sing N N 60  
ASP C   O    doub N N 61  
ASP C   OXT  sing N N 62  
ASP CB  CG   sing N N 63  
ASP CB  HB2  sing N N 64  
ASP CB  HB3  sing N N 65  
ASP CG  OD1  doub N N 66  
ASP CG  OD2  sing N N 67  
ASP OD2 HD2  sing N N 68  
ASP OXT HXT  sing N N 69  
CYS N   CA   sing N N 70  
CYS N   H    sing N N 71  
CYS N   H2   sing N N 72  
CYS CA  C    sing N N 73  
CYS CA  CB   sing N N 74  
CYS CA  HA   sing N N 75  
CYS C   O    doub N N 76  
CYS C   OXT  sing N N 77  
CYS CB  SG   sing N N 78  
CYS CB  HB2  sing N N 79  
CYS CB  HB3  sing N N 80  
CYS SG  HG   sing N N 81  
CYS OXT HXT  sing N N 82  
GLN N   CA   sing N N 83  
GLN N   H    sing N N 84  
GLN N   H2   sing N N 85  
GLN CA  C    sing N N 86  
GLN CA  CB   sing N N 87  
GLN CA  HA   sing N N 88  
GLN C   O    doub N N 89  
GLN C   OXT  sing N N 90  
GLN CB  CG   sing N N 91  
GLN CB  HB2  sing N N 92  
GLN CB  HB3  sing N N 93  
GLN CG  CD   sing N N 94  
GLN CG  HG2  sing N N 95  
GLN CG  HG3  sing N N 96  
GLN CD  OE1  doub N N 97  
GLN CD  NE2  sing N N 98  
GLN NE2 HE21 sing N N 99  
GLN NE2 HE22 sing N N 100 
GLN OXT HXT  sing N N 101 
GLU N   CA   sing N N 102 
GLU N   H    sing N N 103 
GLU N   H2   sing N N 104 
GLU CA  C    sing N N 105 
GLU CA  CB   sing N N 106 
GLU CA  HA   sing N N 107 
GLU C   O    doub N N 108 
GLU C   OXT  sing N N 109 
GLU CB  CG   sing N N 110 
GLU CB  HB2  sing N N 111 
GLU CB  HB3  sing N N 112 
GLU CG  CD   sing N N 113 
GLU CG  HG2  sing N N 114 
GLU CG  HG3  sing N N 115 
GLU CD  OE1  doub N N 116 
GLU CD  OE2  sing N N 117 
GLU OE2 HE2  sing N N 118 
GLU OXT HXT  sing N N 119 
GLY N   CA   sing N N 120 
GLY N   H    sing N N 121 
GLY N   H2   sing N N 122 
GLY CA  C    sing N N 123 
GLY CA  HA2  sing N N 124 
GLY CA  HA3  sing N N 125 
GLY C   O    doub N N 126 
GLY C   OXT  sing N N 127 
GLY OXT HXT  sing N N 128 
HIS N   CA   sing N N 129 
HIS N   H    sing N N 130 
HIS N   H2   sing N N 131 
HIS CA  C    sing N N 132 
HIS CA  CB   sing N N 133 
HIS CA  HA   sing N N 134 
HIS C   O    doub N N 135 
HIS C   OXT  sing N N 136 
HIS CB  CG   sing N N 137 
HIS CB  HB2  sing N N 138 
HIS CB  HB3  sing N N 139 
HIS CG  ND1  sing Y N 140 
HIS CG  CD2  doub Y N 141 
HIS ND1 CE1  doub Y N 142 
HIS ND1 HD1  sing N N 143 
HIS CD2 NE2  sing Y N 144 
HIS CD2 HD2  sing N N 145 
HIS CE1 NE2  sing Y N 146 
HIS CE1 HE1  sing N N 147 
HIS NE2 HE2  sing N N 148 
HIS OXT HXT  sing N N 149 
HOH O   H1   sing N N 150 
HOH O   H2   sing N N 151 
ILE N   CA   sing N N 152 
ILE N   H    sing N N 153 
ILE N   H2   sing N N 154 
ILE CA  C    sing N N 155 
ILE CA  CB   sing N N 156 
ILE CA  HA   sing N N 157 
ILE C   O    doub N N 158 
ILE C   OXT  sing N N 159 
ILE CB  CG1  sing N N 160 
ILE CB  CG2  sing N N 161 
ILE CB  HB   sing N N 162 
ILE CG1 CD1  sing N N 163 
ILE CG1 HG12 sing N N 164 
ILE CG1 HG13 sing N N 165 
ILE CG2 HG21 sing N N 166 
ILE CG2 HG22 sing N N 167 
ILE CG2 HG23 sing N N 168 
ILE CD1 HD11 sing N N 169 
ILE CD1 HD12 sing N N 170 
ILE CD1 HD13 sing N N 171 
ILE OXT HXT  sing N N 172 
LEU N   CA   sing N N 173 
LEU N   H    sing N N 174 
LEU N   H2   sing N N 175 
LEU CA  C    sing N N 176 
LEU CA  CB   sing N N 177 
LEU CA  HA   sing N N 178 
LEU C   O    doub N N 179 
LEU C   OXT  sing N N 180 
LEU CB  CG   sing N N 181 
LEU CB  HB2  sing N N 182 
LEU CB  HB3  sing N N 183 
LEU CG  CD1  sing N N 184 
LEU CG  CD2  sing N N 185 
LEU CG  HG   sing N N 186 
LEU CD1 HD11 sing N N 187 
LEU CD1 HD12 sing N N 188 
LEU CD1 HD13 sing N N 189 
LEU CD2 HD21 sing N N 190 
LEU CD2 HD22 sing N N 191 
LEU CD2 HD23 sing N N 192 
LEU OXT HXT  sing N N 193 
LYS N   CA   sing N N 194 
LYS N   H    sing N N 195 
LYS N   H2   sing N N 196 
LYS CA  C    sing N N 197 
LYS CA  CB   sing N N 198 
LYS CA  HA   sing N N 199 
LYS C   O    doub N N 200 
LYS C   OXT  sing N N 201 
LYS CB  CG   sing N N 202 
LYS CB  HB2  sing N N 203 
LYS CB  HB3  sing N N 204 
LYS CG  CD   sing N N 205 
LYS CG  HG2  sing N N 206 
LYS CG  HG3  sing N N 207 
LYS CD  CE   sing N N 208 
LYS CD  HD2  sing N N 209 
LYS CD  HD3  sing N N 210 
LYS CE  NZ   sing N N 211 
LYS CE  HE2  sing N N 212 
LYS CE  HE3  sing N N 213 
LYS NZ  HZ1  sing N N 214 
LYS NZ  HZ2  sing N N 215 
LYS NZ  HZ3  sing N N 216 
LYS OXT HXT  sing N N 217 
MET N   CA   sing N N 218 
MET N   H    sing N N 219 
MET N   H2   sing N N 220 
MET CA  C    sing N N 221 
MET CA  CB   sing N N 222 
MET CA  HA   sing N N 223 
MET C   O    doub N N 224 
MET C   OXT  sing N N 225 
MET CB  CG   sing N N 226 
MET CB  HB2  sing N N 227 
MET CB  HB3  sing N N 228 
MET CG  SD   sing N N 229 
MET CG  HG2  sing N N 230 
MET CG  HG3  sing N N 231 
MET SD  CE   sing N N 232 
MET CE  HE1  sing N N 233 
MET CE  HE2  sing N N 234 
MET CE  HE3  sing N N 235 
MET OXT HXT  sing N N 236 
PHE N   CA   sing N N 237 
PHE N   H    sing N N 238 
PHE N   H2   sing N N 239 
PHE CA  C    sing N N 240 
PHE CA  CB   sing N N 241 
PHE CA  HA   sing N N 242 
PHE C   O    doub N N 243 
PHE C   OXT  sing N N 244 
PHE CB  CG   sing N N 245 
PHE CB  HB2  sing N N 246 
PHE CB  HB3  sing N N 247 
PHE CG  CD1  doub Y N 248 
PHE CG  CD2  sing Y N 249 
PHE CD1 CE1  sing Y N 250 
PHE CD1 HD1  sing N N 251 
PHE CD2 CE2  doub Y N 252 
PHE CD2 HD2  sing N N 253 
PHE CE1 CZ   doub Y N 254 
PHE CE1 HE1  sing N N 255 
PHE CE2 CZ   sing Y N 256 
PHE CE2 HE2  sing N N 257 
PHE CZ  HZ   sing N N 258 
PHE OXT HXT  sing N N 259 
PRO N   CA   sing N N 260 
PRO N   CD   sing N N 261 
PRO N   H    sing N N 262 
PRO CA  C    sing N N 263 
PRO CA  CB   sing N N 264 
PRO CA  HA   sing N N 265 
PRO C   O    doub N N 266 
PRO C   OXT  sing N N 267 
PRO CB  CG   sing N N 268 
PRO CB  HB2  sing N N 269 
PRO CB  HB3  sing N N 270 
PRO CG  CD   sing N N 271 
PRO CG  HG2  sing N N 272 
PRO CG  HG3  sing N N 273 
PRO CD  HD2  sing N N 274 
PRO CD  HD3  sing N N 275 
PRO OXT HXT  sing N N 276 
SER N   CA   sing N N 277 
SER N   H    sing N N 278 
SER N   H2   sing N N 279 
SER CA  C    sing N N 280 
SER CA  CB   sing N N 281 
SER CA  HA   sing N N 282 
SER C   O    doub N N 283 
SER C   OXT  sing N N 284 
SER CB  OG   sing N N 285 
SER CB  HB2  sing N N 286 
SER CB  HB3  sing N N 287 
SER OG  HG   sing N N 288 
SER OXT HXT  sing N N 289 
THR N   CA   sing N N 290 
THR N   H    sing N N 291 
THR N   H2   sing N N 292 
THR CA  C    sing N N 293 
THR CA  CB   sing N N 294 
THR CA  HA   sing N N 295 
THR C   O    doub N N 296 
THR C   OXT  sing N N 297 
THR CB  OG1  sing N N 298 
THR CB  CG2  sing N N 299 
THR CB  HB   sing N N 300 
THR OG1 HG1  sing N N 301 
THR CG2 HG21 sing N N 302 
THR CG2 HG22 sing N N 303 
THR CG2 HG23 sing N N 304 
THR OXT HXT  sing N N 305 
TYR N   CA   sing N N 306 
TYR N   H    sing N N 307 
TYR N   H2   sing N N 308 
TYR CA  C    sing N N 309 
TYR CA  CB   sing N N 310 
TYR CA  HA   sing N N 311 
TYR C   O    doub N N 312 
TYR C   OXT  sing N N 313 
TYR CB  CG   sing N N 314 
TYR CB  HB2  sing N N 315 
TYR CB  HB3  sing N N 316 
TYR CG  CD1  doub Y N 317 
TYR CG  CD2  sing Y N 318 
TYR CD1 CE1  sing Y N 319 
TYR CD1 HD1  sing N N 320 
TYR CD2 CE2  doub Y N 321 
TYR CD2 HD2  sing N N 322 
TYR CE1 CZ   doub Y N 323 
TYR CE1 HE1  sing N N 324 
TYR CE2 CZ   sing Y N 325 
TYR CE2 HE2  sing N N 326 
TYR CZ  OH   sing N N 327 
TYR OH  HH   sing N N 328 
TYR OXT HXT  sing N N 329 
VAL N   CA   sing N N 330 
VAL N   H    sing N N 331 
VAL N   H2   sing N N 332 
VAL CA  C    sing N N 333 
VAL CA  CB   sing N N 334 
VAL CA  HA   sing N N 335 
VAL C   O    doub N N 336 
VAL C   OXT  sing N N 337 
VAL CB  CG1  sing N N 338 
VAL CB  CG2  sing N N 339 
VAL CB  HB   sing N N 340 
VAL CG1 HG11 sing N N 341 
VAL CG1 HG12 sing N N 342 
VAL CG1 HG13 sing N N 343 
VAL CG2 HG21 sing N N 344 
VAL CG2 HG22 sing N N 345 
VAL CG2 HG23 sing N N 346 
VAL OXT HXT  sing N N 347 
# 
_atom_sites.entry_id                    3EJF 
_atom_sites.fract_transf_matrix[1][1]   0.01029369 
_atom_sites.fract_transf_matrix[1][2]   0.01404693 
_atom_sites.fract_transf_matrix[1][3]   0.01606493 
_atom_sites.fract_transf_matrix[2][1]   -0.00526039 
_atom_sites.fract_transf_matrix[2][2]   0.01001555 
_atom_sites.fract_transf_matrix[2][3]   -0.00538682 
_atom_sites.fract_transf_matrix[3][1]   -0.00798935 
_atom_sites.fract_transf_matrix[3][2]   -0.00098133 
_atom_sites.fract_transf_matrix[3][3]   0.00597728 
_atom_sites.fract_transf_vector[1]      -0.136126 
_atom_sites.fract_transf_vector[2]      -0.210990 
_atom_sites.fract_transf_vector[3]      0.085267 
# 
loop_
_atom_type.symbol 
C 
N 
O 
S 
# 
loop_
_atom_site.group_PDB 
_atom_site.id 
_atom_site.type_symbol 
_atom_site.label_atom_id 
_atom_site.label_alt_id 
_atom_site.label_comp_id 
_atom_site.label_asym_id 
_atom_site.label_entity_id 
_atom_site.label_seq_id 
_atom_site.pdbx_PDB_ins_code 
_atom_site.Cartn_x 
_atom_site.Cartn_y 
_atom_site.Cartn_z 
_atom_site.occupancy 
_atom_site.B_iso_or_equiv 
_atom_site.pdbx_formal_charge 
_atom_site.auth_seq_id 
_atom_site.auth_comp_id 
_atom_site.auth_asym_id 
_atom_site.auth_atom_id 
_atom_site.pdbx_PDB_model_num 
ATOM   1    N N   . LYS A 1 10  ? -16.031 -10.795 -5.346  1.00 29.96 ? 6   LYS A N   1 
ATOM   2    C CA  . LYS A 1 10  ? -15.653 -9.455  -5.885  1.00 29.60 ? 6   LYS A CA  1 
ATOM   3    C C   . LYS A 1 10  ? -16.837 -8.510  -5.781  1.00 28.60 ? 6   LYS A C   1 
ATOM   4    O O   . LYS A 1 10  ? -17.988 -8.939  -5.935  1.00 29.24 ? 6   LYS A O   1 
ATOM   5    C CB  . LYS A 1 10  ? -15.236 -9.555  -7.354  1.00 30.26 ? 6   LYS A CB  1 
ATOM   6    C CG  . LYS A 1 10  ? -13.992 -10.385 -7.611  1.00 31.25 ? 6   LYS A CG  1 
ATOM   7    C CD  . LYS A 1 10  ? -13.541 -10.238 -9.054  1.00 31.62 ? 6   LYS A CD  1 
ATOM   8    C CE  . LYS A 1 10  ? -12.355 -11.138 -9.378  1.00 33.09 ? 6   LYS A CE  1 
ATOM   9    N NZ  . LYS A 1 10  ? -11.859 -10.909 -10.770 1.00 34.25 ? 6   LYS A NZ  1 
ATOM   10   N N   . PRO A 1 11  ? -16.575 -7.209  -5.575  1.00 27.19 ? 7   PRO A N   1 
ATOM   11   C CA  . PRO A 1 11  ? -17.675 -6.262  -5.553  1.00 26.90 ? 7   PRO A CA  1 
ATOM   12   C C   . PRO A 1 11  ? -18.186 -6.014  -6.967  1.00 26.50 ? 7   PRO A C   1 
ATOM   13   O O   . PRO A 1 11  ? -17.514 -6.362  -7.926  1.00 26.15 ? 7   PRO A O   1 
ATOM   14   C CB  . PRO A 1 11  ? -17.025 -4.998  -4.996  1.00 26.74 ? 7   PRO A CB  1 
ATOM   15   C CG  . PRO A 1 11  ? -15.637 -5.072  -5.478  1.00 26.31 ? 7   PRO A CG  1 
ATOM   16   C CD  . PRO A 1 11  ? -15.275 -6.536  -5.407  1.00 26.80 ? 7   PRO A CD  1 
ATOM   17   N N   . LYS A 1 12  ? -19.355 -5.397  -7.090  1.00 26.45 ? 8   LYS A N   1 
ATOM   18   C CA  . LYS A 1 12  ? -19.936 -5.115  -8.405  1.00 26.41 ? 8   LYS A CA  1 
ATOM   19   C C   . LYS A 1 12  ? -19.189 -3.987  -9.114  1.00 25.50 ? 8   LYS A C   1 
ATOM   20   O O   . LYS A 1 12  ? -19.132 -3.943  -10.343 1.00 26.45 ? 8   LYS A O   1 
ATOM   21   C CB  . LYS A 1 12  ? -21.417 -4.763  -8.260  1.00 27.16 ? 8   LYS A CB  1 
ATOM   22   C CG  . LYS A 1 12  ? -22.210 -5.814  -7.484  1.00 28.23 ? 8   LYS A CG  1 
ATOM   23   C CD  . LYS A 1 12  ? -23.698 -5.588  -7.586  1.00 28.61 ? 8   LYS A CD  1 
ATOM   24   C CE  . LYS A 1 12  ? -24.454 -6.378  -6.520  1.00 29.49 ? 8   LYS A CE  1 
ATOM   25   N NZ  . LYS A 1 12  ? -25.903 -6.074  -6.608  1.00 30.01 ? 8   LYS A NZ  1 
ATOM   26   N N   . PHE A 1 13  ? -18.621 -3.081  -8.316  1.00 24.00 ? 9   PHE A N   1 
ATOM   27   C CA  . PHE A 1 13  ? -17.833 -1.969  -8.799  1.00 23.07 ? 9   PHE A CA  1 
ATOM   28   C C   . PHE A 1 13  ? -16.782 -1.682  -7.743  1.00 21.05 ? 9   PHE A C   1 
ATOM   29   O O   . PHE A 1 13  ? -16.898 -2.160  -6.614  1.00 19.99 ? 9   PHE A O   1 
ATOM   30   C CB  . PHE A 1 13  ? -18.713 -0.735  -9.002  1.00 25.33 ? 9   PHE A CB  1 
ATOM   31   C CG  . PHE A 1 13  ? -19.785 -0.920  -10.046 1.00 27.02 ? 9   PHE A CG  1 
ATOM   32   C CD1 . PHE A 1 13  ? -19.474 -0.829  -11.406 1.00 29.64 ? 9   PHE A CD1 1 
ATOM   33   C CD2 . PHE A 1 13  ? -21.090 -1.208  -9.674  1.00 28.90 ? 9   PHE A CD2 1 
ATOM   34   C CE1 . PHE A 1 13  ? -20.458 -1.012  -12.376 1.00 28.87 ? 9   PHE A CE1 1 
ATOM   35   C CE2 . PHE A 1 13  ? -22.086 -1.391  -10.640 1.00 28.73 ? 9   PHE A CE2 1 
ATOM   36   C CZ  . PHE A 1 13  ? -21.765 -1.294  -11.992 1.00 28.84 ? 9   PHE A CZ  1 
ATOM   37   N N   . LEU A 1 14  ? -15.764 -0.926  -8.133  1.00 18.02 ? 10  LEU A N   1 
ATOM   38   C CA  . LEU A 1 14  ? -14.767 -0.407  -7.205  1.00 17.09 ? 10  LEU A CA  1 
ATOM   39   C C   . LEU A 1 14  ? -15.431 0.176   -5.963  1.00 15.74 ? 10  LEU A C   1 
ATOM   40   O O   . LEU A 1 14  ? -16.366 0.964   -6.061  1.00 15.00 ? 10  LEU A O   1 
ATOM   41   C CB  . LEU A 1 14  ? -13.944 0.669   -7.905  1.00 16.37 ? 10  LEU A CB  1 
ATOM   42   C CG  . LEU A 1 14  ? -12.811 1.331   -7.133  1.00 15.74 ? 10  LEU A CG  1 
ATOM   43   C CD1 . LEU A 1 14  ? -11.785 0.280   -6.701  1.00 13.39 ? 10  LEU A CD1 1 
ATOM   44   C CD2 . LEU A 1 14  ? -12.153 2.406   -7.992  1.00 16.95 ? 10  LEU A CD2 1 
ATOM   45   N N   . GLU A 1 15  ? -14.959 -0.224  -4.789  1.00 14.41 ? 11  GLU A N   1 
ATOM   46   C CA  . GLU A 1 15  ? -15.490 0.264   -3.523  1.00 14.74 ? 11  GLU A CA  1 
ATOM   47   C C   . GLU A 1 15  ? -14.336 0.769   -2.697  1.00 13.86 ? 11  GLU A C   1 
ATOM   48   O O   . GLU A 1 15  ? -13.331 0.067   -2.568  1.00 14.21 ? 11  GLU A O   1 
ATOM   49   C CB  . GLU A 1 15  ? -16.187 -0.857  -2.746  1.00 14.60 ? 11  GLU A CB  1 
ATOM   50   C CG  . GLU A 1 15  ? -17.454 -1.360  -3.398  1.00 17.38 ? 11  GLU A CG  1 
ATOM   51   C CD  . GLU A 1 15  ? -18.115 -2.534  -2.669  1.00 18.67 ? 11  GLU A CD  1 
ATOM   52   O OE1 . GLU A 1 15  ? -17.589 -3.028  -1.633  1.00 20.87 ? 11  GLU A OE1 1 
ATOM   53   O OE2 . GLU A 1 15  ? -19.196 -2.946  -3.162  1.00 23.70 ? 11  GLU A OE2 1 
ATOM   54   N N   . TYR A 1 16  ? -14.485 1.966   -2.130  1.00 12.15 ? 12  TYR A N   1 
ATOM   55   C CA  . TYR A 1 16  ? -13.500 2.507   -1.204  1.00 11.76 ? 12  TYR A CA  1 
ATOM   56   C C   . TYR A 1 16  ? -14.050 2.626   0.212   1.00 11.97 ? 12  TYR A C   1 
ATOM   57   O O   . TYR A 1 16  ? -15.237 2.962   0.415   1.00 12.34 ? 12  TYR A O   1 
ATOM   58   C CB  . TYR A 1 16  ? -13.076 3.906   -1.629  1.00 11.36 ? 12  TYR A CB  1 
ATOM   59   C CG  . TYR A 1 16  ? -12.205 4.015   -2.831  1.00 11.57 ? 12  TYR A CG  1 
ATOM   60   C CD1 . TYR A 1 16  ? -10.846 3.769   -2.735  1.00 9.12  ? 12  TYR A CD1 1 
ATOM   61   C CD2 . TYR A 1 16  ? -12.721 4.449   -4.066  1.00 11.21 ? 12  TYR A CD2 1 
ATOM   62   C CE1 . TYR A 1 16  ? -10.018 3.909   -3.841  1.00 10.17 ? 12  TYR A CE1 1 
ATOM   63   C CE2 . TYR A 1 16  ? -11.924 4.568   -5.163  1.00 12.00 ? 12  TYR A CE2 1 
ATOM   64   C CZ  . TYR A 1 16  ? -10.552 4.311   -5.050  1.00 11.63 ? 12  TYR A CZ  1 
ATOM   65   O OH  . TYR A 1 16  ? -9.723  4.475   -6.142  1.00 12.02 ? 12  TYR A OH  1 
ATOM   66   N N   . LYS A 1 17  ? -13.164 2.371   1.166   1.00 11.02 ? 13  LYS A N   1 
ATOM   67   C CA  . LYS A 1 17  ? -13.323 2.688   2.577   1.00 11.69 ? 13  LYS A CA  1 
ATOM   68   C C   . LYS A 1 17  ? -12.139 3.572   2.980   1.00 11.36 ? 13  LYS A C   1 
ATOM   69   O O   . LYS A 1 17  ? -11.110 3.608   2.312   1.00 9.60  ? 13  LYS A O   1 
ATOM   70   C CB  . LYS A 1 17  ? -13.312 1.410   3.432   1.00 12.39 ? 13  LYS A CB  1 
ATOM   71   C CG  . LYS A 1 17  ? -14.486 0.446   3.238   1.00 15.03 ? 13  LYS A CG  1 
ATOM   72   C CD  . LYS A 1 17  ? -14.179 -0.900  3.928   1.00 15.17 ? 13  LYS A CD  1 
ATOM   73   C CE  . LYS A 1 17  ? -15.288 -1.952  3.769   1.00 17.12 ? 13  LYS A CE  1 
ATOM   74   N NZ  . LYS A 1 17  ? -16.529 -1.638  4.552   1.00 18.07 ? 13  LYS A NZ  1 
ATOM   75   N N   . THR A 1 18  ? -12.263 4.245   4.114   1.00 11.09 ? 14  THR A N   1 
ATOM   76   C CA  . THR A 1 18  ? -11.155 5.012   4.642   1.00 10.87 ? 14  THR A CA  1 
ATOM   77   C C   . THR A 1 18  ? -10.962 4.769   6.139   1.00 10.84 ? 14  THR A C   1 
ATOM   78   O O   . THR A 1 18  ? -11.912 4.444   6.870   1.00 10.26 ? 14  THR A O   1 
ATOM   79   C CB  . THR A 1 18  ? -11.351 6.508   4.397   1.00 11.28 ? 14  THR A CB  1 
ATOM   80   O OG1 . THR A 1 18  ? -12.543 6.939   5.056   1.00 12.61 ? 14  THR A OG1 1 
ATOM   81   C CG2 . THR A 1 18  ? -11.471 6.839   2.893   1.00 11.50 ? 14  THR A CG2 1 
ATOM   82   N N   . CYS A 1 19  ? -9.735  4.985   6.598   1.00 10.09 ? 15  CYS A N   1 
ATOM   83   C CA  . CYS A 1 19  ? -9.451  4.974   8.021   1.00 9.92  ? 15  CYS A CA  1 
ATOM   84   C C   . CYS A 1 19  ? -8.293  5.901   8.353   1.00 10.25 ? 15  CYS A C   1 
ATOM   85   O O   . CYS A 1 19  ? -7.233  5.846   7.709   1.00 9.80  ? 15  CYS A O   1 
ATOM   86   C CB  . CYS A 1 19  ? -9.159  3.555   8.497   1.00 10.24 ? 15  CYS A CB  1 
ATOM   87   S SG  . CYS A 1 19  ? -8.822  3.416   10.275  1.00 10.99 ? 15  CYS A SG  1 
ATOM   88   N N   . VAL A 1 20  ? -8.505  6.782   9.339   1.00 10.40 ? 16  VAL A N   1 
ATOM   89   C CA  . VAL A 1 20  ? -7.465  7.654   9.822   1.00 10.27 ? 16  VAL A CA  1 
ATOM   90   C C   . VAL A 1 20  ? -7.127  7.159   11.208  1.00 10.21 ? 16  VAL A C   1 
ATOM   91   O O   . VAL A 1 20  ? -7.949  7.250   12.120  1.00 10.46 ? 16  VAL A O   1 
ATOM   92   C CB  . VAL A 1 20  ? -7.917  9.102   9.921   1.00 10.56 ? 16  VAL A CB  1 
ATOM   93   C CG1 . VAL A 1 20  ? -6.840  9.944   10.551  1.00 12.23 ? 16  VAL A CG1 1 
ATOM   94   C CG2 . VAL A 1 20  ? -8.368  9.655   8.515   1.00 11.52 ? 16  VAL A CG2 1 
ATOM   95   N N   . GLY A 1 21  ? -5.946  6.594   11.358  1.00 10.06 ? 17  GLY A N   1 
ATOM   96   C CA  . GLY A 1 21  ? -5.564  5.971   12.615  1.00 9.62  ? 17  GLY A CA  1 
ATOM   97   C C   . GLY A 1 21  ? -4.318  5.138   12.494  1.00 9.70  ? 17  GLY A C   1 
ATOM   98   O O   . GLY A 1 21  ? -3.811  4.925   11.390  1.00 9.68  ? 17  GLY A O   1 
ATOM   99   N N   . ASP A 1 22  ? -3.817  4.697   13.648  1.00 9.96  ? 18  ASP A N   1 
ATOM   100  C CA  . ASP A 1 22  ? -2.716  3.758   13.737  1.00 9.85  ? 18  ASP A CA  1 
ATOM   101  C C   . ASP A 1 22  ? -3.003  2.492   12.948  1.00 9.42  ? 18  ASP A C   1 
ATOM   102  O O   . ASP A 1 22  ? -4.153  2.094   12.785  1.00 9.19  ? 18  ASP A O   1 
ATOM   103  C CB  . ASP A 1 22  ? -2.463  3.374   15.201  1.00 10.32 ? 18  ASP A CB  1 
ATOM   104  C CG  . ASP A 1 22  ? -1.237  2.491   15.391  1.00 11.67 ? 18  ASP A CG  1 
ATOM   105  O OD1 . ASP A 1 22  ? -0.115  3.007   15.202  1.00 13.87 ? 18  ASP A OD1 1 
ATOM   106  O OD2 . ASP A 1 22  ? -1.390  1.301   15.752  1.00 12.01 ? 18  ASP A OD2 1 
ATOM   107  N N   . LEU A 1 23  ? -1.935  1.846   12.490  1.00 9.93  ? 19  LEU A N   1 
ATOM   108  C CA  . LEU A 1 23  ? -2.064  0.606   11.743  1.00 9.47  ? 19  LEU A CA  1 
ATOM   109  C C   . LEU A 1 23  ? -2.921  -0.451  12.470  1.00 9.40  ? 19  LEU A C   1 
ATOM   110  O O   . LEU A 1 23  ? -3.649  -1.210  11.818  1.00 8.97  ? 19  LEU A O   1 
ATOM   111  C CB  . LEU A 1 23  ? -0.684  0.009   11.441  1.00 10.40 ? 19  LEU A CB  1 
ATOM   112  C CG  . LEU A 1 23  ? -0.717  -1.185  10.500  1.00 10.90 ? 19  LEU A CG  1 
ATOM   113  C CD1 . LEU A 1 23  ? -1.148  -0.771  9.076   1.00 11.04 ? 19  LEU A CD1 1 
ATOM   114  C CD2 . LEU A 1 23  ? 0.639   -1.908  10.497  1.00 11.54 ? 19  LEU A CD2 1 
ATOM   115  N N   . THR A 1 24  ? -2.858  -0.493  13.806  1.00 9.70  ? 20  THR A N   1 
ATOM   116  C CA  . THR A 1 24  ? -3.639  -1.486  14.553  1.00 9.37  ? 20  THR A CA  1 
ATOM   117  C C   . THR A 1 24  ? -5.144  -1.290  14.344  1.00 9.11  ? 20  THR A C   1 
ATOM   118  O O   . THR A 1 24  ? -5.909  -2.243  14.263  1.00 10.10 ? 20  THR A O   1 
ATOM   119  C CB  . THR A 1 24  ? -3.331  -1.471  16.050  1.00 9.26  ? 20  THR A CB  1 
ATOM   120  O OG1 . THR A 1 24  ? -3.518  -0.152  16.575  1.00 10.07 ? 20  THR A OG1 1 
ATOM   121  C CG2 . THR A 1 24  ? -1.901  -1.961  16.309  1.00 10.90 ? 20  THR A CG2 1 
ATOM   122  N N   . VAL A 1 25  ? -5.541  -0.035  14.240  1.00 8.63  ? 21  VAL A N   1 
ATOM   123  C CA  . VAL A 1 25  ? -6.940  0.323   13.979  1.00 8.80  ? 21  VAL A CA  1 
ATOM   124  C C   . VAL A 1 25  ? -7.337  -0.075  12.559  1.00 8.61  ? 21  VAL A C   1 
ATOM   125  O O   . VAL A 1 25  ? -8.373  -0.658  12.324  1.00 9.25  ? 21  VAL A O   1 
ATOM   126  C CB  . VAL A 1 25  ? -7.184  1.814   14.183  1.00 8.51  ? 21  VAL A CB  1 
ATOM   127  C CG1 . VAL A 1 25  ? -8.676  2.144   13.997  1.00 8.96  ? 21  VAL A CG1 1 
ATOM   128  C CG2 . VAL A 1 25  ? -6.665  2.283   15.553  1.00 9.58  ? 21  VAL A CG2 1 
ATOM   129  N N   . VAL A 1 26  ? -6.488  0.286   11.606  1.00 8.65  ? 22  VAL A N   1 
ATOM   130  C CA  . VAL A 1 26  ? -6.702  -0.040  10.209  1.00 8.38  ? 22  VAL A CA  1 
ATOM   131  C C   . VAL A 1 26  ? -6.870  -1.531  9.997   1.00 8.17  ? 22  VAL A C   1 
ATOM   132  O O   . VAL A 1 26  ? -7.805  -1.961  9.326   1.00 8.74  ? 22  VAL A O   1 
ATOM   133  C CB  . VAL A 1 26  ? -5.528  0.479   9.368   1.00 8.35  ? 22  VAL A CB  1 
ATOM   134  C CG1 . VAL A 1 26  ? -5.680  0.067   7.869   1.00 9.51  ? 22  VAL A CG1 1 
ATOM   135  C CG2 . VAL A 1 26  ? -5.412  2.009   9.527   1.00 8.86  ? 22  VAL A CG2 1 
ATOM   136  N N   . ILE A 1 27  ? -5.966  -2.312  10.574  1.00 8.09  ? 23  ILE A N   1 
ATOM   137  C CA  . ILE A 1 27  ? -5.996  -3.757  10.415  1.00 8.88  ? 23  ILE A CA  1 
ATOM   138  C C   . ILE A 1 27  ? -7.220  -4.352  11.129  1.00 8.88  ? 23  ILE A C   1 
ATOM   139  O O   . ILE A 1 27  ? -7.868  -5.222  10.596  1.00 8.88  ? 23  ILE A O   1 
ATOM   140  C CB  . ILE A 1 27  ? -4.674  -4.430  10.850  1.00 9.16  ? 23  ILE A CB  1 
ATOM   141  C CG1 . ILE A 1 27  ? -3.555  -4.022  9.888   1.00 10.61 ? 23  ILE A CG1 1 
ATOM   142  C CG2 . ILE A 1 27  ? -4.857  -5.945  10.876  1.00 9.30  ? 23  ILE A CG2 1 
ATOM   143  C CD1 . ILE A 1 27  ? -2.215  -4.660  10.167  1.00 10.69 ? 23  ILE A CD1 1 
ATOM   144  N N   . ALA A 1 28  ? -7.573  -3.864  12.311  1.00 9.17  ? 24  ALA A N   1 
ATOM   145  C CA  . ALA A 1 28  ? -8.799  -4.346  12.945  1.00 8.80  ? 24  ALA A CA  1 
ATOM   146  C C   . ALA A 1 28  ? -10.015 -4.091  12.044  1.00 8.64  ? 24  ALA A C   1 
ATOM   147  O O   . ALA A 1 28  ? -10.894 -4.944  11.895  1.00 9.07  ? 24  ALA A O   1 
ATOM   148  C CB  . ALA A 1 28  ? -9.000  -3.662  14.280  1.00 7.93  ? 24  ALA A CB  1 
ATOM   149  N N   . LYS A 1 29  ? -10.049 -2.921  11.430  1.00 8.10  ? 25  LYS A N   1 
ATOM   150  C CA  . LYS A 1 29  ? -11.157 -2.539  10.566  1.00 8.76  ? 25  LYS A CA  1 
ATOM   151  C C   . LYS A 1 29  ? -11.190 -3.459  9.347   1.00 8.65  ? 25  LYS A C   1 
ATOM   152  O O   . LYS A 1 29  ? -12.221 -3.979  8.977   1.00 9.65  ? 25  LYS A O   1 
ATOM   153  C CB  . LYS A 1 29  ? -11.031 -1.081  10.120  1.00 8.65  ? 25  LYS A CB  1 
ATOM   154  C CG  . LYS A 1 29  ? -12.201 -0.614  9.297   1.00 9.52  ? 25  LYS A CG  1 
ATOM   155  C CD  . LYS A 1 29  ? -11.981 0.812   8.830   1.00 10.40 ? 25  LYS A CD  1 
ATOM   156  C CE  . LYS A 1 29  ? -13.102 1.308   7.916   1.00 13.46 ? 25  LYS A CE  1 
ATOM   157  N NZ  . LYS A 1 29  ? -14.369 1.432   8.693   1.00 14.29 ? 25  LYS A NZ  1 
ATOM   158  N N   . ALA A 1 30  ? -10.028 -3.682  8.740   1.00 9.23  ? 26  ALA A N   1 
ATOM   159  C CA  . ALA A 1 30  ? -9.970  -4.546  7.565   1.00 9.44  ? 26  ALA A CA  1 
ATOM   160  C C   . ALA A 1 30  ? -10.364 -5.982  7.905   1.00 9.68  ? 26  ALA A C   1 
ATOM   161  O O   . ALA A 1 30  ? -11.080 -6.643  7.146   1.00 10.08 ? 26  ALA A O   1 
ATOM   162  C CB  . ALA A 1 30  ? -8.564  -4.508  6.948   1.00 9.78  ? 26  ALA A CB  1 
ATOM   163  N N   . LEU A 1 31  ? -9.872  -6.488  9.024   1.00 9.87  ? 27  LEU A N   1 
ATOM   164  C CA  . LEU A 1 31  ? -10.227 -7.842  9.433   1.00 10.47 ? 27  LEU A CA  1 
ATOM   165  C C   . LEU A 1 31  ? -11.742 -7.964  9.609   1.00 10.87 ? 27  LEU A C   1 
ATOM   166  O O   . LEU A 1 31  ? -12.352 -8.931  9.158   1.00 12.34 ? 27  LEU A O   1 
ATOM   167  C CB  . LEU A 1 31  ? -9.488  -8.266  10.706  1.00 10.55 ? 27  LEU A CB  1 
ATOM   168  C CG  . LEU A 1 31  ? -8.017  -8.609  10.517  1.00 11.43 ? 27  LEU A CG  1 
ATOM   169  C CD1 . LEU A 1 31  ? -7.244  -8.603  11.836  1.00 13.65 ? 27  LEU A CD1 1 
ATOM   170  C CD2 . LEU A 1 31  ? -7.898  -9.971  9.777   1.00 12.39 ? 27  LEU A CD2 1 
ATOM   171  N N   . ASP A 1 32  ? -12.351 -6.969  10.230  1.00 10.46 ? 28  ASP A N   1 
ATOM   172  C CA  . ASP A 1 32  ? -13.785 -7.018  10.467  1.00 11.34 ? 28  ASP A CA  1 
ATOM   173  C C   . ASP A 1 32  ? -14.598 -6.887  9.182   1.00 11.68 ? 28  ASP A C   1 
ATOM   174  O O   . ASP A 1 32  ? -15.572 -7.614  8.982   1.00 12.73 ? 28  ASP A O   1 
ATOM   175  C CB  . ASP A 1 32  ? -14.237 -5.918  11.421  1.00 11.57 ? 28  ASP A CB  1 
ATOM   176  C CG  . ASP A 1 32  ? -15.722 -5.998  11.685  1.00 11.86 ? 28  ASP A CG  1 
ATOM   177  O OD1 . ASP A 1 32  ? -16.123 -7.000  12.330  1.00 13.72 ? 28  ASP A OD1 1 
ATOM   178  O OD2 . ASP A 1 32  ? -16.485 -5.120  11.216  1.00 11.61 ? 28  ASP A OD2 1 
ATOM   179  N N   . GLU A 1 33  ? -14.187 -5.956  8.317   1.00 11.38 ? 29  GLU A N   1 
ATOM   180  C CA  . GLU A 1 33  ? -15.023 -5.523  7.197   1.00 11.58 ? 29  GLU A CA  1 
ATOM   181  C C   . GLU A 1 33  ? -14.698 -6.259  5.902   1.00 12.48 ? 29  GLU A C   1 
ATOM   182  O O   . GLU A 1 33  ? -15.566 -6.432  5.073   1.00 13.91 ? 29  GLU A O   1 
ATOM   183  C CB  . GLU A 1 33  ? -14.954 -4.004  7.008   1.00 11.59 ? 29  GLU A CB  1 
ATOM   184  C CG  . GLU A 1 33  ? -15.409 -3.256  8.266   1.00 12.43 ? 29  GLU A CG  1 
ATOM   185  C CD  . GLU A 1 33  ? -15.450 -1.766  8.141   1.00 12.65 ? 29  GLU A CD  1 
ATOM   186  O OE1 . GLU A 1 33  ? -15.367 -1.230  7.020   1.00 12.57 ? 29  GLU A OE1 1 
ATOM   187  O OE2 . GLU A 1 33  ? -15.604 -1.104  9.182   1.00 13.46 ? 29  GLU A OE2 1 
ATOM   188  N N   . PHE A 1 34  ? -13.446 -6.669  5.727   1.00 11.74 ? 30  PHE A N   1 
ATOM   189  C CA  . PHE A 1 34  ? -13.060 -7.430  4.539   1.00 12.47 ? 30  PHE A CA  1 
ATOM   190  C C   . PHE A 1 34  ? -12.920 -8.934  4.773   1.00 12.90 ? 30  PHE A C   1 
ATOM   191  O O   . PHE A 1 34  ? -13.066 -9.715  3.822   1.00 13.62 ? 30  PHE A O   1 
ATOM   192  C CB  . PHE A 1 34  ? -11.698 -6.954  4.023   1.00 12.30 ? 30  PHE A CB  1 
ATOM   193  C CG  . PHE A 1 34  ? -11.697 -5.593  3.380   1.00 11.90 ? 30  PHE A CG  1 
ATOM   194  C CD1 . PHE A 1 34  ? -12.836 -5.045  2.818   1.00 12.35 ? 30  PHE A CD1 1 
ATOM   195  C CD2 . PHE A 1 34  ? -10.503 -4.891  3.266   1.00 11.85 ? 30  PHE A CD2 1 
ATOM   196  C CE1 . PHE A 1 34  ? -12.800 -3.800  2.180   1.00 12.91 ? 30  PHE A CE1 1 
ATOM   197  C CE2 . PHE A 1 34  ? -10.455 -3.678  2.629   1.00 12.03 ? 30  PHE A CE2 1 
ATOM   198  C CZ  . PHE A 1 34  ? -11.591 -3.126  2.089   1.00 11.86 ? 30  PHE A CZ  1 
ATOM   199  N N   . LYS A 1 35  ? -12.540 -9.304  6.002   1.00 12.99 ? 31  LYS A N   1 
ATOM   200  C CA  . LYS A 1 35  ? -12.282 -10.669 6.456   1.00 14.49 ? 31  LYS A CA  1 
ATOM   201  C C   . LYS A 1 35  ? -10.925 -11.179 6.002   1.00 13.98 ? 31  LYS A C   1 
ATOM   202  O O   . LYS A 1 35  ? -10.172 -11.760 6.800   1.00 14.97 ? 31  LYS A O   1 
ATOM   203  C CB  . LYS A 1 35  ? -13.386 -11.651 6.048   1.00 15.20 ? 31  LYS A CB  1 
ATOM   204  C CG  . LYS A 1 35  ? -14.837 -11.230 6.409   1.00 18.18 ? 31  LYS A CG  1 
ATOM   205  C CD  . LYS A 1 35  ? -14.955 -10.735 7.839   1.00 20.60 ? 31  LYS A CD  1 
ATOM   206  C CE  . LYS A 1 35  ? -16.408 -10.589 8.291   1.00 21.80 ? 31  LYS A CE  1 
ATOM   207  N NZ  . LYS A 1 35  ? -16.502 -10.073 9.711   1.00 23.24 ? 31  LYS A NZ  1 
ATOM   208  N N   . GLU A 1 36  ? -10.647 -11.021 4.715   1.00 14.10 ? 32  GLU A N   1 
ATOM   209  C CA  . GLU A 1 36  ? -9.345  -11.342 4.146   1.00 13.90 ? 32  GLU A CA  1 
ATOM   210  C C   . GLU A 1 36  ? -8.957  -10.273 3.149   1.00 12.24 ? 32  GLU A C   1 
ATOM   211  O O   . GLU A 1 36  ? -9.799  -9.746  2.419   1.00 11.39 ? 32  GLU A O   1 
ATOM   212  C CB  . GLU A 1 36  ? -9.370  -12.712 3.475   1.00 14.87 ? 32  GLU A CB  1 
ATOM   213  C CG  . GLU A 1 36  ? -10.203 -12.790 2.220   1.00 18.28 ? 32  GLU A CG  1 
ATOM   214  C CD  . GLU A 1 36  ? -10.131 -14.154 1.530   1.00 19.46 ? 32  GLU A CD  1 
ATOM   215  O OE1 . GLU A 1 36  ? -9.601  -15.116 2.134   1.00 26.91 ? 32  GLU A OE1 1 
ATOM   216  O OE2 . GLU A 1 36  ? -10.618 -14.254 0.385   1.00 27.74 ? 32  GLU A OE2 1 
ATOM   217  N N   . PHE A 1 37  ? -7.680  -9.924  3.148   1.00 10.40 ? 33  PHE A N   1 
ATOM   218  C CA  . PHE A 1 37  ? -7.216  -8.807  2.333   1.00 9.59  ? 33  PHE A CA  1 
ATOM   219  C C   . PHE A 1 37  ? -5.714  -8.820  2.220   1.00 9.44  ? 33  PHE A C   1 
ATOM   220  O O   . PHE A 1 37  ? -5.012  -9.460  2.998   1.00 8.62  ? 33  PHE A O   1 
ATOM   221  C CB  . PHE A 1 37  ? -7.634  -7.477  2.972   1.00 9.29  ? 33  PHE A CB  1 
ATOM   222  C CG  . PHE A 1 37  ? -7.140  -7.317  4.384   1.00 9.67  ? 33  PHE A CG  1 
ATOM   223  C CD1 . PHE A 1 37  ? -5.967  -6.624  4.639   1.00 10.87 ? 33  PHE A CD1 1 
ATOM   224  C CD2 . PHE A 1 37  ? -7.811  -7.892  5.441   1.00 10.95 ? 33  PHE A CD2 1 
ATOM   225  C CE1 . PHE A 1 37  ? -5.479  -6.501  5.923   1.00 11.27 ? 33  PHE A CE1 1 
ATOM   226  C CE2 . PHE A 1 37  ? -7.331  -7.768  6.737   1.00 10.09 ? 33  PHE A CE2 1 
ATOM   227  C CZ  . PHE A 1 37  ? -6.189  -7.085  6.980   1.00 10.61 ? 33  PHE A CZ  1 
ATOM   228  N N   . CYS A 1 38  ? -5.229  -8.069  1.243   1.00 8.51  ? 34  CYS A N   1 
ATOM   229  C CA  . CYS A 1 38  ? -3.803  -7.785  1.098   1.00 8.98  ? 34  CYS A CA  1 
ATOM   230  C C   . CYS A 1 38  ? -3.510  -6.448  1.748   1.00 9.37  ? 34  CYS A C   1 
ATOM   231  O O   . CYS A 1 38  ? -4.264  -5.499  1.515   1.00 8.10  ? 34  CYS A O   1 
ATOM   232  C CB  . CYS A 1 38  ? -3.466  -7.691  -0.388  1.00 9.20  ? 34  CYS A CB  1 
ATOM   233  S SG  . CYS A 1 38  ? -1.881  -6.923  -0.820  1.00 10.15 ? 34  CYS A SG  1 
ATOM   234  N N   . ILE A 1 39  ? -2.431  -6.374  2.524   1.00 9.45  ? 35  ILE A N   1 
ATOM   235  C CA  . ILE A 1 39  ? -1.922  -5.092  2.977   1.00 9.97  ? 35  ILE A CA  1 
ATOM   236  C C   . ILE A 1 39  ? -0.777  -4.653  2.067   1.00 9.34  ? 35  ILE A C   1 
ATOM   237  O O   . ILE A 1 39  ? 0.141   -5.417  1.769   1.00 8.24  ? 35  ILE A O   1 
ATOM   238  C CB  . ILE A 1 39  ? -1.503  -5.076  4.466   1.00 10.49 ? 35  ILE A CB  1 
ATOM   239  C CG1 . ILE A 1 39  ? -1.216  -3.621  4.885   1.00 11.57 ? 35  ILE A CG1 1 
ATOM   240  C CG2 . ILE A 1 39  ? -0.354  -5.994  4.737   1.00 10.94 ? 35  ILE A CG2 1 
ATOM   241  C CD1 . ILE A 1 39  ? -1.328  -3.378  6.328   1.00 12.95 ? 35  ILE A CD1 1 
ATOM   242  N N   . VAL A 1 40  ? -0.863  -3.400  1.625   1.00 9.28  ? 36  VAL A N   1 
ATOM   243  C CA  . VAL A 1 40  ? 0.178   -2.802  0.827   1.00 9.23  ? 36  VAL A CA  1 
ATOM   244  C C   . VAL A 1 40  ? 1.178   -2.084  1.723   1.00 8.57  ? 36  VAL A C   1 
ATOM   245  O O   . VAL A 1 40  ? 0.784   -1.312  2.592   1.00 8.37  ? 36  VAL A O   1 
ATOM   246  C CB  . VAL A 1 40  ? -0.417  -1.794  -0.169  1.00 9.11  ? 36  VAL A CB  1 
ATOM   247  C CG1 . VAL A 1 40  ? 0.713   -0.989  -0.867  1.00 9.70  ? 36  VAL A CG1 1 
ATOM   248  C CG2 . VAL A 1 40  ? -1.292  -2.525  -1.189  1.00 10.21 ? 36  VAL A CG2 1 
ATOM   249  N N   . ASN A 1 41  ? 2.466   -2.340  1.495   1.00 8.36  ? 37  ASN A N   1 
ATOM   250  C CA  . ASN A 1 41  ? 3.533   -1.662  2.213   1.00 9.08  ? 37  ASN A CA  1 
ATOM   251  C C   . ASN A 1 41  ? 4.238   -0.678  1.295   1.00 9.05  ? 37  ASN A C   1 
ATOM   252  O O   . ASN A 1 41  ? 4.475   -0.978  0.123   1.00 9.39  ? 37  ASN A O   1 
ATOM   253  C CB  . ASN A 1 41  ? 4.511   -2.688  2.772   1.00 9.20  ? 37  ASN A CB  1 
ATOM   254  C CG  . ASN A 1 41  ? 5.591   -2.067  3.626   1.00 9.37  ? 37  ASN A CG  1 
ATOM   255  O OD1 . ASN A 1 41  ? 5.426   -0.975  4.190   1.00 10.25 ? 37  ASN A OD1 1 
ATOM   256  N ND2 . ASN A 1 41  ? 6.699   -2.778  3.760   1.00 9.17  ? 37  ASN A ND2 1 
ATOM   257  N N   . ALA A 1 42  ? 4.505   0.521   1.822   1.00 9.20  ? 38  ALA A N   1 
ATOM   258  C CA  . ALA A 1 42  ? 5.231   1.548   1.091   1.00 9.59  ? 38  ALA A CA  1 
ATOM   259  C C   . ALA A 1 42  ? 6.692   1.248   1.368   1.00 9.42  ? 38  ALA A C   1 
ATOM   260  O O   . ALA A 1 42  ? 7.270   1.700   2.368   1.00 10.21 ? 38  ALA A O   1 
ATOM   261  C CB  . ALA A 1 42  ? 4.802   2.954   1.563   1.00 10.25 ? 38  ALA A CB  1 
ATOM   262  N N   . ALA A 1 43  ? 7.252   0.385   0.522   1.00 9.54  ? 39  ALA A N   1 
ATOM   263  C CA  . ALA A 1 43  ? 8.531   -0.236  0.754   1.00 9.35  ? 39  ALA A CA  1 
ATOM   264  C C   . ALA A 1 43  ? 9.648   0.540   0.095   1.00 9.59  ? 39  ALA A C   1 
ATOM   265  O O   . ALA A 1 43  ? 9.398   1.498   -0.665  1.00 9.95  ? 39  ALA A O   1 
ATOM   266  C CB  . ALA A 1 43  ? 8.518   -1.679  0.202   1.00 10.21 ? 39  ALA A CB  1 
ATOM   267  N N   . ASN A 1 44  ? 10.861  0.097   0.417   1.00 10.55 ? 40  ASN A N   1 
ATOM   268  C CA  . ASN A 1 44  ? 12.094  0.446   -0.271  1.00 10.87 ? 40  ASN A CA  1 
ATOM   269  C C   . ASN A 1 44  ? 12.610  -0.771  -1.014  1.00 11.55 ? 40  ASN A C   1 
ATOM   270  O O   . ASN A 1 44  ? 12.132  -1.897  -0.828  1.00 10.84 ? 40  ASN A O   1 
ATOM   271  C CB  . ASN A 1 44  ? 13.140  1.046   0.698   1.00 11.18 ? 40  ASN A CB  1 
ATOM   272  C CG  . ASN A 1 44  ? 13.611  0.092   1.775   1.00 11.85 ? 40  ASN A CG  1 
ATOM   273  O OD1 . ASN A 1 44  ? 13.780  -1.091  1.544   1.00 15.09 ? 40  ASN A OD1 1 
ATOM   274  N ND2 . ASN A 1 44  ? 13.848  0.621   2.979   1.00 14.38 ? 40  ASN A ND2 1 
ATOM   275  N N   . GLU A 1 45  ? 13.578  -0.571  -1.883  1.00 11.22 ? 41  GLU A N   1 
ATOM   276  C CA  . GLU A 1 45  ? 13.940  -1.652  -2.783  1.00 11.87 ? 41  GLU A CA  1 
ATOM   277  C C   . GLU A 1 45  ? 14.717  -2.781  -2.096  1.00 10.93 ? 41  GLU A C   1 
ATOM   278  O O   . GLU A 1 45  ? 14.711  -3.906  -2.607  1.00 10.09 ? 41  GLU A O   1 
ATOM   279  C CB  . GLU A 1 45  ? 14.641  -1.112  -4.031  1.00 12.30 ? 41  GLU A CB  1 
ATOM   280  C CG  . GLU A 1 45  ? 15.996  -0.514  -3.785  1.00 13.59 ? 41  GLU A CG  1 
ATOM   281  C CD  . GLU A 1 45  ? 16.633  0.018   -5.055  1.00 14.68 ? 41  GLU A CD  1 
ATOM   282  O OE1 . GLU A 1 45  ? 16.073  -0.204  -6.156  1.00 16.09 ? 41  GLU A OE1 1 
ATOM   283  O OE2 . GLU A 1 45  ? 17.706  0.661   -4.931  1.00 14.19 ? 41  GLU A OE2 1 
ATOM   284  N N   . HIS A 1 46  ? 15.368  -2.532  -0.945  1.00 11.15 ? 42  HIS A N   1 
ATOM   285  C CA  . HIS A 1 46  ? 15.984  -3.634  -0.207  1.00 12.09 ? 42  HIS A CA  1 
ATOM   286  C C   . HIS A 1 46  ? 15.023  -4.261  0.783   1.00 11.36 ? 42  HIS A C   1 
ATOM   287  O O   . HIS A 1 46  ? 15.413  -5.141  1.534   1.00 12.63 ? 42  HIS A O   1 
ATOM   288  C CB  . HIS A 1 46  ? 17.274  -3.209  0.519   1.00 12.12 ? 42  HIS A CB  1 
ATOM   289  C CG  . HIS A 1 46  ? 18.399  -2.899  -0.417  1.00 12.71 ? 42  HIS A CG  1 
ATOM   290  N ND1 . HIS A 1 46  ? 18.547  -1.665  -1.005  1.00 15.06 ? 42  HIS A ND1 1 
ATOM   291  C CD2 . HIS A 1 46  ? 19.396  -3.671  -0.901  1.00 13.61 ? 42  HIS A CD2 1 
ATOM   292  C CE1 . HIS A 1 46  ? 19.617  -1.681  -1.789  1.00 14.41 ? 42  HIS A CE1 1 
ATOM   293  N NE2 . HIS A 1 46  ? 20.144  -2.889  -1.750  1.00 14.89 ? 42  HIS A NE2 1 
ATOM   294  N N   . MET A 1 47  ? 13.769  -3.787  0.794   1.00 11.09 ? 43  MET A N   1 
ATOM   295  C CA  . MET A 1 47  ? 12.742  -4.360  1.642   1.00 11.75 ? 43  MET A CA  1 
ATOM   296  C C   . MET A 1 47  ? 13.151  -4.398  3.116   1.00 12.21 ? 43  MET A C   1 
ATOM   297  O O   . MET A 1 47  ? 12.882  -5.398  3.805   1.00 12.55 ? 43  MET A O   1 
ATOM   298  C CB  . MET A 1 47  ? 12.400  -5.774  1.152   1.00 11.63 ? 43  MET A CB  1 
ATOM   299  C CG  . MET A 1 47  ? 11.912  -5.830  -0.274  1.00 9.95  ? 43  MET A CG  1 
ATOM   300  S SD  . MET A 1 47  ? 10.231  -5.113  -0.398  1.00 10.14 ? 43  MET A SD  1 
ATOM   301  C CE  . MET A 1 47  ? 10.176  -4.556  -2.101  1.00 11.09 ? 43  MET A CE  1 
ATOM   302  N N   . THR A 1 48  ? 13.756  -3.317  3.612   1.00 12.14 ? 44  THR A N   1 
ATOM   303  C CA  . THR A 1 48  ? 14.219  -3.286  5.014   1.00 13.45 ? 44  THR A CA  1 
ATOM   304  C C   . THR A 1 48  ? 13.297  -2.707  6.128   1.00 15.18 ? 44  THR A C   1 
ATOM   305  O O   . THR A 1 48  ? 13.511  -2.976  7.314   1.00 18.20 ? 44  THR A O   1 
ATOM   306  C CB  . THR A 1 48  ? 15.616  -2.663  5.102   1.00 13.63 ? 44  THR A CB  1 
ATOM   307  O OG1 . THR A 1 48  ? 15.600  -1.379  4.465   1.00 14.68 ? 44  THR A OG1 1 
ATOM   308  C CG2 . THR A 1 48  ? 16.632  -3.588  4.428   1.00 15.25 ? 44  THR A CG2 1 
ATOM   309  N N   . HIS A 1 49  ? 12.297  -1.935  5.783   1.00 15.97 ? 45  HIS A N   1 
ATOM   310  C CA  . HIS A 1 49  ? 11.227  -1.607  6.754   1.00 14.22 ? 45  HIS A CA  1 
ATOM   311  C C   . HIS A 1 49  ? 11.664  -0.857  8.025   1.00 14.68 ? 45  HIS A C   1 
ATOM   312  O O   . HIS A 1 49  ? 11.137  -1.090  9.114   1.00 14.77 ? 45  HIS A O   1 
ATOM   313  C CB  . HIS A 1 49  ? 10.435  -2.866  7.173   1.00 14.19 ? 45  HIS A CB  1 
ATOM   314  C CG  . HIS A 1 49  ? 10.119  -3.791  6.048   1.00 14.04 ? 45  HIS A CG  1 
ATOM   315  N ND1 . HIS A 1 49  ? 9.662   -3.353  4.821   1.00 14.99 ? 45  HIS A ND1 1 
ATOM   316  C CD2 . HIS A 1 49  ? 10.190  -5.142  5.966   1.00 13.48 ? 45  HIS A CD2 1 
ATOM   317  C CE1 . HIS A 1 49  ? 9.475   -4.396  4.032   1.00 13.21 ? 45  HIS A CE1 1 
ATOM   318  N NE2 . HIS A 1 49  ? 9.772   -5.491  4.710   1.00 13.25 ? 45  HIS A NE2 1 
ATOM   319  N N   . GLY A 1 50  ? 12.612  0.062   7.876   1.00 14.58 ? 46  GLY A N   1 
ATOM   320  C CA  . GLY A 1 50  ? 13.175  0.775   9.022   1.00 15.50 ? 46  GLY A CA  1 
ATOM   321  C C   . GLY A 1 50  ? 12.516  2.069   9.442   1.00 15.69 ? 46  GLY A C   1 
ATOM   322  O O   . GLY A 1 50  ? 12.927  2.651   10.441  1.00 16.30 ? 46  GLY A O   1 
ATOM   323  N N   . SER A 1 51  ? 11.499  2.523   8.717   1.00 15.47 ? 47  SER A N   1 
ATOM   324  C CA  . SER A 1 51  ? 10.761  3.728   9.138   1.00 15.65 ? 47  SER A CA  1 
ATOM   325  C C   . SER A 1 51  ? 9.364   3.780   8.528   1.00 15.73 ? 47  SER A C   1 
ATOM   326  O O   . SER A 1 51  ? 9.017   2.975   7.669   1.00 15.97 ? 47  SER A O   1 
ATOM   327  C CB  . SER A 1 51  ? 11.530  4.998   8.759   1.00 16.25 ? 47  SER A CB  1 
ATOM   328  O OG  . SER A 1 51  ? 11.584  5.143   7.360   1.00 17.48 ? 47  SER A OG  1 
ATOM   329  N N   . GLY A 1 52  ? 8.561   4.732   8.998   1.00 15.35 ? 48  GLY A N   1 
ATOM   330  C CA  . GLY A 1 52  ? 7.244   4.985   8.435   1.00 14.50 ? 48  GLY A CA  1 
ATOM   331  C C   . GLY A 1 52  ? 6.339   3.787   8.528   1.00 13.30 ? 48  GLY A C   1 
ATOM   332  O O   . GLY A 1 52  ? 6.476   2.972   9.434   1.00 12.53 ? 48  GLY A O   1 
ATOM   333  N N   . VAL A 1 53  ? 5.413   3.686   7.583   1.00 12.86 ? 49  VAL A N   1 
ATOM   334  C CA  . VAL A 1 53  ? 4.404   2.617   7.636   1.00 12.55 ? 49  VAL A CA  1 
ATOM   335  C C   . VAL A 1 53  ? 5.077   1.241   7.487   1.00 12.24 ? 49  VAL A C   1 
ATOM   336  O O   . VAL A 1 53  ? 4.595   0.249   8.015   1.00 12.25 ? 49  VAL A O   1 
ATOM   337  C CB  . VAL A 1 53  ? 3.281   2.817   6.605   1.00 12.88 ? 49  VAL A CB  1 
ATOM   338  C CG1 . VAL A 1 53  ? 3.764   2.513   5.223   1.00 12.97 ? 49  VAL A CG1 1 
ATOM   339  C CG2 . VAL A 1 53  ? 2.076   1.965   6.958   1.00 13.32 ? 49  VAL A CG2 1 
ATOM   340  N N   . ALA A 1 54  ? 6.223   1.183   6.809   1.00 12.07 ? 50  ALA A N   1 
ATOM   341  C CA  . ALA A 1 54  ? 6.929   -0.084  6.663   1.00 11.99 ? 50  ALA A CA  1 
ATOM   342  C C   . ALA A 1 54  ? 7.362   -0.631  8.022   1.00 11.69 ? 50  ALA A C   1 
ATOM   343  O O   . ALA A 1 54  ? 7.268   -1.839  8.285   1.00 10.96 ? 50  ALA A O   1 
ATOM   344  C CB  . ALA A 1 54  ? 8.135   0.065   5.717   1.00 11.80 ? 50  ALA A CB  1 
ATOM   345  N N   . LYS A 1 55  ? 7.867   0.243   8.887   1.00 12.30 ? 51  LYS A N   1 
ATOM   346  C CA  A LYS A 1 55  ? 8.228   -0.134  10.246  0.50 12.52 ? 51  LYS A CA  1 
ATOM   347  C CA  B LYS A 1 55  ? 8.241   -0.210  10.217  0.50 12.42 ? 51  LYS A CA  1 
ATOM   348  C C   . LYS A 1 55  ? 7.011   -0.654  10.998  1.00 11.82 ? 51  LYS A C   1 
ATOM   349  O O   . LYS A 1 55  ? 7.079   -1.646  11.704  1.00 12.92 ? 51  LYS A O   1 
ATOM   350  C CB  A LYS A 1 55  ? 8.806   1.084   10.976  0.50 12.82 ? 51  LYS A CB  1 
ATOM   351  C CB  B LYS A 1 55  ? 9.043   0.842   10.993  0.50 12.71 ? 51  LYS A CB  1 
ATOM   352  C CG  A LYS A 1 55  ? 9.285   0.797   12.387  0.50 13.26 ? 51  LYS A CG  1 
ATOM   353  C CG  B LYS A 1 55  ? 9.625   0.274   12.293  0.50 13.47 ? 51  LYS A CG  1 
ATOM   354  C CD  A LYS A 1 55  ? 9.300   2.041   13.250  0.50 15.02 ? 51  LYS A CD  1 
ATOM   355  C CD  B LYS A 1 55  ? 10.280  1.324   13.155  0.50 14.29 ? 51  LYS A CD  1 
ATOM   356  C CE  A LYS A 1 55  ? 9.857   1.737   14.620  0.50 16.02 ? 51  LYS A CE  1 
ATOM   357  C CE  B LYS A 1 55  ? 10.366  0.856   14.610  0.50 15.66 ? 51  LYS A CE  1 
ATOM   358  N NZ  A LYS A 1 55  ? 9.270   2.602   15.663  0.50 17.47 ? 51  LYS A NZ  1 
ATOM   359  N NZ  B LYS A 1 55  ? 10.377  -0.631  14.812  0.50 17.09 ? 51  LYS A NZ  1 
ATOM   360  N N   . ALA A 1 56  ? 5.894   0.047   10.848  1.00 12.18 ? 52  ALA A N   1 
ATOM   361  C CA  . ALA A 1 56  ? 4.635   -0.385  11.469  1.00 11.66 ? 52  ALA A CA  1 
ATOM   362  C C   . ALA A 1 56  ? 4.170   -1.759  10.975  1.00 10.91 ? 52  ALA A C   1 
ATOM   363  O O   . ALA A 1 56  ? 3.759   -2.601  11.755  1.00 11.56 ? 52  ALA A O   1 
ATOM   364  C CB  . ALA A 1 56  ? 3.556   0.648   11.222  1.00 12.14 ? 52  ALA A CB  1 
ATOM   365  N N   . ILE A 1 57  ? 4.241   -1.980  9.668   1.00 10.62 ? 53  ILE A N   1 
ATOM   366  C CA  . ILE A 1 57  ? 3.830   -3.254  9.096   1.00 10.44 ? 53  ILE A CA  1 
ATOM   367  C C   . ILE A 1 57  ? 4.776   -4.371  9.543   1.00 9.95  ? 53  ILE A C   1 
ATOM   368  O O   . ILE A 1 57  ? 4.345   -5.461  9.919   1.00 10.92 ? 53  ILE A O   1 
ATOM   369  C CB  . ILE A 1 57  ? 3.705   -3.142  7.582   1.00 9.42  ? 53  ILE A CB  1 
ATOM   370  C CG1 . ILE A 1 57  ? 2.504   -2.250  7.265   1.00 10.39 ? 53  ILE A CG1 1 
ATOM   371  C CG2 . ILE A 1 57  ? 3.592   -4.525  6.931   1.00 9.69  ? 53  ILE A CG2 1 
ATOM   372  C CD1 . ILE A 1 57  ? 2.376   -1.931  5.814   1.00 9.96  ? 53  ILE A CD1 1 
ATOM   373  N N   . ALA A 1 58  ? 6.073   -4.098  9.564   1.00 10.64 ? 54  ALA A N   1 
ATOM   374  C CA  . ALA A 1 58  ? 7.038   -5.114  9.994   1.00 11.85 ? 54  ALA A CA  1 
ATOM   375  C C   . ALA A 1 58  ? 6.878   -5.444  11.466  1.00 11.98 ? 54  ALA A C   1 
ATOM   376  O O   . ALA A 1 58  ? 6.945   -6.605  11.868  1.00 12.85 ? 54  ALA A O   1 
ATOM   377  C CB  . ALA A 1 58  ? 8.456   -4.654  9.686   1.00 12.13 ? 54  ALA A CB  1 
ATOM   378  N N   . ASP A 1 59  ? 6.590   -4.425  12.271  1.00 13.20 ? 55  ASP A N   1 
ATOM   379  C CA  . ASP A 1 59  ? 6.291   -4.640  13.681  1.00 14.48 ? 55  ASP A CA  1 
ATOM   380  C C   . ASP A 1 59  ? 5.050   -5.528  13.841  1.00 14.22 ? 55  ASP A C   1 
ATOM   381  O O   . ASP A 1 59  ? 5.030   -6.439  14.681  1.00 16.21 ? 55  ASP A O   1 
ATOM   382  C CB  . ASP A 1 59  ? 6.061   -3.299  14.390  1.00 15.09 ? 55  ASP A CB  1 
ATOM   383  C CG  . ASP A 1 59  ? 7.363   -2.490  14.616  1.00 18.50 ? 55  ASP A CG  1 
ATOM   384  O OD1 . ASP A 1 59  ? 8.465   -3.028  14.409  1.00 23.61 ? 55  ASP A OD1 1 
ATOM   385  O OD2 . ASP A 1 59  ? 7.248   -1.303  15.010  1.00 25.12 ? 55  ASP A OD2 1 
ATOM   386  N N   . PHE A 1 60  ? 4.026   -5.266  13.035  1.00 13.73 ? 56  PHE A N   1 
ATOM   387  C CA  . PHE A 1 60  ? 2.760   -5.960  13.164  1.00 13.42 ? 56  PHE A CA  1 
ATOM   388  C C   . PHE A 1 60  ? 2.891   -7.414  12.731  1.00 12.95 ? 56  PHE A C   1 
ATOM   389  O O   . PHE A 1 60  ? 2.406   -8.327  13.402  1.00 13.05 ? 56  PHE A O   1 
ATOM   390  C CB  . PHE A 1 60  ? 1.679   -5.242  12.350  1.00 13.79 ? 56  PHE A CB  1 
ATOM   391  C CG  . PHE A 1 60  ? 0.282   -5.686  12.694  1.00 13.74 ? 56  PHE A CG  1 
ATOM   392  C CD1 . PHE A 1 60  ? -0.463  -5.005  13.655  1.00 14.57 ? 56  PHE A CD1 1 
ATOM   393  C CD2 . PHE A 1 60  ? -0.273  -6.799  12.088  1.00 13.66 ? 56  PHE A CD2 1 
ATOM   394  C CE1 . PHE A 1 60  ? -1.735  -5.429  13.996  1.00 15.49 ? 56  PHE A CE1 1 
ATOM   395  C CE2 . PHE A 1 60  ? -1.544  -7.233  12.438  1.00 13.75 ? 56  PHE A CE2 1 
ATOM   396  C CZ  . PHE A 1 60  ? -2.271  -6.555  13.387  1.00 14.75 ? 56  PHE A CZ  1 
ATOM   397  N N   . CYS A 1 61  ? 3.577   -7.634  11.609  1.00 12.80 ? 57  CYS A N   1 
ATOM   398  C CA  . CYS A 1 61  ? 3.633   -8.954  10.990  1.00 13.02 ? 57  CYS A CA  1 
ATOM   399  C C   . CYS A 1 61  ? 4.711   -9.837  11.611  1.00 13.27 ? 57  CYS A C   1 
ATOM   400  O O   . CYS A 1 61  ? 4.607   -11.075 11.608  1.00 14.19 ? 57  CYS A O   1 
ATOM   401  C CB  . CYS A 1 61  ? 3.861   -8.821  9.482   1.00 12.63 ? 57  CYS A CB  1 
ATOM   402  S SG  . CYS A 1 61  ? 2.465   -8.136  8.623   1.00 12.63 ? 57  CYS A SG  1 
ATOM   403  N N   . GLY A 1 62  ? 5.761   -9.212  12.123  1.00 13.61 ? 58  GLY A N   1 
ATOM   404  C CA  . GLY A 1 62  ? 6.785   -9.920  12.879  1.00 14.02 ? 58  GLY A CA  1 
ATOM   405  C C   . GLY A 1 62  ? 8.002   -10.397 12.113  1.00 14.40 ? 58  GLY A C   1 
ATOM   406  O O   . GLY A 1 62  ? 8.185   -10.129 10.919  1.00 13.35 ? 58  GLY A O   1 
ATOM   407  N N   . LEU A 1 63  ? 8.859   -11.110 12.836  1.00 14.74 ? 59  LEU A N   1 
ATOM   408  C CA  . LEU A 1 63  ? 10.166  -11.488 12.351  1.00 14.71 ? 59  LEU A CA  1 
ATOM   409  C C   . LEU A 1 63  ? 10.129  -12.418 11.143  1.00 13.54 ? 59  LEU A C   1 
ATOM   410  O O   . LEU A 1 63  ? 11.004  -12.334 10.306  1.00 13.57 ? 59  LEU A O   1 
ATOM   411  C CB  . LEU A 1 63  ? 10.972  -12.140 13.495  1.00 15.88 ? 59  LEU A CB  1 
ATOM   412  C CG  . LEU A 1 63  ? 12.458  -12.365 13.223  1.00 17.54 ? 59  LEU A CG  1 
ATOM   413  C CD1 . LEU A 1 63  ? 13.136  -11.158 12.569  1.00 22.74 ? 59  LEU A CD1 1 
ATOM   414  C CD2 . LEU A 1 63  ? 13.160  -12.756 14.517  1.00 18.29 ? 59  LEU A CD2 1 
ATOM   415  N N   . ASP A 1 64  ? 9.147   -13.312 11.043  1.00 13.22 ? 60  ASP A N   1 
ATOM   416  C CA  . ASP A 1 64  ? 9.079   -14.198 9.860   1.00 13.36 ? 60  ASP A CA  1 
ATOM   417  C C   . ASP A 1 64  ? 8.847   -13.372 8.594   1.00 12.16 ? 60  ASP A C   1 
ATOM   418  O O   . ASP A 1 64  ? 9.385   -13.695 7.531   1.00 12.70 ? 60  ASP A O   1 
ATOM   419  C CB  . ASP A 1 64  ? 7.978   -15.250 9.983   1.00 13.90 ? 60  ASP A CB  1 
ATOM   420  C CG  . ASP A 1 64  ? 8.286   -16.304 11.029  1.00 15.31 ? 60  ASP A CG  1 
ATOM   421  O OD1 . ASP A 1 64  ? 9.462   -16.439 11.397  1.00 19.76 ? 60  ASP A OD1 1 
ATOM   422  O OD2 . ASP A 1 64  ? 7.348   -16.989 11.450  1.00 21.42 ? 60  ASP A OD2 1 
ATOM   423  N N   . PHE A 1 65  ? 8.043   -12.315 8.704   1.00 11.83 ? 61  PHE A N   1 
ATOM   424  C CA  . PHE A 1 65  ? 7.852   -11.400 7.566   1.00 12.00 ? 61  PHE A CA  1 
ATOM   425  C C   . PHE A 1 65  ? 9.150   -10.667 7.192   1.00 12.08 ? 61  PHE A C   1 
ATOM   426  O O   . PHE A 1 65  ? 9.519   -10.569 6.029   1.00 12.49 ? 61  PHE A O   1 
ATOM   427  C CB  . PHE A 1 65  ? 6.735   -10.393 7.895   1.00 11.11 ? 61  PHE A CB  1 
ATOM   428  C CG  . PHE A 1 65  ? 6.689   -9.221  6.961   1.00 10.95 ? 61  PHE A CG  1 
ATOM   429  C CD1 . PHE A 1 65  ? 6.220   -9.374  5.673   1.00 10.47 ? 61  PHE A CD1 1 
ATOM   430  C CD2 . PHE A 1 65  ? 7.112   -7.971  7.367   1.00 8.67  ? 61  PHE A CD2 1 
ATOM   431  C CE1 . PHE A 1 65  ? 6.189   -8.297  4.794   1.00 11.37 ? 61  PHE A CE1 1 
ATOM   432  C CE2 . PHE A 1 65  ? 7.074   -6.899  6.505   1.00 10.73 ? 61  PHE A CE2 1 
ATOM   433  C CZ  . PHE A 1 65  ? 6.613   -7.068  5.210   1.00 10.65 ? 61  PHE A CZ  1 
ATOM   434  N N   . VAL A 1 66  ? 9.826   -10.115 8.193   1.00 12.42 ? 62  VAL A N   1 
ATOM   435  C CA  . VAL A 1 66  ? 11.085  -9.409  7.974   1.00 12.84 ? 62  VAL A CA  1 
ATOM   436  C C   . VAL A 1 66  ? 12.105  -10.335 7.330   1.00 12.99 ? 62  VAL A C   1 
ATOM   437  O O   . VAL A 1 66  ? 12.710  -9.990  6.310   1.00 13.11 ? 62  VAL A O   1 
ATOM   438  C CB  . VAL A 1 66  ? 11.604  -8.838  9.318   1.00 12.89 ? 62  VAL A CB  1 
ATOM   439  C CG1 . VAL A 1 66  ? 13.033  -8.319  9.171   1.00 15.39 ? 62  VAL A CG1 1 
ATOM   440  C CG2 . VAL A 1 66  ? 10.651  -7.748  9.780   1.00 13.53 ? 62  VAL A CG2 1 
ATOM   441  N N   . GLU A 1 67  ? 12.269  -11.518 7.905   1.00 13.18 ? 63  GLU A N   1 
ATOM   442  C CA  . GLU A 1 67  ? 13.221  -12.507 7.395   1.00 13.72 ? 63  GLU A CA  1 
ATOM   443  C C   . GLU A 1 67  ? 12.879  -12.982 5.979   1.00 13.17 ? 63  GLU A C   1 
ATOM   444  O O   . GLU A 1 67  ? 13.786  -13.196 5.176   1.00 13.94 ? 63  GLU A O   1 
ATOM   445  C CB  . GLU A 1 67  ? 13.335  -13.686 8.361   1.00 14.60 ? 63  GLU A CB  1 
ATOM   446  C CG  . GLU A 1 67  ? 14.042  -13.296 9.649   1.00 16.61 ? 63  GLU A CG  1 
ATOM   447  C CD  . GLU A 1 67  ? 14.160  -14.407 10.668  1.00 17.84 ? 63  GLU A CD  1 
ATOM   448  O OE1 . GLU A 1 67  ? 13.584  -15.496 10.475  1.00 21.89 ? 63  GLU A OE1 1 
ATOM   449  O OE2 . GLU A 1 67  ? 14.840  -14.155 11.683  1.00 23.17 ? 63  GLU A OE2 1 
ATOM   450  N N   . TYR A 1 68  ? 11.589  -13.117 5.660   1.00 11.99 ? 64  TYR A N   1 
ATOM   451  C CA  . TYR A 1 68  ? 11.207  -13.495 4.305   1.00 11.70 ? 64  TYR A CA  1 
ATOM   452  C C   . TYR A 1 68  ? 11.705  -12.434 3.302   1.00 12.31 ? 64  TYR A C   1 
ATOM   453  O O   . TYR A 1 68  ? 12.255  -12.756 2.250   1.00 11.82 ? 64  TYR A O   1 
ATOM   454  C CB  . TYR A 1 68  ? 9.691   -13.710 4.173   1.00 11.16 ? 64  TYR A CB  1 
ATOM   455  C CG  . TYR A 1 68  ? 9.308   -14.212 2.787   1.00 10.95 ? 64  TYR A CG  1 
ATOM   456  C CD1 . TYR A 1 68  ? 9.108   -15.576 2.538   1.00 11.30 ? 64  TYR A CD1 1 
ATOM   457  C CD2 . TYR A 1 68  ? 9.176   -13.341 1.714   1.00 9.74  ? 64  TYR A CD2 1 
ATOM   458  C CE1 . TYR A 1 68  ? 8.790   -16.042 1.288   1.00 12.73 ? 64  TYR A CE1 1 
ATOM   459  C CE2 . TYR A 1 68  ? 8.863   -13.814 0.442   1.00 10.35 ? 64  TYR A CE2 1 
ATOM   460  C CZ  . TYR A 1 68  ? 8.666   -15.162 0.232   1.00 10.91 ? 64  TYR A CZ  1 
ATOM   461  O OH  . TYR A 1 68  ? 8.365   -15.640 -1.034  1.00 12.00 ? 64  TYR A OH  1 
ATOM   462  N N   . CYS A 1 69  ? 11.467  -11.169 3.639   1.00 12.25 ? 65  CYS A N   1 
ATOM   463  C CA  . CYS A 1 69  ? 11.888  -10.045 2.805   1.00 13.64 ? 65  CYS A CA  1 
ATOM   464  C C   . CYS A 1 69  ? 13.404  -10.013 2.685   1.00 14.60 ? 65  CYS A C   1 
ATOM   465  O O   . CYS A 1 69  ? 13.925  -9.866  1.573   1.00 14.38 ? 65  CYS A O   1 
ATOM   466  C CB  . CYS A 1 69  ? 11.384  -8.729  3.384   1.00 13.71 ? 65  CYS A CB  1 
ATOM   467  S SG  . CYS A 1 69  ? 9.612   -8.553  3.290   1.00 12.08 ? 65  CYS A SG  1 
ATOM   468  N N   . GLU A 1 70  ? 14.074  -10.197 3.826   1.00 16.73 ? 66  GLU A N   1 
ATOM   469  C CA  . GLU A 1 70  ? 15.550  -10.202 3.904   1.00 17.91 ? 66  GLU A CA  1 
ATOM   470  C C   . GLU A 1 70  ? 16.107  -11.290 3.002   1.00 18.09 ? 66  GLU A C   1 
ATOM   471  O O   . GLU A 1 70  ? 16.986  -11.045 2.171   1.00 18.37 ? 66  GLU A O   1 
ATOM   472  C CB  . GLU A 1 70  ? 16.023  -10.421 5.360   1.00 18.65 ? 66  GLU A CB  1 
ATOM   473  C CG  . GLU A 1 70  ? 15.759  -9.232  6.274   1.00 20.89 ? 66  GLU A CG  1 
ATOM   474  C CD  . GLU A 1 70  ? 16.218  -9.422  7.745   1.00 21.91 ? 66  GLU A CD  1 
ATOM   475  O OE1 . GLU A 1 70  ? 16.361  -10.579 8.214   1.00 28.15 ? 66  GLU A OE1 1 
ATOM   476  O OE2 . GLU A 1 70  ? 16.401  -8.398  8.433   1.00 27.78 ? 66  GLU A OE2 1 
ATOM   477  N N   . ASP A 1 71  ? 15.562  -12.489 3.132   1.00 18.01 ? 67  ASP A N   1 
ATOM   478  C CA  . ASP A 1 71  ? 16.058  -13.622 2.373   1.00 17.98 ? 67  ASP A CA  1 
ATOM   479  C C   . ASP A 1 71  ? 15.811  -13.449 0.873   1.00 18.03 ? 67  ASP A C   1 
ATOM   480  O O   . ASP A 1 71  ? 16.645  -13.818 0.053   1.00 19.46 ? 67  ASP A O   1 
ATOM   481  C CB  . ASP A 1 71  ? 15.432  -14.930 2.862   1.00 18.18 ? 67  ASP A CB  1 
ATOM   482  C CG  . ASP A 1 71  ? 15.754  -15.235 4.328   1.00 20.98 ? 67  ASP A CG  1 
ATOM   483  O OD1 . ASP A 1 71  ? 16.617  -14.552 4.939   1.00 25.66 ? 67  ASP A OD1 1 
ATOM   484  O OD2 . ASP A 1 71  ? 15.116  -16.156 4.878   1.00 24.64 ? 67  ASP A OD2 1 
ATOM   485  N N   . TYR A 1 72  ? 14.667  -12.878 0.507   1.00 16.46 ? 68  TYR A N   1 
ATOM   486  C CA  . TYR A 1 72  ? 14.323  -12.700 -0.890  1.00 16.79 ? 68  TYR A CA  1 
ATOM   487  C C   . TYR A 1 72  ? 15.306  -11.741 -1.574  1.00 16.78 ? 68  TYR A C   1 
ATOM   488  O O   . TYR A 1 72  ? 15.797  -12.019 -2.684  1.00 17.05 ? 68  TYR A O   1 
ATOM   489  C CB  . TYR A 1 72  ? 12.881  -12.194 -1.057  1.00 15.45 ? 68  TYR A CB  1 
ATOM   490  C CG  . TYR A 1 72  ? 12.409  -12.354 -2.471  1.00 14.89 ? 68  TYR A CG  1 
ATOM   491  C CD1 . TYR A 1 72  ? 11.645  -13.450 -2.853  1.00 13.33 ? 68  TYR A CD1 1 
ATOM   492  C CD2 . TYR A 1 72  ? 12.771  -11.433 -3.460  1.00 10.83 ? 68  TYR A CD2 1 
ATOM   493  C CE1 . TYR A 1 72  ? 11.242  -13.613 -4.166  1.00 13.91 ? 68  TYR A CE1 1 
ATOM   494  C CE2 . TYR A 1 72  ? 12.365  -11.573 -4.739  1.00 12.65 ? 68  TYR A CE2 1 
ATOM   495  C CZ  . TYR A 1 72  ? 11.596  -12.663 -5.115  1.00 12.97 ? 68  TYR A CZ  1 
ATOM   496  O OH  . TYR A 1 72  ? 11.214  -12.820 -6.429  1.00 14.90 ? 68  TYR A OH  1 
ATOM   497  N N   . VAL A 1 73  ? 15.558  -10.609 -0.924  1.00 17.41 ? 69  VAL A N   1 
ATOM   498  C CA  . VAL A 1 73  ? 16.462  -9.589  -1.468  1.00 18.00 ? 69  VAL A CA  1 
ATOM   499  C C   . VAL A 1 73  ? 17.889  -10.139 -1.527  1.00 19.51 ? 69  VAL A C   1 
ATOM   500  O O   . VAL A 1 73  ? 18.640  -9.817  -2.443  1.00 19.94 ? 69  VAL A O   1 
ATOM   501  C CB  . VAL A 1 73  ? 16.366  -8.266  -0.680  1.00 17.53 ? 69  VAL A CB  1 
ATOM   502  C CG1 . VAL A 1 73  ? 17.499  -7.306  -1.049  1.00 17.28 ? 69  VAL A CG1 1 
ATOM   503  C CG2 . VAL A 1 73  ? 15.011  -7.608  -0.965  1.00 15.94 ? 69  VAL A CG2 1 
ATOM   504  N N   . LYS A 1 74  ? 18.247  -11.011 -0.593  1.00 20.74 ? 70  LYS A N   1 
ATOM   505  C CA  . LYS A 1 74  ? 19.539  -11.711 -0.695  1.00 21.97 ? 70  LYS A CA  1 
ATOM   506  C C   . LYS A 1 74  ? 19.669  -12.509 -1.977  1.00 22.00 ? 70  LYS A C   1 
ATOM   507  O O   . LYS A 1 74  ? 20.679  -12.402 -2.700  1.00 23.36 ? 70  LYS A O   1 
ATOM   508  C CB  . LYS A 1 74  ? 19.718  -12.665 0.470   1.00 22.85 ? 70  LYS A CB  1 
ATOM   509  C CG  . LYS A 1 74  ? 20.027  -11.982 1.763   1.00 24.63 ? 70  LYS A CG  1 
ATOM   510  C CD  . LYS A 1 74  ? 20.049  -12.984 2.900   1.00 25.38 ? 70  LYS A CD  1 
ATOM   511  C CE  . LYS A 1 74  ? 19.955  -12.298 4.246   1.00 28.09 ? 70  LYS A CE  1 
ATOM   512  N NZ  . LYS A 1 74  ? 20.343  -13.222 5.339   1.00 29.68 ? 70  LYS A NZ  1 
ATOM   513  N N   . LYS A 1 75  ? 18.668  -13.327 -2.258  1.00 21.69 ? 71  LYS A N   1 
ATOM   514  C CA  . LYS A 1 75  ? 18.741  -14.229 -3.392  1.00 21.52 ? 71  LYS A CA  1 
ATOM   515  C C   . LYS A 1 75  ? 18.586  -13.520 -4.722  1.00 20.91 ? 71  LYS A C   1 
ATOM   516  O O   . LYS A 1 75  ? 19.243  -13.887 -5.692  1.00 22.41 ? 71  LYS A O   1 
ATOM   517  C CB  . LYS A 1 75  ? 17.689  -15.342 -3.295  1.00 22.36 ? 71  LYS A CB  1 
ATOM   518  C CG  . LYS A 1 75  ? 18.150  -16.500 -2.464  1.00 23.88 ? 71  LYS A CG  1 
ATOM   519  C CD  . LYS A 1 75  ? 17.145  -17.613 -2.339  1.00 23.83 ? 71  LYS A CD  1 
ATOM   520  C CE  . LYS A 1 75  ? 17.716  -18.691 -1.387  1.00 25.57 ? 71  LYS A CE  1 
ATOM   521  N NZ  . LYS A 1 75  ? 16.894  -19.933 -1.325  1.00 26.66 ? 71  LYS A NZ  1 
ATOM   522  N N   . HIS A 1 76  ? 17.745  -12.482 -4.759  1.00 19.34 ? 72  HIS A N   1 
ATOM   523  C CA  A HIS A 1 76  ? 17.232  -11.905 -6.003  0.50 18.95 ? 72  HIS A CA  1 
ATOM   524  C CA  B HIS A 1 76  ? 17.314  -11.923 -6.022  0.50 19.04 ? 72  HIS A CA  1 
ATOM   525  C C   . HIS A 1 76  ? 17.649  -10.455 -6.227  1.00 18.16 ? 72  HIS A C   1 
ATOM   526  O O   . HIS A 1 76  ? 17.396  -9.901  -7.291  1.00 18.55 ? 72  HIS A O   1 
ATOM   527  C CB  A HIS A 1 76  ? 15.696  -11.946 -6.011  0.50 18.47 ? 72  HIS A CB  1 
ATOM   528  C CB  B HIS A 1 76  ? 15.831  -12.199 -6.122  0.50 18.83 ? 72  HIS A CB  1 
ATOM   529  C CG  A HIS A 1 76  ? 15.113  -13.322 -6.143  0.50 17.97 ? 72  HIS A CG  1 
ATOM   530  C CG  B HIS A 1 76  ? 15.498  -13.614 -5.770  0.50 18.38 ? 72  HIS A CG  1 
ATOM   531  N ND1 A HIS A 1 76  ? 15.061  -14.002 -7.343  0.50 16.09 ? 72  HIS A ND1 1 
ATOM   532  N ND1 B HIS A 1 76  ? 16.086  -14.684 -6.412  0.50 17.70 ? 72  HIS A ND1 1 
ATOM   533  C CD2 A HIS A 1 76  ? 14.532  -14.132 -5.226  0.50 17.84 ? 72  HIS A CD2 1 
ATOM   534  C CD2 B HIS A 1 76  ? 14.713  -14.141 -4.802  0.50 18.25 ? 72  HIS A CD2 1 
ATOM   535  C CE1 A HIS A 1 76  ? 14.490  -15.179 -7.153  0.50 18.13 ? 72  HIS A CE1 1 
ATOM   536  C CE1 B HIS A 1 76  ? 15.628  -15.809 -5.891  0.50 18.21 ? 72  HIS A CE1 1 
ATOM   537  N NE2 A HIS A 1 76  ? 14.154  -15.280 -5.880  0.50 16.19 ? 72  HIS A NE2 1 
ATOM   538  N NE2 B HIS A 1 76  ? 14.802  -15.509 -4.906  0.50 17.33 ? 72  HIS A NE2 1 
ATOM   539  N N   . GLY A 1 77  ? 18.241  -9.840  -5.216  1.00 17.69 ? 73  GLY A N   1 
ATOM   540  C CA  . GLY A 1 77  ? 18.604  -8.444  -5.307  1.00 17.35 ? 73  GLY A CA  1 
ATOM   541  C C   . GLY A 1 77  ? 17.419  -7.543  -5.022  1.00 16.70 ? 73  GLY A C   1 
ATOM   542  O O   . GLY A 1 77  ? 16.299  -8.022  -4.770  1.00 16.09 ? 73  GLY A O   1 
ATOM   543  N N   . PRO A 1 78  ? 17.653  -6.224  -5.066  1.00 15.91 ? 74  PRO A N   1 
ATOM   544  C CA  . PRO A 1 78  ? 16.597  -5.275  -4.750  1.00 14.88 ? 74  PRO A CA  1 
ATOM   545  C C   . PRO A 1 78  ? 15.393  -5.436  -5.658  1.00 13.40 ? 74  PRO A C   1 
ATOM   546  O O   . PRO A 1 78  ? 15.528  -5.848  -6.816  1.00 13.13 ? 74  PRO A O   1 
ATOM   547  C CB  . PRO A 1 78  ? 17.261  -3.913  -4.968  1.00 15.67 ? 74  PRO A CB  1 
ATOM   548  C CG  . PRO A 1 78  ? 18.709  -4.156  -4.951  1.00 16.38 ? 74  PRO A CG  1 
ATOM   549  C CD  . PRO A 1 78  ? 18.930  -5.561  -5.374  1.00 16.29 ? 74  PRO A CD  1 
ATOM   550  N N   . GLN A 1 79  ? 14.221  -5.102  -5.124  1.00 11.33 ? 75  GLN A N   1 
ATOM   551  C CA  . GLN A 1 79  ? 12.969  -5.325  -5.815  1.00 11.45 ? 75  GLN A CA  1 
ATOM   552  C C   . GLN A 1 79  ? 12.146  -4.078  -5.810  1.00 10.49 ? 75  GLN A C   1 
ATOM   553  O O   . GLN A 1 79  ? 12.189  -3.319  -4.843  1.00 11.34 ? 75  GLN A O   1 
ATOM   554  C CB  . GLN A 1 79  ? 12.167  -6.410  -5.097  1.00 11.13 ? 75  GLN A CB  1 
ATOM   555  C CG  . GLN A 1 79  ? 12.845  -7.784  -5.083  1.00 12.08 ? 75  GLN A CG  1 
ATOM   556  C CD  . GLN A 1 79  ? 13.032  -8.347  -6.464  1.00 10.06 ? 75  GLN A CD  1 
ATOM   557  O OE1 . GLN A 1 79  ? 12.101  -8.395  -7.257  1.00 13.78 ? 75  GLN A OE1 1 
ATOM   558  N NE2 . GLN A 1 79  ? 14.261  -8.764  -6.772  1.00 12.96 ? 75  GLN A NE2 1 
ATOM   559  N N   . GLN A 1 80  ? 11.369  -3.876  -6.866  1.00 10.16 ? 76  GLN A N   1 
ATOM   560  C CA  . GLN A 1 80  ? 10.412  -2.769  -6.900  1.00 10.42 ? 76  GLN A CA  1 
ATOM   561  C C   . GLN A 1 80  ? 9.012   -3.163  -6.458  1.00 9.41  ? 76  GLN A C   1 
ATOM   562  O O   . GLN A 1 80  ? 8.168   -2.289  -6.184  1.00 9.55  ? 76  GLN A O   1 
ATOM   563  C CB  . GLN A 1 80  ? 10.326  -2.156  -8.293  1.00 11.72 ? 76  GLN A CB  1 
ATOM   564  C CG  . GLN A 1 80  ? 11.675  -1.774  -8.890  1.00 13.60 ? 76  GLN A CG  1 
ATOM   565  C CD  . GLN A 1 80  ? 12.551  -0.982  -7.911  1.00 16.10 ? 76  GLN A CD  1 
ATOM   566  O OE1 . GLN A 1 80  ? 12.129  0.058   -7.400  1.00 16.03 ? 76  GLN A OE1 1 
ATOM   567  N NE2 . GLN A 1 80  ? 13.769  -1.467  -7.656  1.00 17.60 ? 76  GLN A NE2 1 
ATOM   568  N N   . ARG A 1 81  ? 8.748   -4.469  -6.426  1.00 8.03  ? 77  ARG A N   1 
ATOM   569  C CA  . ARG A 1 81  ? 7.455   -5.004  -6.006  1.00 8.12  ? 77  ARG A CA  1 
ATOM   570  C C   . ARG A 1 81  ? 7.728   -6.385  -5.485  1.00 8.04  ? 77  ARG A C   1 
ATOM   571  O O   . ARG A 1 81  ? 8.459   -7.136  -6.136  1.00 8.86  ? 77  ARG A O   1 
ATOM   572  C CB  . ARG A 1 81  ? 6.539   -5.124  -7.201  1.00 7.53  ? 77  ARG A CB  1 
ATOM   573  C CG  . ARG A 1 81  ? 5.155   -5.730  -6.876  1.00 7.93  ? 77  ARG A CG  1 
ATOM   574  C CD  . ARG A 1 81  ? 4.274   -5.731  -8.092  1.00 8.14  ? 77  ARG A CD  1 
ATOM   575  N NE  . ARG A 1 81  ? 2.966   -6.306  -7.875  1.00 9.41  ? 77  ARG A NE  1 
ATOM   576  C CZ  . ARG A 1 81  ? 2.731   -7.608  -7.844  1.00 9.31  ? 77  ARG A CZ  1 
ATOM   577  N NH1 . ARG A 1 81  ? 3.727   -8.463  -7.974  1.00 9.27  ? 77  ARG A NH1 1 
ATOM   578  N NH2 . ARG A 1 81  ? 1.501   -8.044  -7.619  1.00 10.29 ? 77  ARG A NH2 1 
ATOM   579  N N   . LEU A 1 82  ? 7.173   -6.722  -4.327  1.00 7.63  ? 78  LEU A N   1 
ATOM   580  C CA  . LEU A 1 82  ? 7.409   -8.044  -3.752  1.00 7.94  ? 78  LEU A CA  1 
ATOM   581  C C   . LEU A 1 82  ? 6.213   -8.426  -2.931  1.00 7.77  ? 78  LEU A C   1 
ATOM   582  O O   . LEU A 1 82  ? 5.898   -7.751  -1.949  1.00 7.88  ? 78  LEU A O   1 
ATOM   583  C CB  . LEU A 1 82  ? 8.670   -8.070  -2.878  1.00 8.53  ? 78  LEU A CB  1 
ATOM   584  C CG  . LEU A 1 82  ? 8.982   -9.423  -2.216  1.00 8.74  ? 78  LEU A CG  1 
ATOM   585  C CD1 . LEU A 1 82  ? 9.186   -10.488 -3.263  1.00 11.05 ? 78  LEU A CD1 1 
ATOM   586  C CD2 . LEU A 1 82  ? 10.175  -9.325  -1.296  1.00 8.94  ? 78  LEU A CD2 1 
ATOM   587  N N   . VAL A 1 83  ? 5.574   -9.535  -3.321  1.00 7.67  ? 79  VAL A N   1 
ATOM   588  C CA  . VAL A 1 83  ? 4.424   -10.074 -2.616  1.00 7.72  ? 79  VAL A CA  1 
ATOM   589  C C   . VAL A 1 83  ? 4.877   -11.243 -1.737  1.00 7.97  ? 79  VAL A C   1 
ATOM   590  O O   . VAL A 1 83  ? 5.464   -12.219 -2.223  1.00 8.20  ? 79  VAL A O   1 
ATOM   591  C CB  . VAL A 1 83  ? 3.307   -10.529 -3.584  1.00 7.03  ? 79  VAL A CB  1 
ATOM   592  C CG1 . VAL A 1 83  ? 2.081   -11.084 -2.827  1.00 9.43  ? 79  VAL A CG1 1 
ATOM   593  C CG2 . VAL A 1 83  ? 2.910   -9.387  -4.538  1.00 7.80  ? 79  VAL A CG2 1 
ATOM   594  N N   . THR A 1 84  ? 4.602   -11.119 -0.442  1.00 7.78  ? 80  THR A N   1 
ATOM   595  C CA  . THR A 1 84  ? 5.102   -12.048 0.547   1.00 8.34  ? 80  THR A CA  1 
ATOM   596  C C   . THR A 1 84  ? 3.949   -12.587 1.400   1.00 8.65  ? 80  THR A C   1 
ATOM   597  O O   . THR A 1 84  ? 2.879   -11.971 1.504   1.00 7.84  ? 80  THR A O   1 
ATOM   598  C CB  . THR A 1 84  ? 6.110   -11.357 1.521   1.00 7.73  ? 80  THR A CB  1 
ATOM   599  O OG1 . THR A 1 84  ? 5.400   -10.482 2.402   1.00 8.32  ? 80  THR A OG1 1 
ATOM   600  C CG2 . THR A 1 84  ? 7.205   -10.560 0.769   1.00 9.05  ? 80  THR A CG2 1 
ATOM   601  N N   . PRO A 1 85  ? 4.201   -13.717 2.086   1.00 9.27  ? 81  PRO A N   1 
ATOM   602  C CA  . PRO A 1 85  ? 3.308   -14.076 3.161   1.00 9.29  ? 81  PRO A CA  1 
ATOM   603  C C   . PRO A 1 85  ? 3.299   -12.977 4.208   1.00 8.96  ? 81  PRO A C   1 
ATOM   604  O O   . PRO A 1 85  ? 4.284   -12.254 4.348   1.00 9.00  ? 81  PRO A O   1 
ATOM   605  C CB  . PRO A 1 85  ? 3.928   -15.369 3.724   1.00 9.93  ? 81  PRO A CB  1 
ATOM   606  C CG  . PRO A 1 85  ? 5.306   -15.388 3.245   1.00 12.43 ? 81  PRO A CG  1 
ATOM   607  C CD  . PRO A 1 85  ? 5.334   -14.655 1.956   1.00 8.92  ? 81  PRO A CD  1 
ATOM   608  N N   . SER A 1 86  ? 2.191   -12.863 4.935   1.00 10.05 ? 82  SER A N   1 
ATOM   609  C CA  . SER A 1 86  ? 2.071   -11.894 6.017   1.00 10.02 ? 82  SER A CA  1 
ATOM   610  C C   . SER A 1 86  ? 2.377   -12.507 7.387   1.00 10.41 ? 82  SER A C   1 
ATOM   611  O O   . SER A 1 86  ? 2.718   -11.783 8.301   1.00 10.48 ? 82  SER A O   1 
ATOM   612  C CB  . SER A 1 86  ? 0.648   -11.362 6.066   1.00 9.72  ? 82  SER A CB  1 
ATOM   613  O OG  . SER A 1 86  ? -0.226  -12.395 6.512   1.00 10.91 ? 82  SER A OG  1 
ATOM   614  N N   . PHE A 1 87  ? 2.182   -13.821 7.522   1.00 10.45 ? 83  PHE A N   1 
ATOM   615  C CA  . PHE A 1 87  ? 2.279   -14.516 8.814   1.00 11.44 ? 83  PHE A CA  1 
ATOM   616  C C   . PHE A 1 87  ? 1.231   -14.058 9.830   1.00 12.23 ? 83  PHE A C   1 
ATOM   617  O O   . PHE A 1 87  ? 1.415   -14.238 11.051  1.00 13.54 ? 83  PHE A O   1 
ATOM   618  C CB  . PHE A 1 87  ? 3.708   -14.449 9.361   1.00 12.24 ? 83  PHE A CB  1 
ATOM   619  C CG  . PHE A 1 87  ? 4.706   -14.994 8.412   1.00 12.52 ? 83  PHE A CG  1 
ATOM   620  C CD1 . PHE A 1 87  ? 4.938   -16.352 8.344   1.00 12.98 ? 83  PHE A CD1 1 
ATOM   621  C CD2 . PHE A 1 87  ? 5.361   -14.168 7.522   1.00 12.33 ? 83  PHE A CD2 1 
ATOM   622  C CE1 . PHE A 1 87  ? 5.831   -16.874 7.417   1.00 13.20 ? 83  PHE A CE1 1 
ATOM   623  C CE2 . PHE A 1 87  ? 6.260   -14.686 6.591   1.00 13.65 ? 83  PHE A CE2 1 
ATOM   624  C CZ  . PHE A 1 87  ? 6.478   -16.052 6.542   1.00 14.09 ? 83  PHE A CZ  1 
ATOM   625  N N   . VAL A 1 88  ? 0.131   -13.505 9.318   1.00 12.01 ? 84  VAL A N   1 
ATOM   626  C CA  . VAL A 1 88  ? -1.006  -13.021 10.120  1.00 13.04 ? 84  VAL A CA  1 
ATOM   627  C C   . VAL A 1 88  ? -2.319  -13.546 9.554   1.00 13.70 ? 84  VAL A C   1 
ATOM   628  O O   . VAL A 1 88  ? -2.586  -13.448 8.362   1.00 13.05 ? 84  VAL A O   1 
ATOM   629  C CB  . VAL A 1 88  ? -1.046  -11.473 10.180  1.00 13.47 ? 84  VAL A CB  1 
ATOM   630  C CG1 . VAL A 1 88  ? -2.260  -10.986 11.000  1.00 14.25 ? 84  VAL A CG1 1 
ATOM   631  C CG2 . VAL A 1 88  ? 0.258   -10.942 10.758  1.00 13.00 ? 84  VAL A CG2 1 
ATOM   632  N N   . LYS A 1 89  ? -3.128  -14.145 10.419  1.00 14.75 ? 85  LYS A N   1 
ATOM   633  C CA  . LYS A 1 89  ? -4.402  -14.686 9.995   1.00 15.28 ? 85  LYS A CA  1 
ATOM   634  C C   . LYS A 1 89  ? -5.253  -13.578 9.390   1.00 14.68 ? 85  LYS A C   1 
ATOM   635  O O   . LYS A 1 89  ? -5.367  -12.504 9.972   1.00 15.28 ? 85  LYS A O   1 
ATOM   636  C CB  . LYS A 1 89  ? -5.096  -15.318 11.200  1.00 15.90 ? 85  LYS A CB  1 
ATOM   637  C CG  . LYS A 1 89  ? -6.512  -15.814 10.954  1.00 17.81 ? 85  LYS A CG  1 
ATOM   638  C CD  . LYS A 1 89  ? -6.990  -16.711 12.095  1.00 20.10 ? 85  LYS A CD  1 
ATOM   639  C CE  . LYS A 1 89  ? -7.096  -18.178 11.689  1.00 25.19 ? 85  LYS A CE  1 
ATOM   640  N NZ  . LYS A 1 89  ? -8.477  -18.522 11.237  1.00 29.09 ? 85  LYS A NZ  1 
ATOM   641  N N   . GLY A 1 90  ? -5.833  -13.837 8.219   1.00 13.79 ? 86  GLY A N   1 
ATOM   642  C CA  . GLY A 1 90  ? -6.658  -12.869 7.515   1.00 13.53 ? 86  GLY A CA  1 
ATOM   643  C C   . GLY A 1 90  ? -5.936  -11.952 6.546   1.00 13.41 ? 86  GLY A C   1 
ATOM   644  O O   . GLY A 1 90  ? -6.567  -11.329 5.680   1.00 13.76 ? 86  GLY A O   1 
ATOM   645  N N   . ILE A 1 91  ? -4.621  -11.814 6.704   1.00 12.48 ? 87  ILE A N   1 
ATOM   646  C CA  . ILE A 1 91  ? -3.846  -10.967 5.792   1.00 11.97 ? 87  ILE A CA  1 
ATOM   647  C C   . ILE A 1 91  ? -3.259  -11.951 4.770   1.00 10.68 ? 87  ILE A C   1 
ATOM   648  O O   . ILE A 1 91  ? -2.323  -12.678 5.050   1.00 11.00 ? 87  ILE A O   1 
ATOM   649  C CB  . ILE A 1 91  ? -2.787  -10.125 6.515   1.00 11.45 ? 87  ILE A CB  1 
ATOM   650  C CG1 . ILE A 1 91  ? -3.440  -9.320  7.651   1.00 12.62 ? 87  ILE A CG1 1 
ATOM   651  C CG2 . ILE A 1 91  ? -2.057  -9.212  5.530   1.00 11.75 ? 87  ILE A CG2 1 
ATOM   652  C CD1 . ILE A 1 91  ? -2.496  -8.355  8.314   1.00 13.44 ? 87  ILE A CD1 1 
ATOM   653  N N   . GLN A 1 92  ? -3.884  -11.975 3.610   1.00 11.09 ? 88  GLN A N   1 
ATOM   654  C CA  . GLN A 1 92  ? -3.576  -12.925 2.536   1.00 10.94 ? 88  GLN A CA  1 
ATOM   655  C C   . GLN A 1 92  ? -2.139  -12.811 2.072   1.00 10.15 ? 88  GLN A C   1 
ATOM   656  O O   . GLN A 1 92  ? -1.504  -13.796 1.705   1.00 10.05 ? 88  GLN A O   1 
ATOM   657  C CB  . GLN A 1 92  ? -4.501  -12.642 1.335   1.00 11.65 ? 88  GLN A CB  1 
ATOM   658  C CG  . GLN A 1 92  ? -5.961  -12.893 1.558   1.00 14.11 ? 88  GLN A CG  1 
ATOM   659  C CD  . GLN A 1 92  ? -6.822  -12.392 0.402   1.00 15.27 ? 88  GLN A CD  1 
ATOM   660  O OE1 . GLN A 1 92  ? -6.930  -11.191 0.159   1.00 15.36 ? 88  GLN A OE1 1 
ATOM   661  N NE2 . GLN A 1 92  ? -7.467  -13.323 -0.299  1.00 20.85 ? 88  GLN A NE2 1 
ATOM   662  N N   . CYS A 1 93  ? -1.643  -11.584 2.059   1.00 9.00  ? 89  CYS A N   1 
ATOM   663  C CA  . CYS A 1 93  ? -0.262  -11.321 1.692   1.00 8.49  ? 89  CYS A CA  1 
ATOM   664  C C   . CYS A 1 93  ? 0.044   -9.874  2.042   1.00 8.17  ? 89  CYS A C   1 
ATOM   665  O O   . CYS A 1 93  ? -0.871  -9.078  2.335   1.00 8.61  ? 89  CYS A O   1 
ATOM   666  C CB  . CYS A 1 93  ? -0.027  -11.559 0.192   1.00 7.86  ? 89  CYS A CB  1 
ATOM   667  S SG  . CYS A 1 93  ? -1.181  -10.745 -0.932  1.00 10.31 ? 89  CYS A SG  1 
ATOM   668  N N   . VAL A 1 94  ? 1.330   -9.556  2.028   1.00 7.18  ? 90  VAL A N   1 
ATOM   669  C CA  . VAL A 1 94  ? 1.806   -8.181  2.034   1.00 7.63  ? 90  VAL A CA  1 
ATOM   670  C C   . VAL A 1 94  ? 2.344   -7.916  0.636   1.00 7.90  ? 90  VAL A C   1 
ATOM   671  O O   . VAL A 1 94  ? 3.168   -8.686  0.122   1.00 8.02  ? 90  VAL A O   1 
ATOM   672  C CB  . VAL A 1 94  ? 2.917   -7.947  3.081   1.00 7.59  ? 90  VAL A CB  1 
ATOM   673  C CG1 . VAL A 1 94  ? 3.388   -6.496  3.028   1.00 9.61  ? 90  VAL A CG1 1 
ATOM   674  C CG2 . VAL A 1 94  ? 2.422   -8.321  4.481   1.00 8.68  ? 90  VAL A CG2 1 
ATOM   675  N N   . ASN A 1 95  ? 1.861   -6.848  0.005   1.00 7.13  ? 91  ASN A N   1 
ATOM   676  C CA  . ASN A 1 95  ? 2.444   -6.409  -1.253  1.00 6.83  ? 91  ASN A CA  1 
ATOM   677  C C   . ASN A 1 95  ? 3.328   -5.194  -0.990  1.00 6.72  ? 91  ASN A C   1 
ATOM   678  O O   . ASN A 1 95  ? 2.849   -4.095  -0.721  1.00 6.96  ? 91  ASN A O   1 
ATOM   679  C CB  . ASN A 1 95  ? 1.391   -6.097  -2.329  1.00 6.26  ? 91  ASN A CB  1 
ATOM   680  C CG  . ASN A 1 95  ? 2.013   -5.767  -3.665  1.00 6.93  ? 91  ASN A CG  1 
ATOM   681  O OD1 . ASN A 1 95  ? 3.231   -5.761  -3.821  1.00 8.81  ? 91  ASN A OD1 1 
ATOM   682  N ND2 . ASN A 1 95  ? 1.155   -5.430  -4.641  1.00 7.70  ? 91  ASN A ND2 1 
ATOM   683  N N   . ASN A 1 96  ? 4.628   -5.416  -1.074  1.00 7.13  ? 92  ASN A N   1 
ATOM   684  C CA  . ASN A 1 96  ? 5.611   -4.379  -0.843  1.00 7.36  ? 92  ASN A CA  1 
ATOM   685  C C   . ASN A 1 96  ? 5.864   -3.649  -2.147  1.00 8.25  ? 92  ASN A C   1 
ATOM   686  O O   . ASN A 1 96  ? 6.485   -4.217  -3.059  1.00 7.75  ? 92  ASN A O   1 
ATOM   687  C CB  . ASN A 1 96  ? 6.912   -4.999  -0.357  1.00 7.04  ? 92  ASN A CB  1 
ATOM   688  C CG  . ASN A 1 96  ? 6.758   -5.752  0.933   1.00 7.61  ? 92  ASN A CG  1 
ATOM   689  O OD1 . ASN A 1 96  ? 6.781   -5.163  2.015   1.00 9.17  ? 92  ASN A OD1 1 
ATOM   690  N ND2 . ASN A 1 96  ? 6.578   -7.063  0.827   1.00 8.46  ? 92  ASN A ND2 1 
ATOM   691  N N   . VAL A 1 97  ? 5.402   -2.392  -2.229  1.00 8.49  ? 93  VAL A N   1 
ATOM   692  C CA  . VAL A 1 97  ? 5.482   -1.596  -3.458  1.00 8.70  ? 93  VAL A CA  1 
ATOM   693  C C   . VAL A 1 97  ? 6.387   -0.408  -3.262  1.00 9.34  ? 93  VAL A C   1 
ATOM   694  O O   . VAL A 1 97  ? 6.245   0.330   -2.295  1.00 9.05  ? 93  VAL A O   1 
ATOM   695  C CB  . VAL A 1 97  ? 4.089   -1.081  -3.880  1.00 9.07  ? 93  VAL A CB  1 
ATOM   696  C CG1 . VAL A 1 97  ? 4.164   -0.145  -5.138  1.00 10.00 ? 93  VAL A CG1 1 
ATOM   697  C CG2 . VAL A 1 97  ? 3.112   -2.260  -4.128  1.00 10.51 ? 93  VAL A CG2 1 
ATOM   698  N N   . VAL A 1 98  ? 7.321   -0.235  -4.187  1.00 9.58  ? 94  VAL A N   1 
ATOM   699  C CA  . VAL A 1 98  ? 8.268   0.881   -4.162  1.00 11.02 ? 94  VAL A CA  1 
ATOM   700  C C   . VAL A 1 98  ? 7.739   1.892   -5.176  1.00 11.98 ? 94  VAL A C   1 
ATOM   701  O O   . VAL A 1 98  ? 7.476   1.563   -6.319  1.00 14.41 ? 94  VAL A O   1 
ATOM   702  C CB  . VAL A 1 98  ? 9.700   0.432   -4.581  1.00 11.04 ? 94  VAL A CB  1 
ATOM   703  C CG1 . VAL A 1 98  ? 10.686  1.584   -4.511  1.00 9.60  ? 94  VAL A CG1 1 
ATOM   704  C CG2 . VAL A 1 98  ? 10.177  -0.737  -3.706  1.00 11.10 ? 94  VAL A CG2 1 
ATOM   705  N N   . GLY A 1 99  ? 7.551   3.118   -4.771  1.00 13.53 ? 95  GLY A N   1 
ATOM   706  C CA  . GLY A 1 99  ? 7.083   4.087   -5.752  1.00 12.05 ? 95  GLY A CA  1 
ATOM   707  C C   . GLY A 1 99  ? 8.247   4.700   -6.526  1.00 11.79 ? 95  GLY A C   1 
ATOM   708  O O   . GLY A 1 99  ? 9.340   4.084   -6.706  1.00 11.73 ? 95  GLY A O   1 
ATOM   709  N N   . PRO A 1 100 ? 8.027   5.918   -7.000  1.00 11.89 ? 96  PRO A N   1 
ATOM   710  C CA  . PRO A 1 100 ? 9.116   6.671   -7.610  1.00 11.26 ? 96  PRO A CA  1 
ATOM   711  C C   . PRO A 1 100 ? 10.284  6.946   -6.664  1.00 11.32 ? 96  PRO A C   1 
ATOM   712  O O   . PRO A 1 100 ? 10.137  6.907   -5.428  1.00 11.85 ? 96  PRO A O   1 
ATOM   713  C CB  . PRO A 1 100 ? 8.453   7.990   -8.043  1.00 12.08 ? 96  PRO A CB  1 
ATOM   714  C CG  . PRO A 1 100 ? 7.198   8.070   -7.202  1.00 12.05 ? 96  PRO A CG  1 
ATOM   715  C CD  . PRO A 1 100 ? 6.750   6.664   -7.027  1.00 11.50 ? 96  PRO A CD  1 
ATOM   716  N N   . ARG A 1 101 ? 11.420  7.228   -7.282  1.00 10.57 ? 97  ARG A N   1 
ATOM   717  C CA  . ARG A 1 101 ? 12.689  7.503   -6.604  1.00 12.52 ? 97  ARG A CA  1 
ATOM   718  C C   . ARG A 1 101 ? 12.905  8.983   -6.453  1.00 11.29 ? 97  ARG A C   1 
ATOM   719  O O   . ARG A 1 101 ? 12.375  9.778   -7.209  1.00 11.50 ? 97  ARG A O   1 
ATOM   720  C CB  . ARG A 1 101 ? 13.886  7.040   -7.436  1.00 13.73 ? 97  ARG A CB  1 
ATOM   721  C CG  . ARG A 1 101 ? 13.928  5.611   -7.677  1.00 16.84 ? 97  ARG A CG  1 
ATOM   722  C CD  . ARG A 1 101 ? 15.000  5.210   -8.666  1.00 18.77 ? 97  ARG A CD  1 
ATOM   723  N NE  . ARG A 1 101 ? 15.202  3.778   -8.528  1.00 23.12 ? 97  ARG A NE  1 
ATOM   724  C CZ  . ARG A 1 101 ? 15.996  3.038   -9.278  1.00 25.25 ? 97  ARG A CZ  1 
ATOM   725  N NH1 . ARG A 1 101 ? 16.747  3.583   -10.229 1.00 29.25 ? 97  ARG A NH1 1 
ATOM   726  N NH2 . ARG A 1 101 ? 16.078  1.745   -9.020  1.00 26.74 ? 97  ARG A NH2 1 
ATOM   727  N N   . HIS A 1 102 ? 13.774  9.338   -5.510  1.00 10.13 ? 98  HIS A N   1 
ATOM   728  C CA  . HIS A 1 102 ? 14.301  10.684  -5.479  1.00 10.17 ? 98  HIS A CA  1 
ATOM   729  C C   . HIS A 1 102 ? 14.918  11.007  -6.843  1.00 10.89 ? 98  HIS A C   1 
ATOM   730  O O   . HIS A 1 102 ? 15.741  10.234  -7.352  1.00 10.84 ? 98  HIS A O   1 
ATOM   731  C CB  . HIS A 1 102 ? 15.441  10.817  -4.456  1.00 9.90  ? 98  HIS A CB  1 
ATOM   732  C CG  . HIS A 1 102 ? 15.994  12.195  -4.444  1.00 9.66  ? 98  HIS A CG  1 
ATOM   733  N ND1 . HIS A 1 102 ? 15.377  13.202  -3.760  1.00 9.59  ? 98  HIS A ND1 1 
ATOM   734  C CD2 . HIS A 1 102 ? 17.003  12.767  -5.144  1.00 10.62 ? 98  HIS A CD2 1 
ATOM   735  C CE1 . HIS A 1 102 ? 16.003  14.344  -4.003  1.00 11.12 ? 98  HIS A CE1 1 
ATOM   736  N NE2 . HIS A 1 102 ? 16.993  14.104  -4.843  1.00 11.53 ? 98  HIS A NE2 1 
ATOM   737  N N   . GLY A 1 103 ? 14.526  12.149  -7.397  1.00 11.31 ? 99  GLY A N   1 
ATOM   738  C CA  . GLY A 1 103 ? 15.087  12.628  -8.646  1.00 11.12 ? 99  GLY A CA  1 
ATOM   739  C C   . GLY A 1 103 ? 14.337  12.165  -9.864  1.00 11.69 ? 99  GLY A C   1 
ATOM   740  O O   . GLY A 1 103 ? 14.713  12.539  -10.981 1.00 13.00 ? 99  GLY A O   1 
ATOM   741  N N   . ASP A 1 104 ? 13.315  11.332  -9.680  1.00 11.04 ? 100 ASP A N   1 
ATOM   742  C CA  . ASP A 1 104 ? 12.522  10.875  -10.819 1.00 11.36 ? 100 ASP A CA  1 
ATOM   743  C C   . ASP A 1 104 ? 11.718  12.007  -11.408 1.00 11.10 ? 100 ASP A C   1 
ATOM   744  O O   . ASP A 1 104 ? 11.211  12.872  -10.697 1.00 11.22 ? 100 ASP A O   1 
ATOM   745  C CB  . ASP A 1 104 ? 11.554  9.747   -10.431 1.00 10.97 ? 100 ASP A CB  1 
ATOM   746  C CG  . ASP A 1 104 ? 12.207  8.366   -10.439 1.00 13.09 ? 100 ASP A CG  1 
ATOM   747  O OD1 . ASP A 1 104 ? 13.395  8.240   -10.851 1.00 15.50 ? 100 ASP A OD1 1 
ATOM   748  O OD2 . ASP A 1 104 ? 11.506  7.398   -10.064 1.00 11.44 ? 100 ASP A OD2 1 
ATOM   749  N N   . ASN A 1 105 ? 11.596  11.943  -12.731 1.00 11.69 ? 101 ASN A N   1 
ATOM   750  C CA  . ASN A 1 105 ? 10.746  12.829  -13.506 1.00 11.36 ? 101 ASN A CA  1 
ATOM   751  C C   . ASN A 1 105 ? 9.408   12.116  -13.753 1.00 10.43 ? 101 ASN A C   1 
ATOM   752  O O   . ASN A 1 105 ? 9.242   10.936  -13.394 1.00 10.51 ? 101 ASN A O   1 
ATOM   753  C CB  . ASN A 1 105 ? 11.444  13.164  -14.822 1.00 12.38 ? 101 ASN A CB  1 
ATOM   754  C CG  . ASN A 1 105 ? 12.807  13.831  -14.619 1.00 13.27 ? 101 ASN A CG  1 
ATOM   755  O OD1 . ASN A 1 105 ? 12.947  14.746  -13.815 1.00 17.91 ? 101 ASN A OD1 1 
ATOM   756  N ND2 . ASN A 1 105 ? 13.798  13.365  -15.351 1.00 21.01 ? 101 ASN A ND2 1 
ATOM   757  N N   . ASN A 1 106 ? 8.452   12.806  -14.370 1.00 9.54  ? 102 ASN A N   1 
ATOM   758  C CA  . ASN A 1 106 ? 7.139   12.216  -14.682 1.00 10.41 ? 102 ASN A CA  1 
ATOM   759  C C   . ASN A 1 106 ? 6.497   11.567  -13.461 1.00 9.04  ? 102 ASN A C   1 
ATOM   760  O O   . ASN A 1 106 ? 6.058   10.410  -13.483 1.00 8.00  ? 102 ASN A O   1 
ATOM   761  C CB  . ASN A 1 106 ? 7.260   11.195  -15.795 1.00 10.86 ? 102 ASN A CB  1 
ATOM   762  C CG  . ASN A 1 106 ? 7.126   11.810  -17.132 1.00 15.78 ? 102 ASN A CG  1 
ATOM   763  O OD1 . ASN A 1 106 ? 8.091   11.870  -17.887 1.00 22.24 ? 102 ASN A OD1 1 
ATOM   764  N ND2 . ASN A 1 106 ? 5.915   12.290  -17.441 1.00 16.81 ? 102 ASN A ND2 1 
ATOM   765  N N   . LEU A 1 107 ? 6.454   12.304  -12.373 1.00 8.75  ? 103 LEU A N   1 
ATOM   766  C CA  . LEU A 1 107 ? 5.967   11.734  -11.127 1.00 8.67  ? 103 LEU A CA  1 
ATOM   767  C C   . LEU A 1 107 ? 4.531   11.219  -11.196 1.00 8.31  ? 103 LEU A C   1 
ATOM   768  O O   . LEU A 1 107 ? 4.232   10.148  -10.658 1.00 8.13  ? 103 LEU A O   1 
ATOM   769  C CB  . LEU A 1 107 ? 6.148   12.737  -9.986  1.00 8.21  ? 103 LEU A CB  1 
ATOM   770  C CG  . LEU A 1 107 ? 7.599   12.995  -9.601  1.00 8.13  ? 103 LEU A CG  1 
ATOM   771  C CD1 . LEU A 1 107 ? 7.702   14.143  -8.604  1.00 10.09 ? 103 LEU A CD1 1 
ATOM   772  C CD2 . LEU A 1 107 ? 8.278   11.722  -9.036  1.00 9.87  ? 103 LEU A CD2 1 
ATOM   773  N N   . HIS A 1 108 ? 3.621   11.956  -11.834 1.00 7.94  ? 104 HIS A N   1 
ATOM   774  C CA  . HIS A 1 108 ? 2.232   11.476  -11.862 1.00 8.33  ? 104 HIS A CA  1 
ATOM   775  C C   . HIS A 1 108 ? 2.196   10.063  -12.511 1.00 8.30  ? 104 HIS A C   1 
ATOM   776  O O   . HIS A 1 108 ? 1.599   9.130   -11.983 1.00 7.43  ? 104 HIS A O   1 
ATOM   777  C CB  . HIS A 1 108 ? 1.316   12.414  -12.638 1.00 8.94  ? 104 HIS A CB  1 
ATOM   778  C CG  . HIS A 1 108 ? -0.069  11.881  -12.780 1.00 8.66  ? 104 HIS A CG  1 
ATOM   779  N ND1 . HIS A 1 108 ? -1.020  12.036  -11.796 1.00 10.37 ? 104 HIS A ND1 1 
ATOM   780  C CD2 . HIS A 1 108 ? -0.661  11.169  -13.776 1.00 11.94 ? 104 HIS A CD2 1 
ATOM   781  C CE1 . HIS A 1 108 ? -2.140  11.447  -12.183 1.00 10.26 ? 104 HIS A CE1 1 
ATOM   782  N NE2 . HIS A 1 108 ? -1.945  10.905  -13.374 1.00 12.97 ? 104 HIS A NE2 1 
ATOM   783  N N   . GLU A 1 109 ? 2.831   9.931   -13.666 1.00 9.65  ? 105 GLU A N   1 
ATOM   784  C CA  . GLU A 1 109 ? 2.956   8.654   -14.360 1.00 10.24 ? 105 GLU A CA  1 
ATOM   785  C C   . GLU A 1 109 ? 3.496   7.555   -13.462 1.00 9.01  ? 105 GLU A C   1 
ATOM   786  O O   . GLU A 1 109 ? 2.962   6.415   -13.421 1.00 8.65  ? 105 GLU A O   1 
ATOM   787  C CB  . GLU A 1 109 ? 3.929   8.850   -15.531 1.00 11.74 ? 105 GLU A CB  1 
ATOM   788  C CG  . GLU A 1 109 ? 3.875   7.900   -16.647 1.00 16.44 ? 105 GLU A CG  1 
ATOM   789  C CD  . GLU A 1 109 ? 4.623   8.491   -17.851 1.00 16.22 ? 105 GLU A CD  1 
ATOM   790  O OE1 . GLU A 1 109 ? 5.871   8.528   -17.808 1.00 17.92 ? 105 GLU A OE1 1 
ATOM   791  O OE2 . GLU A 1 109 ? 3.964   8.983   -18.805 1.00 22.54 ? 105 GLU A OE2 1 
ATOM   792  N N   . LYS A 1 110 ? 4.570   7.876   -12.749 1.00 8.56  ? 106 LYS A N   1 
ATOM   793  C CA  . LYS A 1 110 ? 5.209   6.871   -11.889 1.00 8.55  ? 106 LYS A CA  1 
ATOM   794  C C   . LYS A 1 110 ? 4.321   6.519   -10.707 1.00 8.12  ? 106 LYS A C   1 
ATOM   795  O O   . LYS A 1 110 ? 4.281   5.350   -10.293 1.00 8.76  ? 106 LYS A O   1 
ATOM   796  C CB  . LYS A 1 110 ? 6.584   7.342   -11.450 1.00 8.70  ? 106 LYS A CB  1 
ATOM   797  C CG  . LYS A 1 110 ? 7.530   7.444   -12.646 1.00 8.69  ? 106 LYS A CG  1 
ATOM   798  C CD  . LYS A 1 110 ? 8.915   7.700   -12.232 1.00 9.53  ? 106 LYS A CD  1 
ATOM   799  C CE  . LYS A 1 110 ? 9.887   7.465   -13.354 1.00 9.08  ? 106 LYS A CE  1 
ATOM   800  N NZ  . LYS A 1 110 ? 9.693   8.382   -14.567 1.00 11.11 ? 106 LYS A NZ  1 
ATOM   801  N N   . LEU A 1 111 ? 3.601   7.502   -10.163 1.00 7.24  ? 107 LEU A N   1 
ATOM   802  C CA  . LEU A 1 111 ? 2.661   7.224   -9.082  1.00 7.35  ? 107 LEU A CA  1 
ATOM   803  C C   . LEU A 1 111 ? 1.524   6.318   -9.558  1.00 7.27  ? 107 LEU A C   1 
ATOM   804  O O   . LEU A 1 111 ? 1.155   5.354   -8.882  1.00 7.30  ? 107 LEU A O   1 
ATOM   805  C CB  . LEU A 1 111 ? 2.127   8.507   -8.445  1.00 8.26  ? 107 LEU A CB  1 
ATOM   806  C CG  . LEU A 1 111 ? 3.152   9.333   -7.686  1.00 8.36  ? 107 LEU A CG  1 
ATOM   807  C CD1 . LEU A 1 111 ? 2.712   10.781  -7.557  1.00 10.00 ? 107 LEU A CD1 1 
ATOM   808  C CD2 . LEU A 1 111 ? 3.418   8.679   -6.302  1.00 9.32  ? 107 LEU A CD2 1 
ATOM   809  N N   . VAL A 1 112 ? 0.984   6.601   -10.744 1.00 7.17  ? 108 VAL A N   1 
ATOM   810  C CA  . VAL A 1 112 ? -0.039  5.730   -11.313 1.00 7.18  ? 108 VAL A CA  1 
ATOM   811  C C   . VAL A 1 112 ? 0.489   4.308   -11.433 1.00 7.14  ? 108 VAL A C   1 
ATOM   812  O O   . VAL A 1 112 ? -0.209  3.357   -11.048 1.00 7.07  ? 108 VAL A O   1 
ATOM   813  C CB  . VAL A 1 112 ? -0.551  6.249   -12.652 1.00 7.54  ? 108 VAL A CB  1 
ATOM   814  C CG1 . VAL A 1 112 ? -1.460  5.231   -13.291 1.00 9.02  ? 108 VAL A CG1 1 
ATOM   815  C CG2 . VAL A 1 112 ? -1.272  7.572   -12.470 1.00 8.14  ? 108 VAL A CG2 1 
ATOM   816  N N   . ALA A 1 113 ? 1.697   4.164   -11.966 1.00 7.27  ? 109 ALA A N   1 
ATOM   817  C CA  . ALA A 1 113 ? 2.322   2.825   -12.093 1.00 7.63  ? 109 ALA A CA  1 
ATOM   818  C C   . ALA A 1 113 ? 2.449   2.139   -10.744 1.00 8.65  ? 109 ALA A C   1 
ATOM   819  O O   . ALA A 1 113 ? 2.195   0.920   -10.597 1.00 9.59  ? 109 ALA A O   1 
ATOM   820  C CB  . ALA A 1 113 ? 3.686   2.928   -12.754 1.00 8.88  ? 109 ALA A CB  1 
ATOM   821  N N   . ALA A 1 114 ? 2.850   2.910   -9.740  1.00 8.17  ? 110 ALA A N   1 
ATOM   822  C CA  . ALA A 1 114 ? 3.027   2.360   -8.390  1.00 7.81  ? 110 ALA A CA  1 
ATOM   823  C C   . ALA A 1 114 ? 1.700   1.817   -7.876  1.00 8.06  ? 110 ALA A C   1 
ATOM   824  O O   . ALA A 1 114 ? 1.639   0.699   -7.346  1.00 8.23  ? 110 ALA A O   1 
ATOM   825  C CB  . ALA A 1 114 ? 3.573   3.404   -7.457  1.00 8.80  ? 110 ALA A CB  1 
ATOM   826  N N   . TYR A 1 115 ? 0.624   2.581   -8.021  1.00 7.53  ? 111 TYR A N   1 
ATOM   827  C CA  . TYR A 1 115 ? -0.654  2.074   -7.542  1.00 7.55  ? 111 TYR A CA  1 
ATOM   828  C C   . TYR A 1 115 ? -1.146  0.885   -8.365  1.00 8.40  ? 111 TYR A C   1 
ATOM   829  O O   . TYR A 1 115 ? -1.693  -0.061  -7.804  1.00 8.52  ? 111 TYR A O   1 
ATOM   830  C CB  . TYR A 1 115 ? -1.664  3.184   -7.458  1.00 8.03  ? 111 TYR A CB  1 
ATOM   831  C CG  . TYR A 1 115 ? -1.417  4.110   -6.282  1.00 7.67  ? 111 TYR A CG  1 
ATOM   832  C CD1 . TYR A 1 115 ? -1.789  3.746   -4.994  1.00 9.15  ? 111 TYR A CD1 1 
ATOM   833  C CD2 . TYR A 1 115 ? -0.861  5.377   -6.455  1.00 8.48  ? 111 TYR A CD2 1 
ATOM   834  C CE1 . TYR A 1 115 ? -1.590  4.606   -3.919  1.00 8.86  ? 111 TYR A CE1 1 
ATOM   835  C CE2 . TYR A 1 115 ? -0.666  6.228   -5.382  1.00 7.72  ? 111 TYR A CE2 1 
ATOM   836  C CZ  . TYR A 1 115 ? -1.040  5.842   -4.112  1.00 8.92  ? 111 TYR A CZ  1 
ATOM   837  O OH  . TYR A 1 115 ? -0.901  6.695   -3.014  1.00 9.79  ? 111 TYR A OH  1 
ATOM   838  N N   . LYS A 1 116 ? -0.898  0.877   -9.673  1.00 8.21  ? 112 LYS A N   1 
ATOM   839  C CA  . LYS A 1 116 ? -1.248  -0.307  -10.481 1.00 9.28  ? 112 LYS A CA  1 
ATOM   840  C C   . LYS A 1 116 ? -0.492  -1.533  -9.982  1.00 8.34  ? 112 LYS A C   1 
ATOM   841  O O   . LYS A 1 116 ? -0.998  -2.664  -10.063 1.00 8.99  ? 112 LYS A O   1 
ATOM   842  C CB  . LYS A 1 116 ? -0.975  -0.081  -11.965 1.00 9.76  ? 112 LYS A CB  1 
ATOM   843  C CG  . LYS A 1 116 ? -1.965  0.874   -12.586 1.00 11.09 ? 112 LYS A CG  1 
ATOM   844  C CD  . LYS A 1 116 ? -1.771  0.962   -14.056 1.00 12.59 ? 112 LYS A CD  1 
ATOM   845  C CE  . LYS A 1 116 ? -2.757  1.957   -14.628 1.00 16.54 ? 112 LYS A CE  1 
ATOM   846  N NZ  . LYS A 1 116 ? -4.157  1.572   -14.458 1.00 22.90 ? 112 LYS A NZ  1 
ATOM   847  N N   . ASN A 1 117 ? 0.713   -1.312  -9.451  1.00 8.18  ? 113 ASN A N   1 
ATOM   848  C CA  . ASN A 1 117 ? 1.528   -2.402  -8.910  1.00 9.04  ? 113 ASN A CA  1 
ATOM   849  C C   . ASN A 1 117 ? 0.985   -2.961  -7.603  1.00 8.36  ? 113 ASN A C   1 
ATOM   850  O O   . ASN A 1 117 ? 1.433   -3.995  -7.150  1.00 7.93  ? 113 ASN A O   1 
ATOM   851  C CB  . ASN A 1 117 ? 2.965   -1.919  -8.728  1.00 8.61  ? 113 ASN A CB  1 
ATOM   852  C CG  . ASN A 1 117 ? 3.770   -1.970  -10.007 1.00 10.83 ? 113 ASN A CG  1 
ATOM   853  O OD1 . ASN A 1 117 ? 3.437   -2.712  -10.933 1.00 13.28 ? 113 ASN A OD1 1 
ATOM   854  N ND2 . ASN A 1 117 ? 4.877   -1.218  -10.052 1.00 10.69 ? 113 ASN A ND2 1 
ATOM   855  N N   . VAL A 1 118 ? 0.041   -2.256  -6.977  1.00 8.69  ? 114 VAL A N   1 
ATOM   856  C CA  . VAL A 1 118 ? -0.658  -2.756  -5.786  1.00 9.03  ? 114 VAL A CA  1 
ATOM   857  C C   . VAL A 1 118 ? -1.460  -4.021  -6.052  1.00 9.01  ? 114 VAL A C   1 
ATOM   858  O O   . VAL A 1 118 ? -1.573  -4.883  -5.174  1.00 9.59  ? 114 VAL A O   1 
ATOM   859  C CB  . VAL A 1 118 ? -1.612  -1.652  -5.210  1.00 9.94  ? 114 VAL A CB  1 
ATOM   860  C CG1 . VAL A 1 118 ? -2.665  -2.202  -4.252  1.00 11.80 ? 114 VAL A CG1 1 
ATOM   861  C CG2 . VAL A 1 118 ? -0.768  -0.569  -4.582  1.00 11.27 ? 114 VAL A CG2 1 
ATOM   862  N N   . LEU A 1 119 ? -2.041  -4.132  -7.238  1.00 8.95  ? 115 LEU A N   1 
ATOM   863  C CA  . LEU A 1 119 ? -2.925  -5.259  -7.507  1.00 9.06  ? 115 LEU A CA  1 
ATOM   864  C C   . LEU A 1 119 ? -2.106  -6.551  -7.390  1.00 8.77  ? 115 LEU A C   1 
ATOM   865  O O   . LEU A 1 119 ? -0.948  -6.610  -7.832  1.00 8.98  ? 115 LEU A O   1 
ATOM   866  C CB  . LEU A 1 119 ? -3.580  -5.171  -8.881  1.00 10.56 ? 115 LEU A CB  1 
ATOM   867  C CG  . LEU A 1 119 ? -4.693  -4.148  -9.143  1.00 13.40 ? 115 LEU A CG  1 
ATOM   868  C CD1 . LEU A 1 119 ? -5.981  -4.570  -8.437  1.00 17.25 ? 115 LEU A CD1 1 
ATOM   869  C CD2 . LEU A 1 119 ? -4.281  -2.769  -8.756  1.00 15.86 ? 115 LEU A CD2 1 
ATOM   870  N N   . VAL A 1 120 ? -2.745  -7.577  -6.831  1.00 7.61  ? 116 VAL A N   1 
ATOM   871  C CA  . VAL A 1 120 ? -2.150  -8.905  -6.691  1.00 8.59  ? 116 VAL A CA  1 
ATOM   872  C C   . VAL A 1 120 ? -3.121  -9.895  -7.312  1.00 8.43  ? 116 VAL A C   1 
ATOM   873  O O   . VAL A 1 120 ? -4.319  -9.846  -7.050  1.00 8.73  ? 116 VAL A O   1 
ATOM   874  C CB  . VAL A 1 120 ? -1.920  -9.280  -5.216  1.00 8.26  ? 116 VAL A CB  1 
ATOM   875  C CG1 . VAL A 1 120 ? -1.342  -10.679 -5.120  1.00 8.17  ? 116 VAL A CG1 1 
ATOM   876  C CG2 . VAL A 1 120 ? -0.978  -8.264  -4.570  1.00 8.81  ? 116 VAL A CG2 1 
ATOM   877  N N   . ASP A 1 121 ? -2.605  -10.780 -8.154  1.00 8.81  ? 117 ASP A N   1 
ATOM   878  C CA  . ASP A 1 121 ? -3.472  -11.678 -8.888  1.00 9.29  ? 117 ASP A CA  1 
ATOM   879  C C   . ASP A 1 121 ? -4.330  -12.474 -7.906  1.00 10.20 ? 117 ASP A C   1 
ATOM   880  O O   . ASP A 1 121 ? -3.798  -13.052 -6.962  1.00 10.40 ? 117 ASP A O   1 
ATOM   881  C CB  . ASP A 1 121 ? -2.652  -12.623 -9.751  1.00 9.37  ? 117 ASP A CB  1 
ATOM   882  C CG  . ASP A 1 121 ? -1.872  -11.916 -10.864 1.00 10.22 ? 117 ASP A CG  1 
ATOM   883  O OD1 . ASP A 1 121 ? -2.286  -10.831 -11.345 1.00 11.47 ? 117 ASP A OD1 1 
ATOM   884  O OD2 . ASP A 1 121 ? -0.816  -12.483 -11.222 1.00 13.70 ? 117 ASP A OD2 1 
ATOM   885  N N   . GLY A 1 122 ? -5.636  -12.505 -8.158  1.00 10.78 ? 118 GLY A N   1 
ATOM   886  C CA  . GLY A 1 122 ? -6.591  -13.243 -7.330  1.00 11.06 ? 118 GLY A CA  1 
ATOM   887  C C   . GLY A 1 122 ? -7.096  -12.514 -6.089  1.00 11.96 ? 118 GLY A C   1 
ATOM   888  O O   . GLY A 1 122 ? -8.049  -12.975 -5.445  1.00 13.74 ? 118 GLY A O   1 
ATOM   889  N N   . VAL A 1 123 ? -6.469  -11.397 -5.724  1.00 10.55 ? 119 VAL A N   1 
ATOM   890  C CA  . VAL A 1 123 ? -6.821  -10.674 -4.508  1.00 10.59 ? 119 VAL A CA  1 
ATOM   891  C C   . VAL A 1 123 ? -7.818  -9.592  -4.843  1.00 10.25 ? 119 VAL A C   1 
ATOM   892  O O   . VAL A 1 123 ? -7.662  -8.895  -5.855  1.00 11.70 ? 119 VAL A O   1 
ATOM   893  C CB  . VAL A 1 123 ? -5.596  -10.010 -3.859  1.00 9.18  ? 119 VAL A CB  1 
ATOM   894  C CG1 . VAL A 1 123 ? -6.016  -9.075  -2.705  1.00 11.21 ? 119 VAL A CG1 1 
ATOM   895  C CG2 . VAL A 1 123 ? -4.640  -11.086 -3.355  1.00 9.85  ? 119 VAL A CG2 1 
ATOM   896  N N   . VAL A 1 124 ? -8.836  -9.456  -3.999  1.00 10.61 ? 120 VAL A N   1 
ATOM   897  C CA  . VAL A 1 124 ? -9.945  -8.530  -4.237  1.00 10.42 ? 120 VAL A CA  1 
ATOM   898  C C   . VAL A 1 124 ? -9.965  -7.327  -3.279  1.00 9.43  ? 120 VAL A C   1 
ATOM   899  O O   . VAL A 1 124 ? -10.370 -6.230  -3.680  1.00 10.41 ? 120 VAL A O   1 
ATOM   900  C CB  . VAL A 1 124 ? -11.291 -9.266  -4.173  1.00 12.20 ? 120 VAL A CB  1 
ATOM   901  C CG1 . VAL A 1 124 ? -12.463 -8.293  -4.261  1.00 15.24 ? 120 VAL A CG1 1 
ATOM   902  C CG2 . VAL A 1 124 ? -11.322 -10.291 -5.309  1.00 13.73 ? 120 VAL A CG2 1 
ATOM   903  N N   . ASN A 1 125 ? -9.511  -7.541  -2.049  1.00 9.32  ? 121 ASN A N   1 
ATOM   904  C CA  . ASN A 1 125 ? -9.535  -6.543  -0.978  1.00 9.23  ? 121 ASN A CA  1 
ATOM   905  C C   . ASN A 1 125 ? -8.138  -6.069  -0.600  1.00 8.48  ? 121 ASN A C   1 
ATOM   906  O O   . ASN A 1 125 ? -7.253  -6.899  -0.343  1.00 8.25  ? 121 ASN A O   1 
ATOM   907  C CB  . ASN A 1 125 ? -10.187 -7.145  0.267   1.00 8.91  ? 121 ASN A CB  1 
ATOM   908  C CG  . ASN A 1 125 ? -11.604 -7.642  0.008   1.00 10.77 ? 121 ASN A CG  1 
ATOM   909  O OD1 . ASN A 1 125 ? -12.347 -7.032  -0.758  1.00 10.17 ? 121 ASN A OD1 1 
ATOM   910  N ND2 . ASN A 1 125 ? -11.958 -8.783  0.607   1.00 12.41 ? 121 ASN A ND2 1 
ATOM   911  N N   . TYR A 1 126 ? -7.964  -4.741  -0.532  1.00 8.79  ? 122 TYR A N   1 
ATOM   912  C CA  . TYR A 1 126 ? -6.672  -4.117  -0.310  1.00 8.69  ? 122 TYR A CA  1 
ATOM   913  C C   . TYR A 1 126 ? -6.742  -3.065  0.780   1.00 8.52  ? 122 TYR A C   1 
ATOM   914  O O   . TYR A 1 126 ? -7.719  -2.321  0.843   1.00 8.87  ? 122 TYR A O   1 
ATOM   915  C CB  . TYR A 1 126 ? -6.204  -3.436  -1.584  1.00 9.13  ? 122 TYR A CB  1 
ATOM   916  C CG  . TYR A 1 126 ? -5.996  -4.413  -2.711  1.00 8.13  ? 122 TYR A CG  1 
ATOM   917  C CD1 . TYR A 1 126 ? -4.747  -4.965  -2.941  1.00 8.47  ? 122 TYR A CD1 1 
ATOM   918  C CD2 . TYR A 1 126 ? -7.043  -4.786  -3.556  1.00 7.84  ? 122 TYR A CD2 1 
ATOM   919  C CE1 . TYR A 1 126 ? -4.545  -5.857  -3.966  1.00 8.24  ? 122 TYR A CE1 1 
ATOM   920  C CE2 . TYR A 1 126 ? -6.840  -5.695  -4.597  1.00 8.74  ? 122 TYR A CE2 1 
ATOM   921  C CZ  . TYR A 1 126 ? -5.592  -6.227  -4.784  1.00 8.80  ? 122 TYR A CZ  1 
ATOM   922  O OH  . TYR A 1 126 ? -5.398  -7.114  -5.817  1.00 9.22  ? 122 TYR A OH  1 
ATOM   923  N N   . VAL A 1 127 ? -5.672  -2.983  1.559   1.00 8.18  ? 123 VAL A N   1 
ATOM   924  C CA  . VAL A 1 127 ? -5.472  -1.927  2.538   1.00 8.13  ? 123 VAL A CA  1 
ATOM   925  C C   . VAL A 1 127 ? -4.272  -1.144  2.031   1.00 7.37  ? 123 VAL A C   1 
ATOM   926  O O   . VAL A 1 127 ? -3.179  -1.701  1.917   1.00 6.91  ? 123 VAL A O   1 
ATOM   927  C CB  . VAL A 1 127 ? -5.262  -2.525  3.930   1.00 8.25  ? 123 VAL A CB  1 
ATOM   928  C CG1 . VAL A 1 127 ? -4.883  -1.462  4.925   1.00 10.64 ? 123 VAL A CG1 1 
ATOM   929  C CG2 . VAL A 1 127 ? -6.523  -3.304  4.358   1.00 11.25 ? 123 VAL A CG2 1 
ATOM   930  N N   . VAL A 1 128 ? -4.487  0.142   1.707   1.00 7.28  ? 124 VAL A N   1 
ATOM   931  C CA  . VAL A 1 128 ? -3.523  0.892   0.904   1.00 7.45  ? 124 VAL A CA  1 
ATOM   932  C C   . VAL A 1 128 ? -3.152  2.204   1.575   1.00 7.61  ? 124 VAL A C   1 
ATOM   933  O O   . VAL A 1 128 ? -4.018  2.994   1.920   1.00 8.21  ? 124 VAL A O   1 
ATOM   934  C CB  . VAL A 1 128 ? -4.118  1.204   -0.493  1.00 7.21  ? 124 VAL A CB  1 
ATOM   935  C CG1 . VAL A 1 128 ? -3.100  1.943   -1.369  1.00 7.42  ? 124 VAL A CG1 1 
ATOM   936  C CG2 . VAL A 1 128 ? -4.594  -0.078  -1.159  1.00 7.91  ? 124 VAL A CG2 1 
ATOM   937  N N   . PRO A 1 129 ? -1.861  2.439   1.762   1.00 8.60  ? 125 PRO A N   1 
ATOM   938  C CA  . PRO A 1 129 ? -1.438  3.731   2.274   1.00 8.79  ? 125 PRO A CA  1 
ATOM   939  C C   . PRO A 1 129 ? -1.267  4.741   1.142   1.00 9.08  ? 125 PRO A C   1 
ATOM   940  O O   . PRO A 1 129 ? -1.245  4.374   -0.054  1.00 9.20  ? 125 PRO A O   1 
ATOM   941  C CB  . PRO A 1 129 ? -0.075  3.404   2.883   1.00 9.12  ? 125 PRO A CB  1 
ATOM   942  C CG  . PRO A 1 129 ? 0.497   2.383   1.918   1.00 10.08 ? 125 PRO A CG  1 
ATOM   943  C CD  . PRO A 1 129 ? -0.718  1.567   1.454   1.00 9.44  ? 125 PRO A CD  1 
ATOM   944  N N   . VAL A 1 130 ? -1.114  6.013   1.508   1.00 9.22  ? 126 VAL A N   1 
ATOM   945  C CA  . VAL A 1 130 ? -0.768  7.024   0.522   1.00 8.66  ? 126 VAL A CA  1 
ATOM   946  C C   . VAL A 1 130 ? 0.728   6.909   0.246   1.00 8.78  ? 126 VAL A C   1 
ATOM   947  O O   . VAL A 1 130 ? 1.545   7.118   1.146   1.00 9.99  ? 126 VAL A O   1 
ATOM   948  C CB  . VAL A 1 130 ? -1.106  8.440   0.998   1.00 7.71  ? 126 VAL A CB  1 
ATOM   949  C CG1 . VAL A 1 130 ? -0.761  9.452   -0.085  1.00 8.62  ? 126 VAL A CG1 1 
ATOM   950  C CG2 . VAL A 1 130 ? -2.578  8.574   1.386   1.00 8.36  ? 126 VAL A CG2 1 
ATOM   951  N N   . LEU A 1 131 ? 1.089   6.567   -0.991  1.00 9.07  ? 127 LEU A N   1 
ATOM   952  C CA  . LEU A 1 131 ? 2.478   6.300   -1.364  1.00 8.89  ? 127 LEU A CA  1 
ATOM   953  C C   . LEU A 1 131 ? 3.316   7.568   -1.612  1.00 8.87  ? 127 LEU A C   1 
ATOM   954  O O   . LEU A 1 131 ? 2.795   8.610   -2.030  1.00 8.25  ? 127 LEU A O   1 
ATOM   955  C CB  . LEU A 1 131 ? 2.531   5.463   -2.644  1.00 9.18  ? 127 LEU A CB  1 
ATOM   956  C CG  . LEU A 1 131 ? 1.946   4.069   -2.539  1.00 9.56  ? 127 LEU A CG  1 
ATOM   957  C CD1 . LEU A 1 131 ? 1.933   3.380   -3.907  1.00 11.70 ? 127 LEU A CD1 1 
ATOM   958  C CD2 . LEU A 1 131 ? 2.713   3.209   -1.538  1.00 10.08 ? 127 LEU A CD2 1 
ATOM   959  N N   . SER A 1 132 ? 4.610   7.459   -1.315  1.00 8.47  ? 128 SER A N   1 
ATOM   960  C CA  . SER A 1 132 ? 5.644   8.333   -1.843  1.00 9.33  ? 128 SER A CA  1 
ATOM   961  C C   . SER A 1 132 ? 5.695   9.753   -1.281  1.00 9.06  ? 128 SER A C   1 
ATOM   962  O O   . SER A 1 132 ? 6.286   10.620  -1.916  1.00 9.60  ? 128 SER A O   1 
ATOM   963  C CB  . SER A 1 132 ? 5.535   8.356   -3.373  1.00 9.67  ? 128 SER A CB  1 
ATOM   964  O OG  . SER A 1 132 ? 5.649   7.029   -3.891  1.00 10.31 ? 128 SER A OG  1 
ATOM   965  N N   . LEU A 1 133 ? 5.135   10.012  -0.097  1.00 9.63  ? 129 LEU A N   1 
ATOM   966  C CA  . LEU A 1 133 ? 5.091   11.395  0.407   1.00 10.35 ? 129 LEU A CA  1 
ATOM   967  C C   . LEU A 1 133 ? 6.458   11.961  0.797   1.00 10.92 ? 129 LEU A C   1 
ATOM   968  O O   . LEU A 1 133 ? 6.614   13.173  0.913   1.00 12.86 ? 129 LEU A O   1 
ATOM   969  C CB  . LEU A 1 133 ? 4.103   11.516  1.563   1.00 10.95 ? 129 LEU A CB  1 
ATOM   970  C CG  . LEU A 1 133 ? 2.662   11.206  1.156   1.00 11.28 ? 129 LEU A CG  1 
ATOM   971  C CD1 . LEU A 1 133 ? 1.754   11.597  2.283   1.00 11.37 ? 129 LEU A CD1 1 
ATOM   972  C CD2 . LEU A 1 133 ? 2.245   11.924  -0.114  1.00 10.99 ? 129 LEU A CD2 1 
ATOM   973  N N   . GLY A 1 134 ? 7.438   11.100  0.996   1.00 11.25 ? 130 GLY A N   1 
ATOM   974  C CA  . GLY A 1 134 ? 8.790   11.578  1.280   1.00 10.59 ? 130 GLY A CA  1 
ATOM   975  C C   . GLY A 1 134 ? 9.614   11.889  0.058   1.00 11.21 ? 130 GLY A C   1 
ATOM   976  O O   . GLY A 1 134 ? 10.741  12.363  0.174   1.00 10.79 ? 130 GLY A O   1 
ATOM   977  N N   . ILE A 1 135 ? 9.064   11.603  -1.123  1.00 10.08 ? 131 ILE A N   1 
ATOM   978  C CA  . ILE A 1 135 ? 9.788   11.766  -2.364  1.00 10.43 ? 131 ILE A CA  1 
ATOM   979  C C   . ILE A 1 135 ? 9.690   13.209  -2.846  1.00 10.86 ? 131 ILE A C   1 
ATOM   980  O O   . ILE A 1 135 ? 8.588   13.762  -3.006  1.00 10.46 ? 131 ILE A O   1 
ATOM   981  C CB  . ILE A 1 135 ? 9.234   10.832  -3.455  1.00 9.82  ? 131 ILE A CB  1 
ATOM   982  C CG1 . ILE A 1 135 ? 9.293   9.350   -3.021  1.00 10.79 ? 131 ILE A CG1 1 
ATOM   983  C CG2 . ILE A 1 135 ? 9.966   11.053  -4.768  1.00 10.27 ? 131 ILE A CG2 1 
ATOM   984  C CD1 . ILE A 1 135 ? 10.661  8.855   -2.606  1.00 11.97 ? 131 ILE A CD1 1 
ATOM   985  N N   . PHE A 1 136 ? 10.860  13.801  -3.091  1.00 11.05 ? 132 PHE A N   1 
ATOM   986  C CA  . PHE A 1 136 ? 10.978  15.141  -3.654  1.00 10.80 ? 132 PHE A CA  1 
ATOM   987  C C   . PHE A 1 136 ? 10.020  15.324  -4.832  1.00 10.21 ? 132 PHE A C   1 
ATOM   988  O O   . PHE A 1 136 ? 10.104  14.591  -5.808  1.00 11.49 ? 132 PHE A O   1 
ATOM   989  C CB  . PHE A 1 136 ? 12.435  15.373  -4.079  1.00 12.09 ? 132 PHE A CB  1 
ATOM   990  C CG  . PHE A 1 136 ? 12.685  16.688  -4.747  1.00 12.94 ? 132 PHE A CG  1 
ATOM   991  C CD1 . PHE A 1 136 ? 13.362  16.744  -5.965  1.00 16.62 ? 132 PHE A CD1 1 
ATOM   992  C CD2 . PHE A 1 136 ? 12.265  17.855  -4.164  1.00 14.05 ? 132 PHE A CD2 1 
ATOM   993  C CE1 . PHE A 1 136 ? 13.589  17.965  -6.590  1.00 18.07 ? 132 PHE A CE1 1 
ATOM   994  C CE2 . PHE A 1 136 ? 12.491  19.082  -4.781  1.00 16.21 ? 132 PHE A CE2 1 
ATOM   995  C CZ  . PHE A 1 136 ? 13.137  19.131  -5.991  1.00 17.69 ? 132 PHE A CZ  1 
ATOM   996  N N   . GLY A 1 137 ? 9.105   16.288  -4.720  1.00 9.19  ? 133 GLY A N   1 
ATOM   997  C CA  . GLY A 1 137 ? 8.186   16.582  -5.808  1.00 9.08  ? 133 GLY A CA  1 
ATOM   998  C C   . GLY A 1 137 ? 6.803   16.000  -5.659  1.00 9.66  ? 133 GLY A C   1 
ATOM   999  O O   . GLY A 1 137 ? 5.877   16.418  -6.363  1.00 9.55  ? 133 GLY A O   1 
ATOM   1000 N N   . VAL A 1 138 ? 6.645   15.041  -4.739  1.00 8.70  ? 134 VAL A N   1 
ATOM   1001 C CA  . VAL A 1 138 ? 5.356   14.377  -4.521  1.00 8.61  ? 134 VAL A CA  1 
ATOM   1002 C C   . VAL A 1 138 ? 4.607   15.004  -3.361  1.00 9.19  ? 134 VAL A C   1 
ATOM   1003 O O   . VAL A 1 138 ? 5.194   15.312  -2.317  1.00 9.90  ? 134 VAL A O   1 
ATOM   1004 C CB  . VAL A 1 138 ? 5.541   12.875  -4.258  1.00 8.70  ? 134 VAL A CB  1 
ATOM   1005 C CG1 . VAL A 1 138 ? 4.195   12.218  -3.951  1.00 7.67  ? 134 VAL A CG1 1 
ATOM   1006 C CG2 . VAL A 1 138 ? 6.234   12.185  -5.439  1.00 8.31  ? 134 VAL A CG2 1 
ATOM   1007 N N   . ASP A 1 139 ? 3.312   15.216  -3.541  1.00 8.80  ? 135 ASP A N   1 
ATOM   1008 C CA  . ASP A 1 139 ? 2.435   15.574  -2.447  1.00 8.91  ? 135 ASP A CA  1 
ATOM   1009 C C   . ASP A 1 139 ? 1.215   14.646  -2.405  1.00 8.52  ? 135 ASP A C   1 
ATOM   1010 O O   . ASP A 1 139 ? 0.973   13.839  -3.306  1.00 8.55  ? 135 ASP A O   1 
ATOM   1011 C CB  . ASP A 1 139 ? 2.040   17.052  -2.543  1.00 8.75  ? 135 ASP A CB  1 
ATOM   1012 C CG  . ASP A 1 139 ? 1.180   17.352  -3.762  1.00 11.41 ? 135 ASP A CG  1 
ATOM   1013 O OD1 . ASP A 1 139 ? 0.107   16.725  -3.919  1.00 10.79 ? 135 ASP A OD1 1 
ATOM   1014 O OD2 . ASP A 1 139 ? 1.590   18.203  -4.573  1.00 14.99 ? 135 ASP A OD2 1 
ATOM   1015 N N   . PHE A 1 140 ? 0.485   14.687  -1.300  1.00 8.51  ? 136 PHE A N   1 
ATOM   1016 C CA  . PHE A 1 140 ? -0.582  13.713  -1.092  1.00 8.67  ? 136 PHE A CA  1 
ATOM   1017 C C   . PHE A 1 140 ? -1.721  13.856  -2.072  1.00 8.32  ? 136 PHE A C   1 
ATOM   1018 O O   . PHE A 1 140 ? -2.433  12.890  -2.310  1.00 9.14  ? 136 PHE A O   1 
ATOM   1019 C CB  . PHE A 1 140 ? -1.111  13.741  0.350   1.00 9.42  ? 136 PHE A CB  1 
ATOM   1020 C CG  . PHE A 1 140 ? -1.895  14.966  0.723   1.00 9.19  ? 136 PHE A CG  1 
ATOM   1021 C CD1 . PHE A 1 140 ? -3.281  14.986  0.575   1.00 9.91  ? 136 PHE A CD1 1 
ATOM   1022 C CD2 . PHE A 1 140 ? -1.280  16.054  1.314   1.00 11.84 ? 136 PHE A CD2 1 
ATOM   1023 C CE1 . PHE A 1 140 ? -4.015  16.095  0.972   1.00 12.22 ? 136 PHE A CE1 1 
ATOM   1024 C CE2 . PHE A 1 140 ? -2.017  17.183  1.700   1.00 12.20 ? 136 PHE A CE2 1 
ATOM   1025 C CZ  . PHE A 1 140 ? -3.378  17.189  1.517   1.00 11.15 ? 136 PHE A CZ  1 
ATOM   1026 N N   . LYS A 1 141 ? -1.913  15.060  -2.612  1.00 8.35  ? 137 LYS A N   1 
ATOM   1027 C CA  . LYS A 1 141 ? -2.981  15.256  -3.583  1.00 9.06  ? 137 LYS A CA  1 
ATOM   1028 C C   . LYS A 1 141 ? -2.611  14.577  -4.910  1.00 8.23  ? 137 LYS A C   1 
ATOM   1029 O O   . LYS A 1 141 ? -3.408  13.848  -5.495  1.00 8.46  ? 137 LYS A O   1 
ATOM   1030 C CB  . LYS A 1 141 ? -3.293  16.731  -3.719  1.00 10.08 ? 137 LYS A CB  1 
ATOM   1031 C CG  . LYS A 1 141 ? -3.820  17.271  -2.412  1.00 12.46 ? 137 LYS A CG  1 
ATOM   1032 C CD  . LYS A 1 141 ? -4.289  18.694  -2.552  1.00 12.88 ? 137 LYS A CD  1 
ATOM   1033 C CE  . LYS A 1 141 ? -4.725  19.211  -1.229  1.00 15.70 ? 137 LYS A CE  1 
ATOM   1034 N NZ  . LYS A 1 141 ? -5.316  20.605  -1.363  1.00 19.01 ? 137 LYS A NZ  1 
ATOM   1035 N N   . MET A 1 142 ? -1.383  14.779  -5.341  1.00 8.30  ? 138 MET A N   1 
ATOM   1036 C CA  A MET A 1 142 ? -0.860  14.070  -6.514  0.50 7.63  ? 138 MET A CA  1 
ATOM   1037 C CA  B MET A 1 142 ? -0.859  14.088  -6.498  0.50 8.82  ? 138 MET A CA  1 
ATOM   1038 C C   . MET A 1 142 ? -0.997  12.572  -6.311  1.00 8.10  ? 138 MET A C   1 
ATOM   1039 O O   . MET A 1 142 ? -1.402  11.841  -7.222  1.00 8.55  ? 138 MET A O   1 
ATOM   1040 C CB  A MET A 1 142 ? 0.620   14.345  -6.747  0.50 7.70  ? 138 MET A CB  1 
ATOM   1041 C CB  B MET A 1 142 ? 0.597   14.479  -6.641  0.50 9.10  ? 138 MET A CB  1 
ATOM   1042 C CG  A MET A 1 142 ? 0.981   15.759  -7.113  0.50 6.40  ? 138 MET A CG  1 
ATOM   1043 C CG  B MET A 1 142 ? 1.350   13.848  -7.762  0.50 10.00 ? 138 MET A CG  1 
ATOM   1044 S SD  A MET A 1 142 ? 2.758   16.007  -6.988  0.50 6.28  ? 138 MET A SD  1 
ATOM   1045 S SD  B MET A 1 142 ? 3.084   14.369  -7.677  0.50 13.27 ? 138 MET A SD  1 
ATOM   1046 C CE  A MET A 1 142 ? 3.357   15.207  -8.473  0.50 7.03  ? 138 MET A CE  1 
ATOM   1047 C CE  B MET A 1 142 ? 2.911   16.141  -7.468  0.50 12.99 ? 138 MET A CE  1 
ATOM   1048 N N   . SER A 1 143 ? -0.618  12.105  -5.125  1.00 7.58  ? 139 SER A N   1 
ATOM   1049 C CA  . SER A 1 143 ? -0.570  10.664  -4.890  1.00 7.42  ? 139 SER A CA  1 
ATOM   1050 C C   . SER A 1 143 ? -1.968  10.033  -4.896  1.00 7.34  ? 139 SER A C   1 
ATOM   1051 O O   . SER A 1 143 ? -2.189  8.991   -5.495  1.00 8.23  ? 139 SER A O   1 
ATOM   1052 C CB  . SER A 1 143 ? 0.190   10.379  -3.581  1.00 8.12  ? 139 SER A CB  1 
ATOM   1053 O OG  . SER A 1 143 ? 0.496   8.998   -3.453  1.00 8.78  ? 139 SER A OG  1 
ATOM   1054 N N   . ILE A 1 144 ? -2.910  10.662  -4.212  1.00 7.91  ? 140 ILE A N   1 
ATOM   1055 C CA  . ILE A 1 144 ? -4.269  10.167  -4.169  1.00 8.03  ? 140 ILE A CA  1 
ATOM   1056 C C   . ILE A 1 144 ? -4.923  10.269  -5.547  1.00 8.13  ? 140 ILE A C   1 
ATOM   1057 O O   . ILE A 1 144 ? -5.656  9.392   -5.949  1.00 8.57  ? 140 ILE A O   1 
ATOM   1058 C CB  . ILE A 1 144 ? -5.098  10.915  -3.088  1.00 8.05  ? 140 ILE A CB  1 
ATOM   1059 C CG1 . ILE A 1 144 ? -4.600  10.486  -1.709  1.00 8.60  ? 140 ILE A CG1 1 
ATOM   1060 C CG2 . ILE A 1 144 ? -6.609  10.636  -3.231  1.00 8.06  ? 140 ILE A CG2 1 
ATOM   1061 C CD1 . ILE A 1 144 ? -5.127  11.340  -0.511  1.00 9.72  ? 140 ILE A CD1 1 
ATOM   1062 N N   . ASP A 1 145 ? -4.640  11.339  -6.293  1.00 7.51  ? 141 ASP A N   1 
ATOM   1063 C CA  . ASP A 1 145 ? -5.165  11.437  -7.656  1.00 7.90  ? 141 ASP A CA  1 
ATOM   1064 C C   . ASP A 1 145 ? -4.658  10.278  -8.498  1.00 8.23  ? 141 ASP A C   1 
ATOM   1065 O O   . ASP A 1 145 ? -5.397  9.673   -9.269  1.00 9.24  ? 141 ASP A O   1 
ATOM   1066 C CB  . ASP A 1 145 ? -4.721  12.756  -8.314  1.00 7.63  ? 141 ASP A CB  1 
ATOM   1067 C CG  . ASP A 1 145 ? -5.402  13.982  -7.744  1.00 9.58  ? 141 ASP A CG  1 
ATOM   1068 O OD1 . ASP A 1 145 ? -6.320  13.879  -6.903  1.00 9.57  ? 141 ASP A OD1 1 
ATOM   1069 O OD2 . ASP A 1 145 ? -4.995  15.084  -8.180  1.00 12.20 ? 141 ASP A OD2 1 
ATOM   1070 N N   . ALA A 1 146 ? -3.369  9.973   -8.372  1.00 7.17  ? 142 ALA A N   1 
ATOM   1071 C CA  . ALA A 1 146 ? -2.757  8.874   -9.132  1.00 7.78  ? 142 ALA A CA  1 
ATOM   1072 C C   . ALA A 1 146 ? -3.390  7.530   -8.747  1.00 8.39  ? 142 ALA A C   1 
ATOM   1073 O O   . ALA A 1 146 ? -3.625  6.680   -9.594  1.00 9.16  ? 142 ALA A O   1 
ATOM   1074 C CB  . ALA A 1 146 ? -1.238  8.848   -8.938  1.00 8.36  ? 142 ALA A CB  1 
ATOM   1075 N N   . MET A 1 147 ? -3.680  7.357   -7.464  1.00 7.84  ? 143 MET A N   1 
ATOM   1076 C CA  . MET A 1 147 ? -4.343  6.146   -6.978  1.00 9.28  ? 143 MET A CA  1 
ATOM   1077 C C   . MET A 1 147 ? -5.689  5.988   -7.667  1.00 9.23  ? 143 MET A C   1 
ATOM   1078 O O   . MET A 1 147 ? -6.028  4.920   -8.180  1.00 10.45 ? 143 MET A O   1 
ATOM   1079 C CB  . MET A 1 147 ? -4.548  6.208   -5.480  1.00 8.61  ? 143 MET A CB  1 
ATOM   1080 C CG  . MET A 1 147 ? -5.183  4.942   -4.945  1.00 9.06  ? 143 MET A CG  1 
ATOM   1081 S SD  . MET A 1 147 ? -5.918  5.124   -3.313  1.00 11.56 ? 143 MET A SD  1 
ATOM   1082 C CE  . MET A 1 147 ? -7.230  6.296   -3.671  1.00 11.32 ? 143 MET A CE  1 
ATOM   1083 N N   . ARG A 1 148 ? -6.468  7.063   -7.684  1.00 9.78  ? 144 ARG A N   1 
ATOM   1084 C CA  . ARG A 1 148 ? -7.778  6.989   -8.331  1.00 11.09 ? 144 ARG A CA  1 
ATOM   1085 C C   . ARG A 1 148 ? -7.653  6.626   -9.809  1.00 11.42 ? 144 ARG A C   1 
ATOM   1086 O O   . ARG A 1 148 ? -8.422  5.808   -10.313 1.00 11.17 ? 144 ARG A O   1 
ATOM   1087 C CB  . ARG A 1 148 ? -8.526  8.295   -8.196  1.00 11.76 ? 144 ARG A CB  1 
ATOM   1088 C CG  . ARG A 1 148 ? -9.012  8.609   -6.851  1.00 14.06 ? 144 ARG A CG  1 
ATOM   1089 C CD  . ARG A 1 148 ? -9.989  9.762   -6.995  1.00 16.03 ? 144 ARG A CD  1 
ATOM   1090 N NE  . ARG A 1 148 ? -10.565 10.195  -5.750  1.00 20.64 ? 144 ARG A NE  1 
ATOM   1091 C CZ  . ARG A 1 148 ? -11.562 9.588   -5.135  1.00 20.87 ? 144 ARG A CZ  1 
ATOM   1092 N NH1 . ARG A 1 148 ? -12.097 8.471   -5.619  1.00 22.18 ? 144 ARG A NH1 1 
ATOM   1093 N NH2 . ARG A 1 148 ? -12.019 10.106  -4.014  1.00 23.00 ? 144 ARG A NH2 1 
ATOM   1094 N N   . GLU A 1 149 ? -6.679  7.208   -10.501 1.00 11.47 ? 145 GLU A N   1 
ATOM   1095 C CA  . GLU A 1 149 ? -6.465  6.861   -11.906 1.00 11.80 ? 145 GLU A CA  1 
ATOM   1096 C C   . GLU A 1 149 ? -6.105  5.375   -12.067 1.00 11.62 ? 145 GLU A C   1 
ATOM   1097 O O   . GLU A 1 149 ? -6.613  4.693   -12.941 1.00 12.04 ? 145 GLU A O   1 
ATOM   1098 C CB  . GLU A 1 149 ? -5.405  7.764   -12.551 1.00 12.38 ? 145 GLU A CB  1 
ATOM   1099 C CG  . GLU A 1 149 ? -5.111  7.366   -14.018 1.00 13.09 ? 145 GLU A CG  1 
ATOM   1100 C CD  . GLU A 1 149 ? -4.162  8.305   -14.734 1.00 15.34 ? 145 GLU A CD  1 
ATOM   1101 O OE1 . GLU A 1 149 ? -4.087  9.473   -14.319 1.00 16.85 ? 145 GLU A OE1 1 
ATOM   1102 O OE2 . GLU A 1 149 ? -3.478  7.841   -15.673 1.00 20.61 ? 145 GLU A OE2 1 
ATOM   1103 N N   . ALA A 1 150 ? -5.232  4.871   -11.199 1.00 10.55 ? 146 ALA A N   1 
ATOM   1104 C CA  . ALA A 1 150 ? -4.759  3.510   -11.288 1.00 10.87 ? 146 ALA A CA  1 
ATOM   1105 C C   . ALA A 1 150 ? -5.895  2.490   -11.089 1.00 10.86 ? 146 ALA A C   1 
ATOM   1106 O O   . ALA A 1 150 ? -5.921  1.453   -11.762 1.00 12.25 ? 146 ALA A O   1 
ATOM   1107 C CB  . ALA A 1 150 ? -3.658  3.283   -10.257 1.00 10.13 ? 146 ALA A CB  1 
ATOM   1108 N N   . PHE A 1 151 ? -6.815  2.793   -10.184 1.00 11.48 ? 147 PHE A N   1 
ATOM   1109 C CA  . PHE A 1 151 ? -7.807  1.791   -9.750  1.00 12.07 ? 147 PHE A CA  1 
ATOM   1110 C C   . PHE A 1 151 ? -9.092  1.868   -10.542 1.00 13.61 ? 147 PHE A C   1 
ATOM   1111 O O   . PHE A 1 151 ? -9.948  0.970   -10.434 1.00 14.40 ? 147 PHE A O   1 
ATOM   1112 C CB  . PHE A 1 151 ? -8.117  1.879   -8.253  1.00 11.08 ? 147 PHE A CB  1 
ATOM   1113 C CG  . PHE A 1 151 ? -6.967  1.509   -7.348  1.00 9.13  ? 147 PHE A CG  1 
ATOM   1114 C CD1 . PHE A 1 151 ? -5.933  0.681   -7.789  1.00 9.65  ? 147 PHE A CD1 1 
ATOM   1115 C CD2 . PHE A 1 151 ? -6.964  1.941   -6.024  1.00 9.16  ? 147 PHE A CD2 1 
ATOM   1116 C CE1 . PHE A 1 151 ? -4.888  0.348   -6.926  1.00 8.75  ? 147 PHE A CE1 1 
ATOM   1117 C CE2 . PHE A 1 151 ? -5.931  1.612   -5.169  1.00 9.00  ? 147 PHE A CE2 1 
ATOM   1118 C CZ  . PHE A 1 151 ? -4.892  0.833   -5.607  1.00 10.17 ? 147 PHE A CZ  1 
ATOM   1119 N N   . GLU A 1 152 ? -9.243  2.935   -11.314 1.00 14.71 ? 148 GLU A N   1 
ATOM   1120 C CA  A GLU A 1 152 ? -10.445 3.101   -12.129 0.50 14.95 ? 148 GLU A CA  1 
ATOM   1121 C CA  B GLU A 1 152 ? -10.395 3.123   -12.182 0.50 15.08 ? 148 GLU A CA  1 
ATOM   1122 C C   . GLU A 1 152 ? -10.676 1.854   -12.994 1.00 15.11 ? 148 GLU A C   1 
ATOM   1123 O O   . GLU A 1 152 ? -9.776  1.349   -13.687 1.00 16.34 ? 148 GLU A O   1 
ATOM   1124 C CB  A GLU A 1 152 ? -10.381 4.374   -12.981 0.50 15.34 ? 148 GLU A CB  1 
ATOM   1125 C CB  B GLU A 1 152 ? -10.089 4.291   -13.112 0.50 15.33 ? 148 GLU A CB  1 
ATOM   1126 C CG  A GLU A 1 152 ? -11.752 4.868   -13.464 0.50 15.98 ? 148 GLU A CG  1 
ATOM   1127 C CG  B GLU A 1 152 ? -11.231 4.753   -13.959 0.50 15.80 ? 148 GLU A CG  1 
ATOM   1128 C CD  A GLU A 1 152 ? -12.348 4.058   -14.610 0.50 18.33 ? 148 GLU A CD  1 
ATOM   1129 C CD  B GLU A 1 152 ? -10.943 6.115   -14.516 0.50 16.36 ? 148 GLU A CD  1 
ATOM   1130 O OE1 A GLU A 1 152 ? -11.601 3.427   -15.390 0.50 20.48 ? 148 GLU A OE1 1 
ATOM   1131 O OE1 B GLU A 1 152 ? -10.260 6.193   -15.556 0.50 20.78 ? 148 GLU A OE1 1 
ATOM   1132 O OE2 A GLU A 1 152 ? -13.590 4.070   -14.731 0.50 20.34 ? 148 GLU A OE2 1 
ATOM   1133 O OE2 B GLU A 1 152 ? -11.357 7.107   -13.887 0.50 20.30 ? 148 GLU A OE2 1 
ATOM   1134 N N   . GLY A 1 153 ? -11.897 1.339   -12.909 1.00 16.30 ? 149 GLY A N   1 
ATOM   1135 C CA  . GLY A 1 153 ? -12.295 0.150   -13.657 1.00 15.70 ? 149 GLY A CA  1 
ATOM   1136 C C   . GLY A 1 153 ? -12.029 -1.177  -12.972 1.00 16.01 ? 149 GLY A C   1 
ATOM   1137 O O   . GLY A 1 153 ? -12.479 -2.234  -13.451 1.00 17.65 ? 149 GLY A O   1 
ATOM   1138 N N   . CYS A 1 154 ? -11.270 -1.160  -11.876 1.00 14.89 ? 150 CYS A N   1 
ATOM   1139 C CA  . CYS A 1 154 ? -10.967 -2.383  -11.153 1.00 14.19 ? 150 CYS A CA  1 
ATOM   1140 C C   . CYS A 1 154 ? -12.120 -2.728  -10.244 1.00 13.77 ? 150 CYS A C   1 
ATOM   1141 O O   . CYS A 1 154 ? -12.696 -1.853  -9.591  1.00 15.33 ? 150 CYS A O   1 
ATOM   1142 C CB  . CYS A 1 154 ? -9.704  -2.246  -10.315 1.00 14.22 ? 150 CYS A CB  1 
ATOM   1143 S SG  . CYS A 1 154 ? -8.264  -1.872  -11.289 1.00 15.46 ? 150 CYS A SG  1 
ATOM   1144 N N   . THR A 1 155 ? -12.451 -4.008  -10.189 1.00 13.34 ? 151 THR A N   1 
ATOM   1145 C CA  A THR A 1 155 ? -13.516 -4.489  -9.331  0.50 12.70 ? 151 THR A CA  1 
ATOM   1146 C CA  B THR A 1 155 ? -13.520 -4.448  -9.309  0.50 13.09 ? 151 THR A CA  1 
ATOM   1147 C C   . THR A 1 155 ? -12.855 -5.029  -8.066  1.00 12.09 ? 151 THR A C   1 
ATOM   1148 O O   . THR A 1 155 ? -12.656 -6.233  -7.917  1.00 12.23 ? 151 THR A O   1 
ATOM   1149 C CB  A THR A 1 155 ? -14.327 -5.567  -10.050 0.50 12.77 ? 151 THR A CB  1 
ATOM   1150 C CB  B THR A 1 155 ? -14.510 -5.408  -9.989  0.50 13.49 ? 151 THR A CB  1 
ATOM   1151 O OG1 A THR A 1 155 ? -13.478 -6.677  -10.345 0.50 14.33 ? 151 THR A OG1 1 
ATOM   1152 O OG1 B THR A 1 155 ? -15.498 -5.804  -9.035  0.50 16.24 ? 151 THR A OG1 1 
ATOM   1153 C CG2 A THR A 1 155 ? -14.884 -4.993  -11.350 0.50 11.86 ? 151 THR A CG2 1 
ATOM   1154 C CG2 B THR A 1 155 ? -13.814 -6.613  -10.546 0.50 14.31 ? 151 THR A CG2 1 
ATOM   1155 N N   . ILE A 1 156 ? -12.483 -4.108  -7.184  1.00 11.35 ? 152 ILE A N   1 
ATOM   1156 C CA  . ILE A 1 156 ? -11.757 -4.415  -5.973  1.00 10.29 ? 152 ILE A CA  1 
ATOM   1157 C C   . ILE A 1 156 ? -12.321 -3.531  -4.870  1.00 9.85  ? 152 ILE A C   1 
ATOM   1158 O O   . ILE A 1 156 ? -13.057 -2.569  -5.141  1.00 10.03 ? 152 ILE A O   1 
ATOM   1159 C CB  . ILE A 1 156 ? -10.220 -4.131  -6.147  1.00 9.85  ? 152 ILE A CB  1 
ATOM   1160 C CG1 . ILE A 1 156 ? -9.979  -2.646  -6.438  1.00 9.49  ? 152 ILE A CG1 1 
ATOM   1161 C CG2 . ILE A 1 156 ? -9.654  -5.007  -7.260  1.00 10.71 ? 152 ILE A CG2 1 
ATOM   1162 C CD1 . ILE A 1 156 ? -8.511  -2.263  -6.597  1.00 9.33  ? 152 ILE A CD1 1 
ATOM   1163 N N   . ARG A 1 157 ? -11.954 -3.856  -3.644  1.00 9.87  ? 153 ARG A N   1 
ATOM   1164 C CA  . ARG A 1 157 ? -12.244 -3.021  -2.499  1.00 9.59  ? 153 ARG A CA  1 
ATOM   1165 C C   . ARG A 1 157 ? -10.938 -2.486  -1.964  1.00 9.05  ? 153 ARG A C   1 
ATOM   1166 O O   . ARG A 1 157 ? -9.972  -3.224  -1.840  1.00 8.93  ? 153 ARG A O   1 
ATOM   1167 C CB  . ARG A 1 157 ? -12.936 -3.834  -1.414  1.00 9.43  ? 153 ARG A CB  1 
ATOM   1168 C CG  . ARG A 1 157 ? -14.182 -4.568  -1.882  1.00 11.13 ? 153 ARG A CG  1 
ATOM   1169 C CD  . ARG A 1 157 ? -14.971 -5.096  -0.719  1.00 12.33 ? 153 ARG A CD  1 
ATOM   1170 N NE  . ARG A 1 157 ? -16.142 -5.831  -1.189  1.00 14.27 ? 153 ARG A NE  1 
ATOM   1171 C CZ  . ARG A 1 157 ? -16.123 -7.079  -1.653  1.00 15.28 ? 153 ARG A CZ  1 
ATOM   1172 N NH1 . ARG A 1 157 ? -15.007 -7.787  -1.731  1.00 17.19 ? 153 ARG A NH1 1 
ATOM   1173 N NH2 . ARG A 1 157 ? -17.258 -7.635  -2.065  1.00 19.43 ? 153 ARG A NH2 1 
ATOM   1174 N N   . VAL A 1 158 ? -10.923 -1.194  -1.649  1.00 8.41  ? 154 VAL A N   1 
ATOM   1175 C CA  . VAL A 1 158 ? -9.716  -0.547  -1.195  1.00 8.76  ? 154 VAL A CA  1 
ATOM   1176 C C   . VAL A 1 158 ? -10.042 0.242   0.071   1.00 9.07  ? 154 VAL A C   1 
ATOM   1177 O O   . VAL A 1 158 ? -10.906 1.114   0.048   1.00 10.58 ? 154 VAL A O   1 
ATOM   1178 C CB  . VAL A 1 158 ? -9.169  0.415   -2.272  1.00 8.66  ? 154 VAL A CB  1 
ATOM   1179 C CG1 . VAL A 1 158 ? -8.084  1.341   -1.695  1.00 9.93  ? 154 VAL A CG1 1 
ATOM   1180 C CG2 . VAL A 1 158 ? -8.655  -0.385  -3.514  1.00 9.86  ? 154 VAL A CG2 1 
ATOM   1181 N N   . LEU A 1 159 ? -9.334  -0.071  1.140   1.00 8.95  ? 155 LEU A N   1 
ATOM   1182 C CA  . LEU A 1 159 ? -9.359  0.730   2.368   1.00 8.89  ? 155 LEU A CA  1 
ATOM   1183 C C   . LEU A 1 159 ? -8.116  1.629   2.348   1.00 9.03  ? 155 LEU A C   1 
ATOM   1184 O O   . LEU A 1 159 ? -6.978  1.142   2.539   1.00 8.56  ? 155 LEU A O   1 
ATOM   1185 C CB  . LEU A 1 159 ? -9.350  -0.182  3.582   1.00 8.75  ? 155 LEU A CB  1 
ATOM   1186 C CG  . LEU A 1 159 ? -9.228  0.460   4.971   1.00 10.57 ? 155 LEU A CG  1 
ATOM   1187 C CD1 . LEU A 1 159 ? -10.281 1.499   5.170   1.00 13.47 ? 155 LEU A CD1 1 
ATOM   1188 C CD2 . LEU A 1 159 ? -9.365  -0.603  6.076   1.00 11.05 ? 155 LEU A CD2 1 
ATOM   1189 N N   . LEU A 1 160 ? -8.326  2.916   2.067   1.00 8.46  ? 156 LEU A N   1 
ATOM   1190 C CA  . LEU A 1 160 ? -7.254  3.900   2.086   1.00 8.58  ? 156 LEU A CA  1 
ATOM   1191 C C   . LEU A 1 160 ? -7.034  4.352   3.518   1.00 8.02  ? 156 LEU A C   1 
ATOM   1192 O O   . LEU A 1 160 ? -7.992  4.697   4.218   1.00 8.04  ? 156 LEU A O   1 
ATOM   1193 C CB  . LEU A 1 160 ? -7.623  5.114   1.224   1.00 8.38  ? 156 LEU A CB  1 
ATOM   1194 C CG  . LEU A 1 160 ? -6.658  6.282   1.255   1.00 8.96  ? 156 LEU A CG  1 
ATOM   1195 C CD1 . LEU A 1 160 ? -5.346  5.907   0.554   1.00 9.46  ? 156 LEU A CD1 1 
ATOM   1196 C CD2 . LEU A 1 160 ? -7.287  7.524   0.582   1.00 9.72  ? 156 LEU A CD2 1 
ATOM   1197 N N   . PHE A 1 161 ? -5.792  4.331   3.969   1.00 7.97  ? 157 PHE A N   1 
ATOM   1198 C CA  . PHE A 1 161 ? -5.512  4.746   5.341   1.00 8.46  ? 157 PHE A CA  1 
ATOM   1199 C C   . PHE A 1 161 ? -4.368  5.711   5.436   1.00 8.08  ? 157 PHE A C   1 
ATOM   1200 O O   . PHE A 1 161 ? -3.495  5.767   4.564   1.00 8.32  ? 157 PHE A O   1 
ATOM   1201 C CB  . PHE A 1 161 ? -5.271  3.542   6.246   1.00 8.42  ? 157 PHE A CB  1 
ATOM   1202 C CG  . PHE A 1 161 ? -3.957  2.831   6.019   1.00 7.79  ? 157 PHE A CG  1 
ATOM   1203 C CD1 . PHE A 1 161 ? -2.879  3.071   6.852   1.00 8.27  ? 157 PHE A CD1 1 
ATOM   1204 C CD2 . PHE A 1 161 ? -3.829  1.858   5.034   1.00 8.05  ? 157 PHE A CD2 1 
ATOM   1205 C CE1 . PHE A 1 161 ? -1.682  2.404   6.699   1.00 9.52  ? 157 PHE A CE1 1 
ATOM   1206 C CE2 . PHE A 1 161 ? -2.615  1.196   4.860   1.00 9.62  ? 157 PHE A CE2 1 
ATOM   1207 C CZ  . PHE A 1 161 ? -1.548  1.467   5.706   1.00 9.59  ? 157 PHE A CZ  1 
ATOM   1208 N N   . SER A 1 162 ? -4.346  6.446   6.542   1.00 9.47  ? 158 SER A N   1 
ATOM   1209 C CA  . SER A 1 162 ? -3.317  7.422   6.817   1.00 9.69  ? 158 SER A CA  1 
ATOM   1210 C C   . SER A 1 162 ? -3.399  7.808   8.283   1.00 10.15 ? 158 SER A C   1 
ATOM   1211 O O   . SER A 1 162 ? -4.423  7.594   8.924   1.00 10.13 ? 158 SER A O   1 
ATOM   1212 C CB  . SER A 1 162 ? -3.550  8.692   6.006   1.00 10.16 ? 158 SER A CB  1 
ATOM   1213 O OG  . SER A 1 162 ? -2.526  9.627   6.273   1.00 11.00 ? 158 SER A OG  1 
ATOM   1214 N N   . LEU A 1 163 ? -2.323  8.384   8.793   1.00 10.62 ? 159 LEU A N   1 
ATOM   1215 C CA  . LEU A 1 163 ? -2.397  9.026   10.105  1.00 11.30 ? 159 LEU A CA  1 
ATOM   1216 C C   . LEU A 1 163 ? -2.973  10.416  10.011  1.00 12.42 ? 159 LEU A C   1 
ATOM   1217 O O   . LEU A 1 163 ? -3.389  10.965  11.049  1.00 14.28 ? 159 LEU A O   1 
ATOM   1218 C CB  . LEU A 1 163 ? -1.006  9.102   10.736  1.00 10.06 ? 159 LEU A CB  1 
ATOM   1219 C CG  . LEU A 1 163 ? -0.344  7.770   11.078  1.00 11.07 ? 159 LEU A CG  1 
ATOM   1220 C CD1 . LEU A 1 163 ? 1.099   7.975   11.541  1.00 12.56 ? 159 LEU A CD1 1 
ATOM   1221 C CD2 . LEU A 1 163 ? -1.148  7.031   12.129  1.00 15.30 ? 159 LEU A CD2 1 
ATOM   1222 N N   . SER A 1 164 ? -3.064  10.965  8.796   1.00 12.15 ? 160 SER A N   1 
ATOM   1223 C CA  A SER A 1 164 ? -3.460  12.356  8.588   0.50 12.52 ? 160 SER A CA  1 
ATOM   1224 C CA  B SER A 1 164 ? -3.456  12.352  8.588   0.50 12.43 ? 160 SER A CA  1 
ATOM   1225 C C   . SER A 1 164 ? -4.879  12.485  8.051   1.00 12.32 ? 160 SER A C   1 
ATOM   1226 O O   . SER A 1 164 ? -5.188  12.047  6.938   1.00 11.89 ? 160 SER A O   1 
ATOM   1227 C CB  A SER A 1 164 ? -2.496  13.049  7.614   0.50 12.23 ? 160 SER A CB  1 
ATOM   1228 C CB  B SER A 1 164 ? -2.485  13.022  7.613   0.50 12.09 ? 160 SER A CB  1 
ATOM   1229 O OG  A SER A 1 164 ? -3.057  14.261  7.120   0.50 14.29 ? 160 SER A OG  1 
ATOM   1230 O OG  B SER A 1 164 ? -1.163  12.995  8.109   0.50 13.43 ? 160 SER A OG  1 
ATOM   1231 N N   . GLN A 1 165 ? -5.750  13.140  8.824   1.00 12.84 ? 161 GLN A N   1 
ATOM   1232 C CA  . GLN A 1 165 ? -7.110  13.394  8.385   1.00 13.54 ? 161 GLN A CA  1 
ATOM   1233 C C   . GLN A 1 165 ? -7.162  14.208  7.086   1.00 14.13 ? 161 GLN A C   1 
ATOM   1234 O O   . GLN A 1 165 ? -8.058  13.996  6.272   1.00 14.75 ? 161 GLN A O   1 
ATOM   1235 C CB  . GLN A 1 165 ? -7.906  14.125  9.482   1.00 13.22 ? 161 GLN A CB  1 
ATOM   1236 C CG  . GLN A 1 165 ? -9.376  14.307  9.172   1.00 13.82 ? 161 GLN A CG  1 
ATOM   1237 C CD  . GLN A 1 165 ? -10.138 13.011  9.048   1.00 13.95 ? 161 GLN A CD  1 
ATOM   1238 O OE1 . GLN A 1 165 ? -10.122 12.174  9.956   1.00 16.75 ? 161 GLN A OE1 1 
ATOM   1239 N NE2 . GLN A 1 165 ? -10.828 12.833  7.907   1.00 15.41 ? 161 GLN A NE2 1 
ATOM   1240 N N   . GLU A 1 166 ? -6.220  15.140  6.928   1.00 15.59 ? 162 GLU A N   1 
ATOM   1241 C CA  . GLU A 1 166 ? -6.089  15.965  5.717   1.00 16.02 ? 162 GLU A CA  1 
ATOM   1242 C C   . GLU A 1 166 ? -6.126  15.090  4.453   1.00 15.38 ? 162 GLU A C   1 
ATOM   1243 O O   . GLU A 1 166 ? -6.833  15.379  3.487   1.00 15.44 ? 162 GLU A O   1 
ATOM   1244 C CB  . GLU A 1 166 ? -4.777  16.768  5.767   1.00 16.93 ? 162 GLU A CB  1 
ATOM   1245 C CG  . GLU A 1 166 ? -4.733  17.984  4.848   1.00 19.60 ? 162 GLU A CG  1 
ATOM   1246 C CD  . GLU A 1 166 ? -3.387  18.737  4.859   1.00 20.88 ? 162 GLU A CD  1 
ATOM   1247 O OE1 . GLU A 1 166 ? -2.409  18.278  5.503   1.00 28.14 ? 162 GLU A OE1 1 
ATOM   1248 O OE2 . GLU A 1 166 ? -3.297  19.796  4.180   1.00 27.85 ? 162 GLU A OE2 1 
ATOM   1249 N N   . HIS A 1 167 ? -5.386  13.991  4.490   1.00 14.49 ? 163 HIS A N   1 
ATOM   1250 C CA  . HIS A 1 167 ? -5.349  13.070  3.345   1.00 14.23 ? 163 HIS A CA  1 
ATOM   1251 C C   . HIS A 1 167 ? -6.698  12.498  3.003   1.00 13.74 ? 163 HIS A C   1 
ATOM   1252 O O   . HIS A 1 167 ? -7.103  12.468  1.858   1.00 13.98 ? 163 HIS A O   1 
ATOM   1253 C CB  . HIS A 1 167 ? -4.387  11.915  3.624   1.00 13.79 ? 163 HIS A CB  1 
ATOM   1254 C CG  . HIS A 1 167 ? -2.980  12.342  3.820   1.00 14.25 ? 163 HIS A CG  1 
ATOM   1255 N ND1 . HIS A 1 167 ? -1.995  11.483  4.257   1.00 14.42 ? 163 HIS A ND1 1 
ATOM   1256 C CD2 . HIS A 1 167 ? -2.398  13.558  3.701   1.00 14.31 ? 163 HIS A CD2 1 
ATOM   1257 C CE1 . HIS A 1 167 ? -0.856  12.139  4.335   1.00 13.90 ? 163 HIS A CE1 1 
ATOM   1258 N NE2 . HIS A 1 167 ? -1.073  13.401  4.005   1.00 15.13 ? 163 HIS A NE2 1 
ATOM   1259 N N   . ILE A 1 168 ? -7.393  11.987  4.012   1.00 13.22 ? 164 ILE A N   1 
ATOM   1260 C CA  . ILE A 1 168 ? -8.673  11.362  3.794   1.00 13.86 ? 164 ILE A CA  1 
ATOM   1261 C C   . ILE A 1 168 ? -9.743  12.399  3.410   1.00 13.08 ? 164 ILE A C   1 
ATOM   1262 O O   . ILE A 1 168 ? -10.587 12.132  2.571   1.00 14.34 ? 164 ILE A O   1 
ATOM   1263 C CB  . ILE A 1 168 ? -9.082  10.495  5.000   1.00 13.59 ? 164 ILE A CB  1 
ATOM   1264 C CG1 . ILE A 1 168 ? -8.192  9.227   5.110   1.00 16.19 ? 164 ILE A CG1 1 
ATOM   1265 C CG2 . ILE A 1 168 ? -10.563 10.141  4.921   1.00 14.08 ? 164 ILE A CG2 1 
ATOM   1266 C CD1 . ILE A 1 168 ? -7.535  8.751   3.861   1.00 18.87 ? 164 ILE A CD1 1 
ATOM   1267 N N   . ASP A 1 169 ? -9.673  13.591  3.997   1.00 13.47 ? 165 ASP A N   1 
ATOM   1268 C CA  . ASP A 1 169 ? -10.541 14.691  3.565   1.00 13.63 ? 165 ASP A CA  1 
ATOM   1269 C C   . ASP A 1 169 ? -10.428 14.950  2.057   1.00 13.24 ? 165 ASP A C   1 
ATOM   1270 O O   . ASP A 1 169 ? -11.443 15.171  1.374   1.00 14.79 ? 165 ASP A O   1 
ATOM   1271 C CB  . ASP A 1 169 ? -10.193 15.991  4.306   1.00 13.59 ? 165 ASP A CB  1 
ATOM   1272 C CG  . ASP A 1 169 ? -10.509 15.945  5.800   1.00 14.75 ? 165 ASP A CG  1 
ATOM   1273 O OD1 . ASP A 1 169 ? -11.305 15.103  6.243   1.00 15.83 ? 165 ASP A OD1 1 
ATOM   1274 O OD2 . ASP A 1 169 ? -9.955  16.807  6.503   1.00 19.40 ? 165 ASP A OD2 1 
ATOM   1275 N N   . TYR A 1 170 ? -9.206  14.906  1.540   1.00 12.62 ? 166 TYR A N   1 
ATOM   1276 C CA  . TYR A 1 170 ? -8.970  15.171  0.109   1.00 12.31 ? 166 TYR A CA  1 
ATOM   1277 C C   . TYR A 1 170 ? -9.523  14.027  -0.723  1.00 11.97 ? 166 TYR A C   1 
ATOM   1278 O O   . TYR A 1 170 ? -10.159 14.231  -1.753  1.00 12.49 ? 166 TYR A O   1 
ATOM   1279 C CB  . TYR A 1 170 ? -7.488  15.401  -0.196  1.00 11.09 ? 166 TYR A CB  1 
ATOM   1280 C CG  . TYR A 1 170 ? -7.254  15.601  -1.688  1.00 11.82 ? 166 TYR A CG  1 
ATOM   1281 C CD1 . TYR A 1 170 ? -7.550  16.811  -2.317  1.00 11.92 ? 166 TYR A CD1 1 
ATOM   1282 C CD2 . TYR A 1 170 ? -6.816  14.551  -2.484  1.00 8.79  ? 166 TYR A CD2 1 
ATOM   1283 C CE1 . TYR A 1 170 ? -7.372  16.966  -3.681  1.00 12.10 ? 166 TYR A CE1 1 
ATOM   1284 C CE2 . TYR A 1 170 ? -6.637  14.702  -3.850  1.00 9.32  ? 166 TYR A CE2 1 
ATOM   1285 C CZ  . TYR A 1 170 ? -6.916  15.923  -4.450  1.00 11.35 ? 166 TYR A CZ  1 
ATOM   1286 O OH  . TYR A 1 170 ? -6.753  16.109  -5.804  1.00 10.79 ? 166 TYR A OH  1 
ATOM   1287 N N   . PHE A 1 171 ? -9.299  12.798  -0.255  1.00 12.65 ? 167 PHE A N   1 
ATOM   1288 C CA  . PHE A 1 171 ? -9.958  11.673  -0.873  1.00 12.87 ? 167 PHE A CA  1 
ATOM   1289 C C   . PHE A 1 171 ? -11.487 11.885  -0.905  1.00 13.61 ? 167 PHE A C   1 
ATOM   1290 O O   . PHE A 1 171 ? -12.123 11.722  -1.936  1.00 13.77 ? 167 PHE A O   1 
ATOM   1291 C CB  . PHE A 1 171 ? -9.625  10.359  -0.160  1.00 12.84 ? 167 PHE A CB  1 
ATOM   1292 C CG  . PHE A 1 171 ? -10.435 9.217   -0.678  1.00 11.90 ? 167 PHE A CG  1 
ATOM   1293 C CD1 . PHE A 1 171 ? -10.039 8.519   -1.820  1.00 14.48 ? 167 PHE A CD1 1 
ATOM   1294 C CD2 . PHE A 1 171 ? -11.653 8.911   -0.091  1.00 13.69 ? 167 PHE A CD2 1 
ATOM   1295 C CE1 . PHE A 1 171 ? -10.824 7.513   -2.327  1.00 13.54 ? 167 PHE A CE1 1 
ATOM   1296 C CE2 . PHE A 1 171 ? -12.451 7.906   -0.615  1.00 15.29 ? 167 PHE A CE2 1 
ATOM   1297 C CZ  . PHE A 1 171 ? -12.023 7.210   -1.732  1.00 13.67 ? 167 PHE A CZ  1 
ATOM   1298 N N   . ASP A 1 172 ? -12.050 12.274  0.231   1.00 15.03 ? 168 ASP A N   1 
ATOM   1299 C CA  . ASP A 1 172 ? -13.500 12.442  0.355   1.00 15.78 ? 168 ASP A CA  1 
ATOM   1300 C C   . ASP A 1 172 ? -14.048 13.488  -0.607  1.00 16.85 ? 168 ASP A C   1 
ATOM   1301 O O   . ASP A 1 172 ? -15.077 13.248  -1.235  1.00 17.12 ? 168 ASP A O   1 
ATOM   1302 C CB  . ASP A 1 172 ? -13.880 12.808  1.788   1.00 16.25 ? 168 ASP A CB  1 
ATOM   1303 C CG  . ASP A 1 172 ? -13.769 11.623  2.752   1.00 17.93 ? 168 ASP A CG  1 
ATOM   1304 O OD1 . ASP A 1 172 ? -13.777 10.473  2.288   1.00 20.07 ? 168 ASP A OD1 1 
ATOM   1305 O OD2 . ASP A 1 172 ? -13.696 11.867  3.974   1.00 21.46 ? 168 ASP A OD2 1 
ATOM   1306 N N   . VAL A 1 173 ? -13.371 14.631  -0.732  1.00 17.69 ? 169 VAL A N   1 
ATOM   1307 C CA  . VAL A 1 173 ? -13.875 15.705  -1.605  1.00 18.10 ? 169 VAL A CA  1 
ATOM   1308 C C   . VAL A 1 173 ? -13.723 15.391  -3.097  1.00 18.32 ? 169 VAL A C   1 
ATOM   1309 O O   . VAL A 1 173 ? -14.408 16.007  -3.934  1.00 18.85 ? 169 VAL A O   1 
ATOM   1310 C CB  . VAL A 1 173 ? -13.266 17.100  -1.275  1.00 18.87 ? 169 VAL A CB  1 
ATOM   1311 C CG1 . VAL A 1 173 ? -13.517 17.473  0.178   1.00 22.12 ? 169 VAL A CG1 1 
ATOM   1312 C CG2 . VAL A 1 173 ? -11.791 17.190  -1.636  1.00 18.35 ? 169 VAL A CG2 1 
ATOM   1313 N N   . THR A 1 174 ? -12.866 14.425  -3.444  1.00 17.81 ? 170 THR A N   1 
ATOM   1314 C CA  . THR A 1 174 ? -12.645 14.087  -4.837  1.00 18.54 ? 170 THR A CA  1 
ATOM   1315 C C   . THR A 1 174 ? -13.464 12.865  -5.269  1.00 20.05 ? 170 THR A C   1 
ATOM   1316 O O   . THR A 1 174 ? -13.311 12.386  -6.377  1.00 19.43 ? 170 THR A O   1 
ATOM   1317 C CB  . THR A 1 174 ? -11.128 13.966  -5.170  1.00 18.38 ? 170 THR A CB  1 
ATOM   1318 O OG1 . THR A 1 174 ? -10.488 13.047  -4.279  1.00 14.97 ? 170 THR A OG1 1 
ATOM   1319 C CG2 . THR A 1 174 ? -10.460 15.326  -5.034  1.00 17.39 ? 170 THR A CG2 1 
ATOM   1320 N N   . CYS A 1 175 ? -14.367 12.414  -4.395  1.00 21.59 ? 171 CYS A N   1 
ATOM   1321 C CA  . CYS A 1 175 ? -15.288 11.306  -4.729  1.00 23.18 ? 171 CYS A CA  1 
ATOM   1322 C C   . CYS A 1 175 ? -16.334 11.772  -5.719  1.00 24.38 ? 171 CYS A C   1 
ATOM   1323 O O   . CYS A 1 175 ? -17.109 12.659  -5.388  1.00 27.07 ? 171 CYS A O   1 
ATOM   1324 C CB  . CYS A 1 175 ? -15.992 10.809  -3.473  1.00 24.08 ? 171 CYS A CB  1 
ATOM   1325 S SG  . CYS A 1 175 ? -14.950 9.810   -2.431  1.00 28.17 ? 171 CYS A SG  1 
HETATM 1326 O O   . HOH B 2 .   ? -9.069  -10.378 -1.319  1.00 12.76 ? 173 HOH A O   1 
HETATM 1327 O O   . HOH B 2 .   ? 7.081   2.876   -1.564  1.00 16.99 ? 174 HOH A O   1 
HETATM 1328 O O   . HOH B 2 .   ? 6.460   5.383   -0.486  1.00 10.28 ? 175 HOH A O   1 
HETATM 1329 O O   . HOH B 2 .   ? 8.242   5.997   -3.675  1.00 10.63 ? 176 HOH A O   1 
HETATM 1330 O O   . HOH B 2 .   ? 4.009   8.136   1.886   1.00 11.78 ? 177 HOH A O   1 
HETATM 1331 O O   . HOH B 2 .   ? 12.257  -15.391 0.968   1.00 17.20 ? 178 HOH A O   1 
HETATM 1332 O O   . HOH B 2 .   ? 8.245   -9.744  -7.130  1.00 11.51 ? 179 HOH A O   1 
HETATM 1333 O O   . HOH B 2 .   ? 6.506   -8.385  -8.905  1.00 13.09 ? 180 HOH A O   1 
HETATM 1334 O O   . HOH B 2 .   ? 10.050  1.464   -8.308  1.00 19.03 ? 181 HOH A O   1 
HETATM 1335 O O   . HOH B 2 .   ? -0.096  -14.670 4.239   1.00 21.12 ? 182 HOH A O   1 
HETATM 1336 O O   . HOH B 2 .   ? -1.772  -15.399 6.542   1.00 19.94 ? 183 HOH A O   1 
HETATM 1337 O O   . HOH B 2 .   ? 1.260   -16.206 6.311   1.00 27.30 ? 184 HOH A O   1 
HETATM 1338 O O   . HOH B 2 .   ? 13.263  12.551  -2.044  1.00 9.32  ? 185 HOH A O   1 
HETATM 1339 O O   . HOH B 2 .   ? 7.401   15.126  -12.455 1.00 10.62 ? 186 HOH A O   1 
HETATM 1340 O O   . HOH B 2 .   ? 7.547   7.387   -16.173 1.00 15.56 ? 187 HOH A O   1 
HETATM 1341 O O   . HOH B 2 .   ? 0.102   -5.447  -10.069 1.00 16.27 ? 188 HOH A O   1 
HETATM 1342 O O   . HOH B 2 .   ? 4.286   18.320  -5.002  1.00 14.84 ? 189 HOH A O   1 
HETATM 1343 O O   . HOH B 2 .   ? 4.823   15.190  0.405   1.00 15.67 ? 190 HOH A O   1 
HETATM 1344 O O   . HOH B 2 .   ? 8.014   14.992  -0.486  1.00 17.76 ? 191 HOH A O   1 
HETATM 1345 O O   . HOH B 2 .   ? -8.464  12.338  -6.232  1.00 16.28 ? 192 HOH A O   1 
HETATM 1346 O O   . HOH B 2 .   ? 9.281   5.875   -1.023  1.00 14.07 ? 193 HOH A O   1 
HETATM 1347 O O   . HOH B 2 .   ? 7.188   3.196   4.790   1.00 18.73 ? 194 HOH A O   1 
HETATM 1348 O O   . HOH B 2 .   ? 6.250   -13.130 11.875  1.00 24.86 ? 195 HOH A O   1 
HETATM 1349 O O   . HOH B 2 .   ? 11.620  -16.898 9.414   1.00 29.96 ? 196 HOH A O   1 
HETATM 1350 O O   . HOH B 2 .   ? 10.394  -16.204 7.080   1.00 17.50 ? 197 HOH A O   1 
HETATM 1351 O O   . HOH B 2 .   ? 12.954  -6.992  5.919   1.00 25.23 ? 198 HOH A O   1 
HETATM 1352 O O   . HOH B 2 .   ? 10.655  -6.223  -8.388  1.00 19.63 ? 199 HOH A O   1 
HETATM 1353 O O   . HOH B 2 .   ? 15.831  9.234   -10.037 1.00 19.83 ? 200 HOH A O   1 
HETATM 1354 O O   . HOH B 2 .   ? 17.161  -7.354  -8.364  1.00 19.97 ? 201 HOH A O   1 
HETATM 1355 O O   . HOH B 2 .   ? -8.717  -13.597 -2.945  1.00 19.81 ? 202 HOH A O   1 
HETATM 1356 O O   . HOH B 2 .   ? 10.484  10.373  -17.169 1.00 30.61 ? 203 HOH A O   1 
HETATM 1357 O O   . HOH B 2 .   ? 13.116  11.426  -17.290 1.00 36.65 ? 204 HOH A O   1 
HETATM 1358 O O   . HOH B 2 .   ? 6.186   5.013   -15.144 1.00 22.19 ? 205 HOH A O   1 
HETATM 1359 O O   . HOH B 2 .   ? 7.679   3.523   -13.453 1.00 20.41 ? 206 HOH A O   1 
HETATM 1360 O O   . HOH B 2 .   ? -14.974 7.520   -4.765  1.00 27.59 ? 207 HOH A O   1 
HETATM 1361 O O   . HOH B 2 .   ? 18.858  1.278   -2.701  1.00 20.99 ? 208 HOH A O   1 
HETATM 1362 O O   . HOH B 2 .   ? 3.171   -9.069  -11.919 1.00 32.56 ? 209 HOH A O   1 
HETATM 1363 O O   . HOH B 2 .   ? 6.095   6.381   2.093   1.00 17.54 ? 210 HOH A O   1 
HETATM 1364 O O   . HOH B 2 .   ? 2.067   -0.642  -12.975 1.00 18.96 ? 211 HOH A O   1 
HETATM 1365 O O   . HOH B 2 .   ? 0.407   2.811   -15.740 1.00 18.15 ? 212 HOH A O   1 
HETATM 1366 O O   . HOH B 2 .   ? -10.511 5.002   -8.584  1.00 17.52 ? 213 HOH A O   1 
HETATM 1367 O O   . HOH B 2 .   ? -15.910 -2.484  11.484  1.00 14.05 ? 214 HOH A O   1 
HETATM 1368 O O   . HOH B 2 .   ? 9.914   15.366  -11.156 1.00 13.37 ? 215 HOH A O   1 
HETATM 1369 O O   . HOH B 2 .   ? 4.085   -11.295 -7.393  1.00 11.10 ? 216 HOH A O   1 
HETATM 1370 O O   . HOH B 2 .   ? -5.428  -11.776 12.625  1.00 17.88 ? 217 HOH A O   1 
HETATM 1371 O O   . HOH B 2 .   ? 0.374   -10.671 -8.438  1.00 12.08 ? 218 HOH A O   1 
HETATM 1372 O O   . HOH B 2 .   ? 7.563   -13.973 -2.703  1.00 11.22 ? 219 HOH A O   1 
HETATM 1373 O O   . HOH B 2 .   ? -7.503  11.034  -10.453 1.00 17.82 ? 220 HOH A O   1 
HETATM 1374 O O   . HOH B 2 .   ? 8.546   -7.030  -9.962  1.00 16.09 ? 221 HOH A O   1 
HETATM 1375 O O   . HOH B 2 .   ? -14.957 -9.012  13.611  1.00 17.60 ? 222 HOH A O   1 
HETATM 1376 O O   . HOH B 2 .   ? -12.156 8.004   7.719   1.00 20.96 ? 223 HOH A O   1 
HETATM 1377 O O   . HOH B 2 .   ? -14.550 5.494   -7.811  1.00 26.21 ? 224 HOH A O   1 
HETATM 1378 O O   . HOH B 2 .   ? 9.777   -9.077  -11.448 1.00 22.17 ? 225 HOH A O   1 
HETATM 1379 O O   . HOH B 2 .   ? 6.546   3.776   11.933  1.00 27.36 ? 226 HOH A O   1 
HETATM 1380 O O   . HOH B 2 .   ? -11.664 19.231  2.193   1.00 32.24 ? 227 HOH A O   1 
HETATM 1381 O O   . HOH B 2 .   ? -13.570 14.415  5.070   1.00 26.38 ? 228 HOH A O   1 
HETATM 1382 O O   . HOH B 2 .   ? -19.107 0.785   -5.756  1.00 26.86 ? 229 HOH A O   1 
HETATM 1383 O O   . HOH B 2 .   ? 9.175   -18.331 -1.796  1.00 20.33 ? 230 HOH A O   1 
HETATM 1384 O O   . HOH B 2 .   ? -10.945 -8.094  -9.684  1.00 24.07 ? 231 HOH A O   1 
HETATM 1385 O O   . HOH B 2 .   ? 2.625   -12.628 12.929  1.00 24.19 ? 232 HOH A O   1 
HETATM 1386 O O   . HOH B 2 .   ? 10.800  -10.661 -8.075  1.00 21.30 ? 233 HOH A O   1 
HETATM 1387 O O   . HOH B 2 .   ? -15.962 9.654   0.773   1.00 30.79 ? 234 HOH A O   1 
HETATM 1388 O O   . HOH B 2 .   ? 8.650   4.334   -11.066 1.00 26.33 ? 235 HOH A O   1 
HETATM 1389 O O   . HOH B 2 .   ? -13.292 4.389   9.178   1.00 23.00 ? 236 HOH A O   1 
HETATM 1390 O O   . HOH B 2 .   ? 12.563  -16.636 5.356   1.00 27.27 ? 237 HOH A O   1 
HETATM 1391 O O   . HOH B 2 .   ? 18.570  -8.956  2.092   1.00 27.86 ? 238 HOH A O   1 
HETATM 1392 O O   . HOH B 2 .   ? 0.499   5.359   8.275   1.00 20.46 ? 239 HOH A O   1 
HETATM 1393 O O   . HOH B 2 .   ? -16.166 3.643   -6.331  1.00 30.82 ? 240 HOH A O   1 
HETATM 1394 O O   . HOH B 2 .   ? -3.781  5.023   -16.480 1.00 33.53 ? 241 HOH A O   1 
HETATM 1395 O O   . HOH B 2 .   ? -19.547 -5.746  -2.448  1.00 26.08 ? 242 HOH A O   1 
HETATM 1396 O O   . HOH B 2 .   ? 0.285   -8.552  15.216  1.00 26.69 ? 243 HOH A O   1 
HETATM 1397 O O   . HOH B 2 .   ? -2.031  -9.726  14.905  1.00 21.61 ? 244 HOH A O   1 
HETATM 1398 O O   . HOH B 2 .   ? -4.392  -9.332  13.647  1.00 21.08 ? 245 HOH A O   1 
HETATM 1399 O O   . HOH B 2 .   ? 15.753  -13.693 -10.240 1.00 30.82 ? 246 HOH A O   1 
HETATM 1400 O O   . HOH B 2 .   ? -5.052  13.383  11.562  1.00 30.44 ? 247 HOH A O   1 
HETATM 1401 O O   . HOH B 2 .   ? 14.609  -4.065  -8.888  1.00 20.88 ? 248 HOH A O   1 
HETATM 1402 O O   . HOH B 2 .   ? 16.739  -0.166  0.637   1.00 20.79 ? 249 HOH A O   1 
HETATM 1403 O O   . HOH B 2 .   ? -16.811 3.657   -2.954  1.00 20.98 ? 250 HOH A O   1 
HETATM 1404 O O   . HOH B 2 .   ? -17.368 0.793   0.430   1.00 28.77 ? 251 HOH A O   1 
HETATM 1405 O O   . HOH B 2 .   ? 17.778  6.985   -9.577  1.00 28.65 ? 252 HOH A O   1 
HETATM 1406 O O   . HOH B 2 .   ? 5.396   -9.875  -11.079 1.00 19.65 ? 253 HOH A O   1 
HETATM 1407 O O   . HOH B 2 .   ? 1.509   18.619  0.901   1.00 22.75 ? 254 HOH A O   1 
HETATM 1408 O O   . HOH B 2 .   ? -16.441 -2.035  0.454   1.00 27.08 ? 255 HOH A O   1 
HETATM 1409 O O   . HOH B 2 .   ? 13.706  -1.696  11.948  1.00 16.76 ? 256 HOH A O   1 
HETATM 1410 O O   . HOH B 2 .   ? 5.737   18.353  -2.646  1.00 23.17 ? 257 HOH A O   1 
HETATM 1411 O O   . HOH B 2 .   ? -9.313  18.388  0.771   1.00 21.94 ? 258 HOH A O   1 
HETATM 1412 O O   . HOH B 2 .   ? 13.564  0.904   12.659  1.00 21.56 ? 259 HOH A O   1 
HETATM 1413 O O   . HOH B 2 .   ? 12.229  -5.293  -10.129 1.00 37.59 ? 260 HOH A O   1 
HETATM 1414 O O   . HOH B 2 .   ? -7.185  0.957   -14.076 1.00 38.03 ? 261 HOH A O   1 
HETATM 1415 O O   . HOH B 2 .   ? -19.948 -1.961  -5.866  1.00 28.08 ? 262 HOH A O   1 
HETATM 1416 O O   . HOH B 2 .   ? 20.689  -11.842 -7.672  1.00 36.37 ? 263 HOH A O   1 
HETATM 1417 O O   . HOH B 2 .   ? -8.485  20.145  -1.290  1.00 32.50 ? 264 HOH A O   1 
HETATM 1418 O O   . HOH B 2 .   ? 1.240   -1.936  18.288  1.00 25.00 ? 265 HOH A O   1 
HETATM 1419 O O   . HOH B 2 .   ? -4.588  16.229  9.073   1.00 31.34 ? 266 HOH A O   1 
HETATM 1420 O O   . HOH B 2 .   ? 10.104  3.844   -13.125 1.00 34.38 ? 267 HOH A O   1 
HETATM 1421 O O   . HOH B 2 .   ? 0.242   6.390   -17.194 1.00 25.04 ? 268 HOH A O   1 
HETATM 1422 O O   . HOH B 2 .   ? 1.692   1.115   14.225  1.00 22.82 ? 269 HOH A O   1 
HETATM 1423 O O   . HOH B 2 .   ? -13.477 16.446  2.895   1.00 33.99 ? 270 HOH A O   1 
HETATM 1424 O O   . HOH B 2 .   ? 10.230  -4.686  12.823  1.00 27.52 ? 271 HOH A O   1 
HETATM 1425 O O   . HOH B 2 .   ? 9.286   -7.193  13.308  1.00 25.96 ? 272 HOH A O   1 
HETATM 1426 O O   . HOH B 2 .   ? 17.420  -6.444  2.822   1.00 28.13 ? 273 HOH A O   1 
HETATM 1427 O O   . HOH B 2 .   ? -8.662  -8.881  -8.501  1.00 25.64 ? 274 HOH A O   1 
HETATM 1428 O O   . HOH B 2 .   ? 1.153   14.953  3.625   1.00 24.23 ? 275 HOH A O   1 
HETATM 1429 O O   . HOH B 2 .   ? 11.484  -2.968  11.111  1.00 23.03 ? 276 HOH A O   1 
HETATM 1430 O O   . HOH B 2 .   ? 9.607   -19.850 0.408   1.00 25.22 ? 277 HOH A O   1 
HETATM 1431 O O   . HOH B 2 .   ? -9.540  5.673   13.779  1.00 15.84 ? 278 HOH A O   1 
HETATM 1432 O O   . HOH B 2 .   ? 15.008  0.532   6.329   1.00 16.99 ? 279 HOH A O   1 
HETATM 1433 O O   . HOH B 2 .   ? 14.395  -10.212 -9.128  1.00 35.76 ? 280 HOH A O   1 
HETATM 1434 O O   . HOH B 2 .   ? -0.611  8.373   -15.924 1.00 26.16 ? 281 HOH A O   1 
HETATM 1435 O O   . HOH B 2 .   ? 1.928   5.145   -15.585 1.00 16.33 ? 282 HOH A O   1 
HETATM 1436 O O   . HOH B 2 .   ? 4.356   3.999   -16.696 1.00 16.21 ? 283 HOH A O   1 
HETATM 1437 O O   . HOH B 2 .   ? 6.434   3.668   -10.013 1.00 18.86 ? 284 HOH A O   1 
HETATM 1438 O O   . HOH B 2 .   ? 11.143  4.945   -10.998 1.00 15.33 ? 285 HOH A O   1 
HETATM 1439 O O   . HOH B 2 .   ? 1.594   -12.103 -12.301 1.00 16.14 ? 286 HOH A O   1 
HETATM 1440 O O   . HOH B 2 .   ? 11.909  4.226   -5.735  1.00 24.21 ? 287 HOH A O   1 
HETATM 1441 O O   . HOH B 2 .   ? 13.685  9.651   -1.566  1.00 16.17 ? 288 HOH A O   1 
HETATM 1442 O O   . HOH B 2 .   ? 17.418  8.110   -6.638  1.00 20.72 ? 289 HOH A O   1 
HETATM 1443 O O   . HOH B 2 .   ? 12.257  -17.404 2.787   1.00 22.62 ? 290 HOH A O   1 
HETATM 1444 O O   . HOH B 2 .   ? -0.892  6.606   4.263   1.00 14.71 ? 291 HOH A O   1 
HETATM 1445 O O   . HOH B 2 .   ? 0.280   8.457   7.472   1.00 15.95 ? 292 HOH A O   1 
HETATM 1446 O O   . HOH B 2 .   ? 0.633   0.545   17.433  1.00 18.29 ? 293 HOH A O   1 
HETATM 1447 O O   . HOH B 2 .   ? -9.489  11.931  12.568  1.00 24.47 ? 294 HOH A O   1 
HETATM 1448 O O   . HOH B 2 .   ? -11.323 7.021   10.230  1.00 15.37 ? 295 HOH A O   1 
HETATM 1449 O O   . HOH B 2 .   ? -1.330  4.208   9.861   1.00 14.67 ? 296 HOH A O   1 
HETATM 1450 O O   . HOH B 2 .   ? 0.738   3.419   11.933  1.00 13.30 ? 297 HOH A O   1 
HETATM 1451 O O   . HOH B 2 .   ? 2.470   4.477   9.840   1.00 21.69 ? 298 HOH A O   1 
HETATM 1452 O O   . HOH B 2 .   ? -2.556  -8.375  -10.263 1.00 21.08 ? 299 HOH A O   1 
HETATM 1453 O O   . HOH B 2 .   ? 17.833  16.469  -6.280  1.00 16.21 ? 300 HOH A O   1 
HETATM 1454 O O   . HOH B 2 .   ? 6.146   17.808  -8.780  1.00 10.26 ? 301 HOH A O   1 
HETATM 1455 O O   . HOH B 2 .   ? 5.478   16.390  -11.004 1.00 13.04 ? 302 HOH A O   1 
HETATM 1456 O O   . HOH B 2 .   ? -7.387  18.004  2.712   1.00 22.17 ? 303 HOH A O   1 
HETATM 1457 O O   . HOH B 2 .   ? -8.752  18.975  5.090   1.00 27.42 ? 304 HOH A O   1 
HETATM 1458 O O   . HOH B 2 .   ? 10.015  -19.052 3.134   1.00 27.80 ? 305 HOH A O   1 
HETATM 1459 O O   . HOH B 2 .   ? 5.063   -12.150 -9.844  1.00 14.09 ? 306 HOH A O   1 
HETATM 1460 O O   . HOH B 2 .   ? 9.248   -11.191 -10.071 1.00 37.25 ? 307 HOH A O   1 
HETATM 1461 O O   . HOH B 2 .   ? 1.023   5.142   5.557   1.00 21.23 ? 308 HOH A O   1 
HETATM 1462 O O   . HOH B 2 .   ? 0.576   5.549   14.844  1.00 23.04 ? 309 HOH A O   1 
HETATM 1463 O O   . HOH B 2 .   ? 2.033   -3.572  16.107  1.00 27.15 ? 310 HOH A O   1 
HETATM 1464 O O   . HOH B 2 .   ? 2.345   -1.830  14.053  1.00 24.06 ? 311 HOH A O   1 
HETATM 1465 O O   . HOH B 2 .   ? -12.243 -9.199  13.580  1.00 19.44 ? 312 HOH A O   1 
HETATM 1466 O O   . HOH B 2 .   ? -18.650 -7.727  12.655  1.00 23.32 ? 313 HOH A O   1 
HETATM 1467 O O   . HOH B 2 .   ? -18.046 -3.930  4.639   1.00 36.63 ? 314 HOH A O   1 
HETATM 1468 O O   . HOH B 2 .   ? -17.948 0.201   3.143   1.00 28.83 ? 315 HOH A O   1 
HETATM 1469 O O   . HOH B 2 .   ? -5.524  11.464  -14.617 1.00 23.08 ? 316 HOH A O   1 
HETATM 1470 O O   . HOH B 2 .   ? 7.519   8.550   -19.658 1.00 34.29 ? 317 HOH A O   1 
HETATM 1471 O O   . HOH B 2 .   ? 11.951  5.925   -3.402  1.00 15.77 ? 318 HOH A O   1 
HETATM 1472 O O   . HOH B 2 .   ? 19.397  10.039  -7.055  1.00 26.49 ? 319 HOH A O   1 
HETATM 1473 O O   . HOH B 2 .   ? -6.067  -7.160  14.608  1.00 17.33 ? 320 HOH A O   1 
HETATM 1474 O O   . HOH B 2 .   ? -8.889  -7.532  15.288  1.00 14.06 ? 321 HOH A O   1 
HETATM 1475 O O   . HOH B 2 .   ? -11.183 -6.758  13.973  1.00 11.44 ? 322 HOH A O   1 
HETATM 1476 O O   . HOH B 2 .   ? -5.134  -4.713  15.126  1.00 14.65 ? 323 HOH A O   1 
HETATM 1477 O O   . HOH B 2 .   ? -4.142  -4.741  17.733  1.00 19.32 ? 324 HOH A O   1 
HETATM 1478 O O   . HOH B 2 .   ? 13.073  3.369   6.029   1.00 22.37 ? 325 HOH A O   1 
HETATM 1479 O O   . HOH B 2 .   ? 15.391  -2.234  9.675   1.00 16.11 ? 326 HOH A O   1 
HETATM 1480 O O   . HOH B 2 .   ? 22.094  -3.927  -3.380  1.00 18.22 ? 327 HOH A O   1 
HETATM 1481 O O   . HOH B 2 .   ? 13.891  3.560   3.385   1.00 18.55 ? 328 HOH A O   1 
HETATM 1482 O O   . HOH B 2 .   ? 2.625   20.707  -4.055  1.00 21.64 ? 329 HOH A O   1 
HETATM 1483 O O   . HOH B 2 .   ? 3.861   12.203  -15.246 1.00 12.12 ? 330 HOH A O   1 
HETATM 1484 O O   . HOH B 2 .   ? 11.395  1.337   5.164   1.00 18.37 ? 331 HOH A O   1 
HETATM 1485 O O   . HOH B 2 .   ? -15.022 3.767   5.470   1.00 20.22 ? 332 HOH A O   1 
HETATM 1486 O O   . HOH B 2 .   ? 3.717   14.851  -12.476 1.00 14.39 ? 333 HOH A O   1 
HETATM 1487 O O   . HOH B 2 .   ? -9.470  9.366   13.192  1.00 21.68 ? 334 HOH A O   1 
HETATM 1488 O O   . HOH B 2 .   ? -14.267 8.539   3.852   1.00 26.68 ? 335 HOH A O   1 
HETATM 1489 O O   . HOH B 2 .   ? -14.145 2.461   -11.664 1.00 23.49 ? 336 HOH A O   1 
HETATM 1490 O O   . HOH B 2 .   ? -12.796 10.888  6.942   1.00 32.99 ? 337 HOH A O   1 
HETATM 1491 O O   . HOH B 2 .   ? 5.260   -15.670 12.420  1.00 27.23 ? 338 HOH A O   1 
HETATM 1492 O O   . HOH B 2 .   ? -11.602 9.974   10.601  1.00 24.08 ? 339 HOH A O   1 
HETATM 1493 O O   . HOH B 2 .   ? 0.322   8.976   4.851   1.00 22.73 ? 340 HOH A O   1 
HETATM 1494 O O   . HOH B 2 .   ? 13.369  2.287   -7.121  1.00 31.27 ? 341 HOH A O   1 
HETATM 1495 O O   . HOH B 2 .   ? -5.801  -16.311 6.870   1.00 33.53 ? 342 HOH A O   1 
HETATM 1496 O O   . HOH B 2 .   ? 11.932  13.615  -7.808  1.00 24.10 ? 343 HOH A O   1 
HETATM 1497 O O   . HOH B 2 .   ? 9.939   2.048   3.395   1.00 23.74 ? 344 HOH A O   1 
HETATM 1498 O O   . HOH B 2 .   ? 6.374   -0.515  -7.468  1.00 24.96 ? 345 HOH A O   1 
HETATM 1499 O O   . HOH B 2 .   ? -14.879 -0.358  -11.096 1.00 32.82 ? 346 HOH A O   1 
HETATM 1500 O O   . HOH B 2 .   ? -16.085 1.519   6.492   1.00 24.74 ? 347 HOH A O   1 
HETATM 1501 O O   . HOH B 2 .   ? 3.121   -17.093 11.652  1.00 46.67 ? 348 HOH A O   1 
HETATM 1502 O O   . HOH B 2 .   ? -2.679  -3.630  -12.105 1.00 21.09 ? 349 HOH A O   1 
HETATM 1503 O O   . HOH B 2 .   ? -6.917  20.996  -3.509  1.00 27.20 ? 350 HOH A O   1 
HETATM 1504 O O   . HOH B 2 .   ? -12.257 6.867   -8.290  1.00 43.02 ? 351 HOH A O   1 
HETATM 1505 O O   . HOH B 2 .   ? 16.595  14.362  -11.263 1.00 28.50 ? 352 HOH A O   1 
HETATM 1506 O O   . HOH B 2 .   ? -3.965  9.286   -18.038 0.50 35.12 ? 353 HOH A O   1 
HETATM 1507 O O   . HOH B 2 .   ? 6.031   1.231   -8.863  1.00 26.84 ? 354 HOH A O   1 
HETATM 1508 O O   . HOH B 2 .   ? -5.898  3.580   -15.310 1.00 32.48 ? 355 HOH A O   1 
HETATM 1509 O O   . HOH B 2 .   ? 8.776   0.400   -10.385 1.00 34.70 ? 356 HOH A O   1 
HETATM 1510 O O   . HOH B 2 .   ? 13.403  0.841   -11.005 1.00 40.05 ? 357 HOH A O   1 
HETATM 1511 O O   . HOH B 2 .   ? -4.454  9.617   13.136  1.00 33.00 ? 358 HOH A O   1 
HETATM 1512 O O   . HOH B 2 .   ? -2.433  -16.369 1.621   1.00 22.90 ? 359 HOH A O   1 
HETATM 1513 O O   . HOH B 2 .   ? -1.347  13.472  -9.711  1.00 19.13 ? 360 HOH A O   1 
HETATM 1514 O O   . HOH B 2 .   ? 6.352   -11.064 -5.670  1.00 8.93  ? 361 HOH A O   1 
HETATM 1515 O O   . HOH B 2 .   ? 2.173   15.874  0.967   1.00 9.54  ? 362 HOH A O   1 
HETATM 1516 O O   . HOH B 2 .   ? 12.896  9.731   -14.139 1.00 15.57 ? 363 HOH A O   1 
HETATM 1517 O O   . HOH B 2 .   ? -12.040 4.633   12.237  0.50 6.21  ? 364 HOH A O   1 
HETATM 1518 O O   . HOH B 2 .   ? 9.572   6.272   11.365  1.00 21.99 ? 365 HOH A O   1 
HETATM 1519 O O   . HOH B 2 .   ? 10.810  -1.333  3.074   1.00 15.05 ? 366 HOH A O   1 
HETATM 1520 O O   . HOH B 2 .   ? -2.446  -14.348 13.220  1.00 24.34 ? 367 HOH A O   1 
HETATM 1521 O O   . HOH B 2 .   ? 7.921   -11.663 15.705  1.00 28.08 ? 368 HOH A O   1 
HETATM 1522 O O   . HOH B 2 .   ? 13.401  -17.174 -3.203  1.00 26.06 ? 369 HOH A O   1 
HETATM 1523 O O   . HOH B 2 .   ? -14.786 6.053   6.987   1.00 33.15 ? 370 HOH A O   1 
HETATM 1524 O O   . HOH B 2 .   ? -13.940 -11.093 -0.657  1.00 30.06 ? 371 HOH A O   1 
HETATM 1525 O O   . HOH B 2 .   ? -0.696  -12.081 14.339  1.00 40.25 ? 372 HOH A O   1 
HETATM 1526 O O   . HOH B 2 .   ? -9.708  -14.534 6.501   1.00 29.88 ? 373 HOH A O   1 
HETATM 1527 O O   . HOH B 2 .   ? -11.131 -12.099 -0.810  1.00 29.78 ? 374 HOH A O   1 
HETATM 1528 O O   . HOH B 2 .   ? 7.667   8.293   1.340   1.00 23.26 ? 375 HOH A O   1 
HETATM 1529 O O   . HOH B 2 .   ? 11.723  7.456   -16.144 1.00 35.60 ? 376 HOH A O   1 
HETATM 1530 O O   . HOH B 2 .   ? 16.802  -13.852 7.284   1.00 37.18 ? 377 HOH A O   1 
HETATM 1531 O O   . HOH B 2 .   ? 14.502  -16.042 -0.543  1.00 37.09 ? 378 HOH A O   1 
HETATM 1532 O O   . HOH B 2 .   ? 15.517  -17.917 0.981   1.00 53.14 ? 379 HOH A O   1 
HETATM 1533 O O   . HOH B 2 .   ? -12.529 -5.621  -13.581 1.00 24.76 ? 380 HOH A O   1 
HETATM 1534 O O   . HOH B 2 .   ? -5.616  20.101  2.738   1.00 26.75 ? 381 HOH A O   1 
HETATM 1535 O O   . HOH B 2 .   ? -6.035  23.456  -3.048  1.00 35.64 ? 382 HOH A O   1 
HETATM 1536 O O   . HOH B 2 .   ? 12.467  4.721   -13.829 1.00 37.99 ? 383 HOH A O   1 
HETATM 1537 O O   . HOH B 2 .   ? 11.536  -8.419  13.662  1.00 33.53 ? 384 HOH A O   1 
# 
